data_6ZA9
#
_entry.id   6ZA9
#
_cell.length_a   1.00
_cell.length_b   1.00
_cell.length_c   1.00
_cell.angle_alpha   90.00
_cell.angle_beta   90.00
_cell.angle_gamma   90.00
#
_symmetry.space_group_name_H-M   'P 1'
#
loop_
_entity.id
_entity.type
_entity.pdbx_description
1 polymer 'ATP synthase F(0) complex subunit C1, mitochondrial'
2 polymer 'ATP synthase subunit b'
3 polymer 'ATP synthase subunit d, mitochondrial'
4 polymer 'ATP synthase subunit a'
5 polymer 'ATP synthase membrane subunit DAPIT'
6 polymer 'ATP synthase membrane subunit 6.8PL'
7 polymer 'ATP synthase protein 8'
8 polymer 'ATP synthase membrane subunit f'
9 polymer 'ATP synthase subunit'
10 polymer 'ATP synthase subunit e, mitochondrial'
11 non-polymer 1,2-DIPALMITOYL-PHOSPHATIDYL-GLYCEROLE
12 non-polymer CARDIOLIPIN
13 non-polymer O-[(S)-hydroxy{[(2S)-2-hydroxy-3-(octadec-9-enoyloxy)propyl]oxy}phosphoryl]-L-serine
#
loop_
_entity_poly.entity_id
_entity_poly.type
_entity_poly.pdbx_seq_one_letter_code
_entity_poly.pdbx_strand_id
1 'polypeptide(L)'
;MQTTGALLISPALIRSCTRGLIRPVSASFLSRPEIPSVQPSYSSGPLQVARREFQTSVVSRDIDTAAKFIGAGAATVGVA
GSGAGIGTVFGSLIIGYARNPSLKQQLFSYAILGFALSEAMGLFCLMVAFLILFAM
;
1,2,3,4,5,6,7,8
2 'polypeptide(L)'
;MLSRVVLSAAAAAAPSLKNAAFLGPGVLQATRIFHTGQPSLAPVPPLPEHGGKVRFGLIPEEFFQFLYPKTGVTGPYVLG
TGLILYLLSKEIYVITPETFSAISTIGFLVYVVKKYGASVGEFADKLNEQKIAQLEEVKQASIKQIQDAIDMEKSQQALV
QKRHYLFDVQRNNIAMALEVTYRERLHRVYREVKNRLDYHISVQNMMRQKEQEHMINWVEKHVVQSISAQQEKETIAKCI
ADLKLLAKKAQAQPVM
;
K
3 'polypeptide(L)'
;MAGRKLALKTIDWVAFGEIIPRNQKAVANSLKSWNETLTSRLATLPEKPPAIDWAYYKANVTKAGLVDDFEKKFNALKVP
IPEDKYTAQVDAEEKEDVKSCAEFLIQSKTRIQEYEKELEKMRNIIPFDQMTIEDLNEVFPETKLDKKKYPYWPHRPIES
L
;
M
4 'polypeptide(L)'
;MNENLFASFITPMMFGLPLVTLIVLFPSLLFPTSNRLVNNRLISLQQWMLQLVSKQMMSIHNTKGQTWALMLMSLILFIG
STNLLGLLPHSFTPTTQLSMNLGMAIPLWGGAVITGFRNKTKASLAHFLPQGTPTPLIPMLVIIETISLFIQPVALAVRL
TANITAGHLLIHLIGGATLALMSINTTTALITFIILILLTVLEFAVAMIQAYVFTLLVSLYLHDNT
;
N
5 'polypeptide(L)' MAGPEADAQFHFTGIKKYFNSYTLTGRMNCVLATYGSIALIVLYFKLRSKKTPAVKAT O
6 'polypeptide(L)' MLQSLIKKVWIPMKPYYTQAYQEIWVGTGLMAYIVYKIRSADKRSKALKASSAAPAHGHH P
7 'polypeptide(L)' MPQLDTSTWLTMILSMFLVLFIIFQLKISKHNFYHNPELMTTKTPKQNTPWETKWTKIYLPLSLPL Q
8 'polypeptide(L)'
;MASVVPLKEKKLLEVKLGELPSWILMRDFTPSGIAGAFQRGYYRYYNKYVNVKKGSIAGLSMVLAAYVFLNYCRSYKELK
HERLRKYH
;
R
9 'polypeptide(L)'
;MAQFVRNLAEKAPALVNAAVTYSKPRLATFWYYAKVELVPPTPAEIPTAIQSLKKIINSAKTGSFKQLTVKEALLNGLVA
TEVWMWFYVGEIIGKRGIIGYDV
;
S
10 'polypeptide(L)' MVPPVQVSPLIKLGRYSALFLGMAYGAKRYNYLKPRAEEERRLAAEEKKKRDEQKRIERELAEAQEDTILK T
#
loop_
_chem_comp.id
_chem_comp.type
_chem_comp.name
_chem_comp.formula
CDL non-polymer CARDIOLIPIN 'C81 H156 O17 P2 -2'
LHG non-polymer 1,2-DIPALMITOYL-PHOSPHATIDYL-GLYCEROLE 'C38 H75 O10 P'
#
# COMPACT_ATOMS: atom_id res chain seq x y z
N ASP A 62 -32.94 -2.70 -25.73
CA ASP A 62 -32.02 -2.59 -26.88
C ASP A 62 -31.09 -1.38 -26.78
N ILE A 63 -30.92 -0.68 -27.90
CA ILE A 63 -29.81 0.27 -28.01
C ILE A 63 -30.07 1.54 -27.20
N ASP A 64 -31.33 1.96 -27.02
CA ASP A 64 -31.56 3.18 -26.25
C ASP A 64 -31.40 2.94 -24.76
N THR A 65 -31.82 1.77 -24.28
CA THR A 65 -31.56 1.40 -22.89
C THR A 65 -30.07 1.20 -22.64
N ALA A 66 -29.38 0.62 -23.62
CA ALA A 66 -27.94 0.44 -23.52
C ALA A 66 -27.21 1.77 -23.44
N ALA A 67 -27.57 2.70 -24.30
CA ALA A 67 -26.87 3.97 -24.31
C ALA A 67 -27.32 4.90 -23.20
N LYS A 68 -28.52 4.71 -22.64
CA LYS A 68 -28.79 5.48 -21.43
C LYS A 68 -28.06 4.89 -20.23
N PHE A 69 -27.74 3.59 -20.25
CA PHE A 69 -26.82 3.06 -19.25
C PHE A 69 -25.44 3.69 -19.38
N ILE A 70 -24.94 3.83 -20.62
CA ILE A 70 -23.63 4.47 -20.84
C ILE A 70 -23.66 5.93 -20.43
N GLY A 71 -24.72 6.65 -20.81
CA GLY A 71 -24.81 8.07 -20.49
C GLY A 71 -25.05 8.35 -19.02
N ALA A 72 -25.70 7.43 -18.32
CA ALA A 72 -25.83 7.57 -16.88
C ALA A 72 -24.56 7.17 -16.15
N GLY A 73 -23.73 6.31 -16.76
CA GLY A 73 -22.40 6.11 -16.24
C GLY A 73 -21.49 7.28 -16.51
N ALA A 74 -21.77 8.06 -17.55
CA ALA A 74 -20.91 9.18 -17.89
C ALA A 74 -21.23 10.42 -17.07
N ALA A 75 -22.49 10.59 -16.68
CA ALA A 75 -22.87 11.77 -15.90
C ALA A 75 -22.59 11.62 -14.43
N THR A 76 -22.10 10.47 -13.98
CA THR A 76 -21.70 10.26 -12.61
C THR A 76 -20.26 10.71 -12.37
N VAL A 77 -19.52 11.00 -13.45
CA VAL A 77 -18.16 11.51 -13.35
C VAL A 77 -18.12 12.90 -12.72
N GLY A 78 -19.19 13.69 -12.87
CA GLY A 78 -19.25 15.02 -12.30
C GLY A 78 -19.29 15.08 -10.78
N VAL A 79 -19.46 13.95 -10.11
CA VAL A 79 -19.35 13.88 -8.65
C VAL A 79 -17.91 14.13 -8.18
N ALA A 80 -16.92 13.92 -9.07
CA ALA A 80 -15.52 14.16 -8.74
C ALA A 80 -15.26 15.63 -8.41
N GLY A 81 -16.00 16.53 -9.04
CA GLY A 81 -15.89 17.93 -8.67
C GLY A 81 -16.38 18.20 -7.27
N SER A 82 -17.42 17.49 -6.84
CA SER A 82 -17.87 17.63 -5.46
C SER A 82 -16.88 17.01 -4.49
N GLY A 83 -16.23 15.92 -4.90
CA GLY A 83 -15.22 15.31 -4.05
C GLY A 83 -14.04 16.22 -3.80
N ALA A 84 -13.45 16.73 -4.89
CA ALA A 84 -12.34 17.67 -4.76
C ALA A 84 -12.77 18.99 -4.14
N GLY A 85 -14.03 19.39 -4.36
CA GLY A 85 -14.51 20.64 -3.79
C GLY A 85 -14.63 20.58 -2.28
N ILE A 86 -15.28 19.55 -1.75
CA ILE A 86 -15.41 19.53 -0.30
C ILE A 86 -14.11 19.08 0.35
N GLY A 87 -13.23 18.41 -0.39
CA GLY A 87 -11.87 18.22 0.11
C GLY A 87 -11.14 19.53 0.32
N THR A 88 -11.21 20.43 -0.68
CA THR A 88 -10.61 21.75 -0.54
C THR A 88 -11.31 22.58 0.53
N VAL A 89 -12.62 22.38 0.72
CA VAL A 89 -13.36 23.12 1.73
C VAL A 89 -12.93 22.71 3.14
N PHE A 90 -12.92 21.41 3.44
CA PHE A 90 -12.52 21.02 4.79
C PHE A 90 -11.02 21.16 5.02
N GLY A 91 -10.23 21.11 3.95
CA GLY A 91 -8.83 21.47 4.09
C GLY A 91 -8.64 22.93 4.42
N SER A 92 -9.46 23.80 3.84
CA SER A 92 -9.37 25.17 4.24
C SER A 92 -10.00 25.42 5.60
N LEU A 93 -10.88 24.55 6.05
CA LEU A 93 -11.39 24.63 7.42
C LEU A 93 -10.28 24.39 8.43
N ILE A 94 -9.47 23.35 8.22
CA ILE A 94 -8.41 23.10 9.19
C ILE A 94 -7.28 24.13 9.06
N ILE A 95 -6.97 24.60 7.85
CA ILE A 95 -5.92 25.61 7.78
C ILE A 95 -6.44 27.00 8.18
N GLY A 96 -7.75 27.22 8.23
CA GLY A 96 -8.25 28.48 8.72
C GLY A 96 -8.53 28.43 10.20
N TYR A 97 -8.72 27.21 10.70
CA TYR A 97 -8.84 27.00 12.13
C TYR A 97 -7.47 27.05 12.81
N ALA A 98 -6.41 26.73 12.06
CA ALA A 98 -5.06 26.91 12.57
C ALA A 98 -4.63 28.37 12.64
N ARG A 99 -5.40 29.30 12.08
CA ARG A 99 -5.07 30.72 12.15
C ARG A 99 -5.66 31.37 13.39
N ASN A 100 -6.96 31.26 13.59
CA ASN A 100 -7.61 31.81 14.77
C ASN A 100 -8.70 30.86 15.24
N PRO A 101 -8.43 30.08 16.29
CA PRO A 101 -9.47 29.21 16.86
C PRO A 101 -10.56 29.96 17.59
N SER A 102 -10.41 31.28 17.80
CA SER A 102 -11.40 32.06 18.54
C SER A 102 -12.71 32.23 17.79
N LEU A 103 -12.71 31.96 16.49
CA LEU A 103 -13.91 32.07 15.68
C LEU A 103 -14.24 30.71 15.06
N LYS A 104 -14.22 29.66 15.88
CA LYS A 104 -14.40 28.29 15.41
C LYS A 104 -15.78 28.08 14.81
N GLN A 105 -16.82 28.59 15.47
CA GLN A 105 -18.18 28.18 15.13
C GLN A 105 -18.65 28.80 13.82
N GLN A 106 -18.38 30.09 13.61
CA GLN A 106 -18.87 30.73 12.39
C GLN A 106 -18.04 30.31 11.19
N LEU A 107 -16.76 30.02 11.43
CA LEU A 107 -15.90 29.46 10.39
C LEU A 107 -16.37 28.07 9.98
N PHE A 108 -16.77 27.26 10.96
CA PHE A 108 -17.31 25.94 10.65
C PHE A 108 -18.66 26.03 9.97
N SER A 109 -19.44 27.08 10.26
CA SER A 109 -20.70 27.29 9.55
C SER A 109 -20.47 27.62 8.08
N TYR A 110 -19.53 28.52 7.79
CA TYR A 110 -19.18 28.80 6.39
C TYR A 110 -18.59 27.57 5.69
N ALA A 111 -17.80 26.78 6.41
CA ALA A 111 -17.22 25.58 5.80
C ALA A 111 -18.28 24.53 5.50
N ILE A 112 -19.23 24.34 6.41
CA ILE A 112 -20.27 23.35 6.15
C ILE A 112 -21.27 23.87 5.11
N LEU A 113 -21.39 25.19 4.95
CA LEU A 113 -22.16 25.74 3.83
C LEU A 113 -21.48 25.47 2.50
N GLY A 114 -20.15 25.65 2.44
CA GLY A 114 -19.40 25.32 1.24
C GLY A 114 -19.47 23.85 0.91
N PHE A 115 -19.44 23.00 1.95
CA PHE A 115 -19.70 21.57 1.78
C PHE A 115 -21.06 21.32 1.17
N ALA A 116 -22.11 21.96 1.70
CA ALA A 116 -23.45 21.70 1.21
C ALA A 116 -23.66 22.21 -0.20
N LEU A 117 -22.95 23.25 -0.61
CA LEU A 117 -23.15 23.73 -1.96
C LEU A 117 -22.37 22.90 -2.99
N SER A 118 -21.17 22.44 -2.64
CA SER A 118 -20.50 21.48 -3.53
C SER A 118 -21.23 20.14 -3.54
N GLU A 119 -21.84 19.78 -2.41
CA GLU A 119 -22.71 18.61 -2.34
C GLU A 119 -23.93 18.78 -3.22
N ALA A 120 -24.46 19.99 -3.29
CA ALA A 120 -25.61 20.27 -4.14
C ALA A 120 -25.25 20.14 -5.61
N MET A 121 -24.04 20.58 -5.99
CA MET A 121 -23.61 20.39 -7.37
C MET A 121 -23.37 18.91 -7.70
N GLY A 122 -22.78 18.16 -6.76
CA GLY A 122 -22.54 16.75 -6.99
C GLY A 122 -23.82 15.94 -7.08
N LEU A 123 -24.75 16.18 -6.15
CA LEU A 123 -26.06 15.54 -6.22
C LEU A 123 -26.90 16.05 -7.38
N PHE A 124 -26.63 17.26 -7.87
CA PHE A 124 -27.36 17.78 -9.01
C PHE A 124 -26.96 17.04 -10.29
N CYS A 125 -25.66 16.84 -10.50
CA CYS A 125 -25.27 16.06 -11.67
C CYS A 125 -25.57 14.58 -11.49
N LEU A 126 -25.59 14.09 -10.25
CA LEU A 126 -26.02 12.71 -10.04
C LEU A 126 -27.53 12.56 -10.26
N MET A 127 -28.30 13.62 -10.02
CA MET A 127 -29.72 13.57 -10.33
C MET A 127 -29.96 13.64 -11.83
N VAL A 128 -29.10 14.36 -12.57
CA VAL A 128 -29.14 14.30 -14.02
C VAL A 128 -28.78 12.90 -14.52
N ALA A 129 -27.83 12.24 -13.85
CA ALA A 129 -27.47 10.87 -14.18
C ALA A 129 -28.64 9.90 -13.96
N PHE A 130 -29.31 10.00 -12.82
CA PHE A 130 -30.48 9.16 -12.59
C PHE A 130 -31.66 9.53 -13.48
N LEU A 131 -31.74 10.79 -13.90
CA LEU A 131 -32.81 11.20 -14.81
C LEU A 131 -32.61 10.59 -16.20
N ILE A 132 -31.37 10.53 -16.67
CA ILE A 132 -31.09 9.81 -17.91
C ILE A 132 -31.26 8.30 -17.69
N LEU A 133 -30.94 7.81 -16.50
CA LEU A 133 -31.02 6.37 -16.23
C LEU A 133 -32.45 5.87 -16.18
N PHE A 134 -33.40 6.69 -15.73
CA PHE A 134 -34.78 6.25 -15.63
C PHE A 134 -35.75 7.23 -16.29
N ALA A 135 -35.31 7.92 -17.33
CA ALA A 135 -36.20 8.80 -18.10
C ALA A 135 -35.72 8.92 -19.54
N ASP B 62 -25.65 -9.37 -24.57
CA ASP B 62 -25.57 -8.60 -25.80
C ASP B 62 -25.15 -7.15 -25.56
N ILE B 63 -25.75 -6.24 -26.34
CA ILE B 63 -25.47 -4.81 -26.24
C ILE B 63 -25.86 -4.27 -24.87
N ASP B 64 -26.88 -4.86 -24.24
CA ASP B 64 -27.31 -4.40 -22.92
C ASP B 64 -26.25 -4.71 -21.87
N THR B 65 -25.75 -5.94 -21.83
CA THR B 65 -24.70 -6.32 -20.88
C THR B 65 -23.39 -5.58 -21.19
N ALA B 66 -23.10 -5.40 -22.48
CA ALA B 66 -21.91 -4.67 -22.90
C ALA B 66 -21.93 -3.22 -22.45
N ALA B 67 -23.07 -2.56 -22.61
CA ALA B 67 -23.17 -1.18 -22.18
C ALA B 67 -23.30 -1.07 -20.67
N LYS B 68 -23.75 -2.12 -19.98
CA LYS B 68 -23.63 -2.14 -18.53
C LYS B 68 -22.18 -2.13 -18.09
N PHE B 69 -21.32 -2.88 -18.81
CA PHE B 69 -19.90 -2.86 -18.47
C PHE B 69 -19.27 -1.51 -18.78
N ILE B 70 -19.63 -0.89 -19.91
CA ILE B 70 -19.04 0.40 -20.26
C ILE B 70 -19.55 1.50 -19.32
N GLY B 71 -20.83 1.45 -18.94
CA GLY B 71 -21.35 2.41 -17.99
C GLY B 71 -20.87 2.22 -16.57
N ALA B 72 -20.49 0.99 -16.20
CA ALA B 72 -19.87 0.79 -14.90
C ALA B 72 -18.41 1.22 -14.90
N GLY B 73 -17.72 1.07 -16.03
CA GLY B 73 -16.38 1.60 -16.13
C GLY B 73 -16.35 3.11 -16.24
N ALA B 74 -17.43 3.71 -16.73
CA ALA B 74 -17.49 5.16 -16.86
C ALA B 74 -17.75 5.83 -15.52
N ALA B 75 -18.61 5.25 -14.69
CA ALA B 75 -18.96 5.85 -13.41
C ALA B 75 -17.97 5.57 -12.33
N THR B 76 -16.75 5.16 -12.64
CA THR B 76 -15.71 4.98 -11.63
C THR B 76 -14.65 6.08 -11.74
N VAL B 77 -14.78 6.96 -12.73
CA VAL B 77 -13.85 8.08 -12.88
C VAL B 77 -14.05 9.08 -11.75
N GLY B 78 -15.26 9.18 -11.21
CA GLY B 78 -15.55 10.18 -10.19
C GLY B 78 -14.92 9.90 -8.84
N VAL B 79 -14.25 8.76 -8.69
CA VAL B 79 -13.57 8.39 -7.46
C VAL B 79 -12.27 9.21 -7.37
N ALA B 80 -11.82 9.71 -8.51
CA ALA B 80 -10.72 10.68 -8.57
C ALA B 80 -10.99 11.93 -7.76
N GLY B 81 -12.25 12.34 -7.65
CA GLY B 81 -12.57 13.46 -6.78
C GLY B 81 -12.38 13.15 -5.32
N SER B 82 -12.71 11.93 -4.89
CA SER B 82 -12.46 11.55 -3.52
C SER B 82 -10.97 11.45 -3.24
N GLY B 83 -10.21 10.94 -4.22
CA GLY B 83 -8.76 10.89 -4.14
C GLY B 83 -8.12 12.25 -3.93
N ALA B 84 -8.40 13.18 -4.85
CA ALA B 84 -7.85 14.53 -4.74
C ALA B 84 -8.40 15.28 -3.53
N GLY B 85 -9.65 14.99 -3.15
CA GLY B 85 -10.25 15.69 -2.03
C GLY B 85 -9.62 15.31 -0.70
N ILE B 86 -9.45 14.02 -0.44
CA ILE B 86 -8.85 13.67 0.83
C ILE B 86 -7.34 13.86 0.80
N GLY B 87 -6.73 13.89 -0.38
CA GLY B 87 -5.35 14.35 -0.47
C GLY B 87 -5.20 15.80 -0.03
N THR B 88 -6.10 16.66 -0.49
CA THR B 88 -6.11 18.05 -0.04
C THR B 88 -6.45 18.17 1.45
N VAL B 89 -7.32 17.29 1.96
CA VAL B 89 -7.68 17.32 3.38
C VAL B 89 -6.48 16.99 4.26
N PHE B 90 -5.81 15.86 4.01
CA PHE B 90 -4.68 15.51 4.88
C PHE B 90 -3.46 16.38 4.62
N GLY B 91 -3.34 16.92 3.40
CA GLY B 91 -2.29 17.91 3.18
C GLY B 91 -2.55 19.20 3.92
N SER B 92 -3.79 19.61 4.02
CA SER B 92 -4.03 20.79 4.82
C SER B 92 -4.01 20.49 6.30
N LEU B 93 -4.18 19.23 6.69
CA LEU B 93 -3.94 18.84 8.08
C LEU B 93 -2.48 19.02 8.44
N ILE B 94 -1.57 18.63 7.56
CA ILE B 94 -0.17 18.77 7.95
C ILE B 94 0.33 20.20 7.81
N ILE B 95 -0.19 21.00 6.87
CA ILE B 95 0.25 22.40 6.89
C ILE B 95 -0.44 23.20 8.01
N GLY B 96 -1.67 22.85 8.39
CA GLY B 96 -2.27 23.50 9.53
C GLY B 96 -1.82 22.97 10.87
N TYR B 97 -1.18 21.81 10.88
CA TYR B 97 -0.52 21.33 12.09
C TYR B 97 0.88 21.90 12.21
N ALA B 98 1.48 22.34 11.09
CA ALA B 98 2.74 23.05 11.18
C ALA B 98 2.62 24.39 11.89
N ARG B 99 1.42 25.00 11.88
CA ARG B 99 1.29 26.35 12.41
C ARG B 99 1.18 26.38 13.93
N ASN B 100 0.45 25.44 14.52
CA ASN B 100 0.31 25.40 15.98
C ASN B 100 0.18 23.97 16.45
N PRO B 101 1.29 23.35 16.85
CA PRO B 101 1.26 21.94 17.30
C PRO B 101 0.57 21.71 18.63
N SER B 102 0.10 22.75 19.30
CA SER B 102 -0.73 22.60 20.49
C SER B 102 -2.19 22.33 20.17
N LEU B 103 -2.53 22.20 18.88
CA LEU B 103 -3.90 21.94 18.46
C LEU B 103 -3.98 20.64 17.68
N LYS B 104 -3.41 19.57 18.21
CA LYS B 104 -3.33 18.31 17.47
C LYS B 104 -4.71 17.68 17.31
N GLN B 105 -5.43 17.50 18.42
CA GLN B 105 -6.51 16.52 18.51
C GLN B 105 -7.76 16.97 17.75
N GLN B 106 -8.19 18.21 17.95
CA GLN B 106 -9.42 18.65 17.31
C GLN B 106 -9.21 18.93 15.82
N LEU B 107 -7.98 19.31 15.45
CA LEU B 107 -7.64 19.51 14.05
C LEU B 107 -7.63 18.18 13.30
N PHE B 108 -7.10 17.13 13.95
CA PHE B 108 -7.18 15.78 13.38
C PHE B 108 -8.62 15.28 13.34
N SER B 109 -9.46 15.72 14.28
CA SER B 109 -10.88 15.37 14.24
C SER B 109 -11.58 15.97 13.03
N TYR B 110 -11.34 17.26 12.77
CA TYR B 110 -11.89 17.87 11.55
C TYR B 110 -11.30 17.27 10.28
N ALA B 111 -10.04 16.83 10.32
CA ALA B 111 -9.45 16.19 9.15
C ALA B 111 -10.07 14.82 8.87
N ILE B 112 -10.36 14.05 9.92
CA ILE B 112 -11.00 12.76 9.68
C ILE B 112 -12.48 12.97 9.31
N LEU B 113 -13.07 14.10 9.71
CA LEU B 113 -14.41 14.45 9.24
C LEU B 113 -14.42 14.74 7.75
N GLY B 114 -13.46 15.55 7.30
CA GLY B 114 -13.36 15.86 5.88
C GLY B 114 -13.02 14.64 5.04
N PHE B 115 -12.20 13.75 5.59
CA PHE B 115 -11.94 12.48 4.92
C PHE B 115 -13.19 11.64 4.78
N ALA B 116 -13.98 11.52 5.86
CA ALA B 116 -15.19 10.71 5.82
C ALA B 116 -16.21 11.27 4.83
N LEU B 117 -16.29 12.60 4.74
CA LEU B 117 -17.29 13.17 3.85
C LEU B 117 -16.86 13.12 2.38
N SER B 118 -15.56 13.32 2.08
CA SER B 118 -15.15 13.20 0.68
C SER B 118 -15.10 11.75 0.22
N GLU B 119 -14.79 10.83 1.14
CA GLU B 119 -14.94 9.42 0.85
C GLU B 119 -16.39 9.04 0.65
N ALA B 120 -17.32 9.71 1.35
CA ALA B 120 -18.74 9.47 1.13
C ALA B 120 -19.16 9.91 -0.27
N MET B 121 -18.60 11.02 -0.77
CA MET B 121 -18.90 11.41 -2.14
C MET B 121 -18.31 10.45 -3.18
N GLY B 122 -17.07 10.02 -3.00
CA GLY B 122 -16.48 9.03 -3.89
C GLY B 122 -17.18 7.69 -3.83
N LEU B 123 -17.72 7.34 -2.67
CA LEU B 123 -18.43 6.08 -2.55
C LEU B 123 -19.87 6.20 -3.03
N PHE B 124 -20.43 7.41 -3.07
CA PHE B 124 -21.67 7.63 -3.81
C PHE B 124 -21.48 7.34 -5.29
N CYS B 125 -20.37 7.86 -5.83
CA CYS B 125 -20.08 7.62 -7.25
C CYS B 125 -19.80 6.14 -7.52
N LEU B 126 -19.04 5.48 -6.64
CA LEU B 126 -18.76 4.06 -6.84
C LEU B 126 -19.99 3.19 -6.58
N MET B 127 -20.92 3.64 -5.74
CA MET B 127 -22.13 2.88 -5.49
C MET B 127 -23.10 3.00 -6.66
N VAL B 128 -23.15 4.16 -7.30
CA VAL B 128 -23.91 4.27 -8.55
C VAL B 128 -23.25 3.45 -9.66
N ALA B 129 -21.92 3.33 -9.63
CA ALA B 129 -21.23 2.46 -10.59
C ALA B 129 -21.61 0.99 -10.40
N PHE B 130 -21.63 0.51 -9.14
CA PHE B 130 -22.07 -0.85 -8.89
C PHE B 130 -23.56 -1.04 -9.14
N LEU B 131 -24.37 0.02 -8.99
CA LEU B 131 -25.80 -0.12 -9.26
C LEU B 131 -26.06 -0.22 -10.75
N ILE B 132 -25.28 0.50 -11.56
CA ILE B 132 -25.36 0.33 -13.01
C ILE B 132 -24.85 -1.06 -13.40
N LEU B 133 -23.80 -1.54 -12.72
CA LEU B 133 -23.25 -2.85 -13.04
C LEU B 133 -24.19 -3.99 -12.67
N PHE B 134 -24.99 -3.83 -11.62
CA PHE B 134 -25.89 -4.90 -11.17
C PHE B 134 -27.34 -4.45 -11.12
N ALA B 135 -27.76 -3.59 -12.05
CA ALA B 135 -29.17 -3.20 -12.15
C ALA B 135 -29.54 -2.86 -13.58
N ASP C 62 -15.83 -10.56 -29.77
CA ASP C 62 -17.21 -10.39 -29.32
C ASP C 62 -17.34 -9.08 -28.55
N ILE C 63 -18.53 -8.47 -28.63
CA ILE C 63 -18.73 -7.16 -28.03
C ILE C 63 -18.78 -7.21 -26.52
N ASP C 64 -19.04 -8.37 -25.91
CA ASP C 64 -18.99 -8.47 -24.47
C ASP C 64 -17.55 -8.36 -23.96
N THR C 65 -16.63 -9.09 -24.59
CA THR C 65 -15.22 -8.97 -24.26
C THR C 65 -14.70 -7.58 -24.63
N ALA C 66 -15.20 -7.03 -25.74
CA ALA C 66 -14.82 -5.68 -26.16
C ALA C 66 -15.24 -4.63 -25.14
N ALA C 67 -16.42 -4.79 -24.56
CA ALA C 67 -16.86 -3.83 -23.57
C ALA C 67 -16.24 -4.05 -22.21
N LYS C 68 -15.82 -5.29 -21.91
CA LYS C 68 -14.94 -5.51 -20.76
C LYS C 68 -13.66 -4.70 -20.91
N PHE C 69 -13.09 -4.69 -22.11
CA PHE C 69 -11.84 -3.95 -22.33
C PHE C 69 -12.06 -2.43 -22.29
N ILE C 70 -13.18 -1.96 -22.83
CA ILE C 70 -13.47 -0.52 -22.79
C ILE C 70 -13.77 -0.07 -21.36
N GLY C 71 -14.54 -0.86 -20.60
CA GLY C 71 -14.82 -0.50 -19.22
C GLY C 71 -13.63 -0.63 -18.30
N ALA C 72 -12.66 -1.48 -18.64
CA ALA C 72 -11.41 -1.49 -17.89
C ALA C 72 -10.53 -0.31 -18.26
N GLY C 73 -10.60 0.16 -19.51
CA GLY C 73 -9.92 1.39 -19.86
C GLY C 73 -10.52 2.63 -19.22
N ALA C 74 -11.84 2.61 -18.99
CA ALA C 74 -12.51 3.81 -18.50
C ALA C 74 -12.38 3.97 -17.00
N ALA C 75 -12.37 2.86 -16.26
CA ALA C 75 -12.31 2.93 -14.80
C ALA C 75 -10.91 3.19 -14.26
N THR C 76 -9.92 3.38 -15.12
CA THR C 76 -8.55 3.66 -14.72
C THR C 76 -8.29 5.16 -14.66
N VAL C 77 -9.18 5.97 -15.26
CA VAL C 77 -9.05 7.42 -15.24
C VAL C 77 -9.18 7.98 -13.84
N GLY C 78 -9.89 7.28 -12.94
CA GLY C 78 -10.08 7.75 -11.58
C GLY C 78 -8.85 7.65 -10.70
N VAL C 79 -7.75 7.06 -11.20
CA VAL C 79 -6.55 6.90 -10.41
C VAL C 79 -5.74 8.18 -10.54
N ALA C 80 -6.12 9.03 -11.49
CA ALA C 80 -5.56 10.37 -11.61
C ALA C 80 -5.84 11.23 -10.39
N GLY C 81 -6.97 11.00 -9.73
CA GLY C 81 -7.19 11.67 -8.46
C GLY C 81 -6.28 11.20 -7.35
N SER C 82 -5.86 9.93 -7.40
CA SER C 82 -4.86 9.47 -6.45
C SER C 82 -3.50 10.09 -6.73
N GLY C 83 -3.17 10.26 -8.01
CA GLY C 83 -1.94 10.95 -8.37
C GLY C 83 -1.91 12.39 -7.88
N ALA C 84 -2.99 13.14 -8.16
CA ALA C 84 -3.07 14.52 -7.68
C ALA C 84 -3.18 14.60 -6.16
N GLY C 85 -3.82 13.62 -5.53
CA GLY C 85 -3.97 13.64 -4.09
C GLY C 85 -2.66 13.41 -3.36
N ILE C 86 -1.90 12.40 -3.76
CA ILE C 86 -0.64 12.18 -3.06
C ILE C 86 0.40 13.22 -3.46
N GLY C 87 0.29 13.82 -4.66
CA GLY C 87 1.12 14.96 -4.97
C GLY C 87 0.83 16.15 -4.06
N THR C 88 -0.45 16.43 -3.81
CA THR C 88 -0.83 17.48 -2.87
C THR C 88 -0.40 17.15 -1.45
N VAL C 89 -0.42 15.87 -1.08
CA VAL C 89 -0.02 15.46 0.26
C VAL C 89 1.47 15.70 0.48
N PHE C 90 2.31 15.22 -0.42
CA PHE C 90 3.74 15.42 -0.20
C PHE C 90 4.20 16.85 -0.46
N GLY C 91 3.49 17.59 -1.32
CA GLY C 91 3.74 19.00 -1.41
C GLY C 91 3.36 19.74 -0.14
N SER C 92 2.29 19.31 0.51
CA SER C 92 1.99 19.95 1.78
C SER C 92 2.92 19.50 2.88
N LEU C 93 3.51 18.31 2.75
CA LEU C 93 4.57 17.89 3.67
C LEU C 93 5.77 18.81 3.56
N ILE C 94 6.16 19.17 2.35
CA ILE C 94 7.36 19.97 2.26
C ILE C 94 7.10 21.45 2.58
N ILE C 95 5.89 21.96 2.33
CA ILE C 95 5.63 23.33 2.80
C ILE C 95 5.41 23.37 4.33
N GLY C 96 4.83 22.33 4.93
CA GLY C 96 4.66 22.33 6.37
C GLY C 96 5.92 22.03 7.12
N TYR C 97 6.79 21.19 6.54
CA TYR C 97 8.11 20.98 7.08
C TYR C 97 8.98 22.21 6.93
N ALA C 98 8.70 23.05 5.93
CA ALA C 98 9.42 24.31 5.81
C ALA C 98 9.13 25.28 6.95
N ARG C 99 8.01 25.12 7.65
CA ARG C 99 7.67 26.07 8.71
C ARG C 99 8.46 25.78 9.99
N ASN C 100 8.28 24.59 10.56
CA ASN C 100 9.06 24.17 11.73
C ASN C 100 9.73 22.83 11.48
N PRO C 101 11.03 22.82 11.15
CA PRO C 101 11.72 21.56 10.86
C PRO C 101 11.93 20.65 12.05
N SER C 102 11.61 21.11 13.27
CA SER C 102 11.77 20.28 14.46
C SER C 102 10.69 19.22 14.57
N LEU C 103 9.62 19.33 13.79
CA LEU C 103 8.52 18.37 13.80
C LEU C 103 8.57 17.44 12.59
N LYS C 104 9.78 16.96 12.24
CA LYS C 104 9.95 16.06 11.11
C LYS C 104 9.09 14.80 11.24
N GLN C 105 9.12 14.18 12.42
CA GLN C 105 8.66 12.80 12.54
C GLN C 105 7.14 12.70 12.58
N GLN C 106 6.48 13.53 13.39
CA GLN C 106 5.03 13.38 13.52
C GLN C 106 4.30 13.96 12.30
N LEU C 107 4.84 15.02 11.72
CA LEU C 107 4.28 15.59 10.50
C LEU C 107 4.45 14.63 9.33
N PHE C 108 5.60 13.94 9.27
CA PHE C 108 5.80 12.90 8.27
C PHE C 108 4.89 11.70 8.50
N SER C 109 4.53 11.42 9.76
CA SER C 109 3.58 10.35 10.04
C SER C 109 2.19 10.69 9.51
N TYR C 110 1.71 11.91 9.79
CA TYR C 110 0.41 12.34 9.24
C TYR C 110 0.42 12.41 7.71
N ALA C 111 1.56 12.82 7.13
CA ALA C 111 1.66 12.86 5.67
C ALA C 111 1.67 11.47 5.06
N ILE C 112 2.30 10.50 5.71
CA ILE C 112 2.30 9.15 5.15
C ILE C 112 0.93 8.51 5.31
N LEU C 113 0.16 8.91 6.32
CA LEU C 113 -1.23 8.46 6.41
C LEU C 113 -2.08 9.05 5.29
N GLY C 114 -1.89 10.33 4.99
CA GLY C 114 -2.62 10.95 3.88
C GLY C 114 -2.27 10.31 2.54
N PHE C 115 -0.99 9.99 2.35
CA PHE C 115 -0.55 9.24 1.17
C PHE C 115 -1.28 7.91 1.05
N ALA C 116 -1.31 7.14 2.13
CA ALA C 116 -1.92 5.81 2.05
C ALA C 116 -3.43 5.88 1.82
N LEU C 117 -4.09 6.89 2.38
CA LEU C 117 -5.53 6.98 2.18
C LEU C 117 -5.88 7.45 0.77
N SER C 118 -5.08 8.35 0.20
CA SER C 118 -5.36 8.79 -1.17
C SER C 118 -5.02 7.70 -2.18
N GLU C 119 -3.94 6.96 -1.93
CA GLU C 119 -3.67 5.77 -2.73
C GLU C 119 -4.77 4.73 -2.54
N ALA C 120 -5.41 4.70 -1.38
CA ALA C 120 -6.49 3.75 -1.14
C ALA C 120 -7.74 4.09 -1.95
N MET C 121 -8.07 5.38 -2.10
CA MET C 121 -9.18 5.72 -3.01
C MET C 121 -8.86 5.43 -4.47
N GLY C 122 -7.64 5.78 -4.92
CA GLY C 122 -7.23 5.37 -6.26
C GLY C 122 -7.19 3.87 -6.47
N LEU C 123 -6.95 3.11 -5.42
CA LEU C 123 -6.99 1.68 -5.63
C LEU C 123 -8.38 1.09 -5.42
N PHE C 124 -9.31 1.82 -4.79
CA PHE C 124 -10.72 1.47 -4.93
C PHE C 124 -11.15 1.48 -6.37
N CYS C 125 -10.87 2.58 -7.07
CA CYS C 125 -11.34 2.65 -8.45
C CYS C 125 -10.52 1.75 -9.38
N LEU C 126 -9.23 1.52 -9.09
CA LEU C 126 -8.50 0.55 -9.91
C LEU C 126 -8.92 -0.89 -9.60
N MET C 127 -9.40 -1.16 -8.38
CA MET C 127 -9.95 -2.49 -8.12
C MET C 127 -11.27 -2.69 -8.85
N VAL C 128 -12.07 -1.62 -8.99
CA VAL C 128 -13.30 -1.75 -9.80
C VAL C 128 -12.94 -1.96 -11.27
N ALA C 129 -11.82 -1.37 -11.72
CA ALA C 129 -11.32 -1.67 -13.06
C ALA C 129 -10.95 -3.14 -13.22
N PHE C 130 -10.23 -3.70 -12.24
CA PHE C 130 -9.90 -5.13 -12.29
C PHE C 130 -11.12 -6.03 -12.15
N LEU C 131 -12.12 -5.61 -11.38
CA LEU C 131 -13.34 -6.40 -11.23
C LEU C 131 -14.12 -6.46 -12.53
N ILE C 132 -14.24 -5.32 -13.22
CA ILE C 132 -14.88 -5.30 -14.53
C ILE C 132 -14.08 -6.09 -15.55
N LEU C 133 -12.75 -6.03 -15.45
CA LEU C 133 -11.92 -6.69 -16.45
C LEU C 133 -11.86 -8.20 -16.25
N PHE C 134 -11.95 -8.70 -15.02
CA PHE C 134 -11.86 -10.14 -14.79
C PHE C 134 -13.07 -10.67 -14.02
N ALA C 135 -14.25 -10.10 -14.25
CA ALA C 135 -15.48 -10.65 -13.69
C ALA C 135 -16.66 -10.40 -14.62
N ASP D 62 -10.64 -6.20 -36.25
CA ASP D 62 -11.46 -6.96 -35.30
C ASP D 62 -11.97 -6.04 -34.21
N ILE D 63 -13.21 -6.31 -33.76
CA ILE D 63 -13.82 -5.54 -32.68
C ILE D 63 -13.02 -5.68 -31.38
N ASP D 64 -12.40 -6.85 -31.17
CA ASP D 64 -11.67 -7.07 -29.94
C ASP D 64 -10.37 -6.25 -29.90
N THR D 65 -9.63 -6.26 -31.01
CA THR D 65 -8.43 -5.43 -31.13
C THR D 65 -8.77 -3.95 -31.12
N ALA D 66 -9.91 -3.59 -31.71
CA ALA D 66 -10.40 -2.21 -31.68
C ALA D 66 -10.65 -1.74 -30.26
N ALA D 67 -11.34 -2.55 -29.46
CA ALA D 67 -11.59 -2.15 -28.10
C ALA D 67 -10.36 -2.23 -27.21
N LYS D 68 -9.38 -3.07 -27.55
CA LYS D 68 -8.10 -3.00 -26.83
C LYS D 68 -7.41 -1.68 -27.09
N PHE D 69 -7.50 -1.17 -28.32
CA PHE D 69 -6.92 0.14 -28.61
C PHE D 69 -7.65 1.26 -27.88
N ILE D 70 -8.99 1.15 -27.78
CA ILE D 70 -9.75 2.14 -27.02
C ILE D 70 -9.42 2.08 -25.53
N GLY D 71 -9.33 0.88 -24.96
CA GLY D 71 -9.00 0.74 -23.55
C GLY D 71 -7.57 1.09 -23.22
N ALA D 72 -6.65 0.99 -24.17
CA ALA D 72 -5.28 1.40 -23.95
C ALA D 72 -5.07 2.88 -24.23
N GLY D 73 -5.99 3.53 -24.93
CA GLY D 73 -5.96 4.97 -24.99
C GLY D 73 -6.77 5.57 -23.86
N ALA D 74 -7.53 4.74 -23.17
CA ALA D 74 -8.40 5.25 -22.12
C ALA D 74 -7.79 5.09 -20.73
N ALA D 75 -6.90 4.12 -20.55
CA ALA D 75 -6.27 3.93 -19.25
C ALA D 75 -4.99 4.72 -19.10
N THR D 76 -4.52 5.36 -20.17
CA THR D 76 -3.36 6.24 -20.11
C THR D 76 -3.77 7.67 -19.75
N VAL D 77 -5.04 7.90 -19.46
CA VAL D 77 -5.46 9.22 -19.01
C VAL D 77 -5.01 9.47 -17.58
N GLY D 78 -4.80 8.41 -16.80
CA GLY D 78 -4.39 8.57 -15.41
C GLY D 78 -2.97 9.11 -15.22
N VAL D 79 -2.21 9.21 -16.31
CA VAL D 79 -0.89 9.85 -16.32
C VAL D 79 -1.04 11.34 -16.01
N ALA D 80 -2.22 11.90 -16.29
CA ALA D 80 -2.54 13.26 -15.87
C ALA D 80 -2.51 13.40 -14.35
N GLY D 81 -2.76 12.30 -13.63
CA GLY D 81 -2.59 12.32 -12.19
C GLY D 81 -1.15 12.52 -11.77
N SER D 82 -0.23 11.84 -12.44
CA SER D 82 1.19 12.10 -12.18
C SER D 82 1.60 13.50 -12.62
N GLY D 83 0.97 14.02 -13.66
CA GLY D 83 1.26 15.38 -14.10
C GLY D 83 0.90 16.42 -13.05
N ALA D 84 -0.36 16.41 -12.60
CA ALA D 84 -0.79 17.32 -11.55
C ALA D 84 -0.09 17.07 -10.23
N GLY D 85 0.21 15.80 -9.94
CA GLY D 85 0.88 15.47 -8.70
C GLY D 85 2.30 16.00 -8.62
N ILE D 86 3.11 15.77 -9.66
CA ILE D 86 4.48 16.26 -9.56
C ILE D 86 4.54 17.75 -9.83
N GLY D 87 3.54 18.32 -10.50
CA GLY D 87 3.44 19.77 -10.55
C GLY D 87 3.24 20.38 -9.18
N THR D 88 2.30 19.83 -8.40
CA THR D 88 2.08 20.29 -7.04
C THR D 88 3.29 20.02 -6.15
N VAL D 89 3.99 18.90 -6.37
CA VAL D 89 5.15 18.56 -5.55
C VAL D 89 6.30 19.55 -5.78
N PHE D 90 6.68 19.79 -7.04
CA PHE D 90 7.79 20.73 -7.26
C PHE D 90 7.37 22.17 -7.00
N GLY D 91 6.10 22.50 -7.16
CA GLY D 91 5.64 23.82 -6.78
C GLY D 91 5.71 24.04 -5.27
N SER D 92 5.32 23.05 -4.50
CA SER D 92 5.44 23.25 -3.08
C SER D 92 6.87 23.09 -2.59
N LEU D 93 7.74 22.44 -3.39
CA LEU D 93 9.17 22.50 -3.13
C LEU D 93 9.69 23.91 -3.21
N ILE D 94 9.28 24.65 -4.23
CA ILE D 94 9.85 25.99 -4.34
C ILE D 94 9.17 26.99 -3.41
N ILE D 95 7.90 26.78 -3.03
CA ILE D 95 7.36 27.65 -2.00
C ILE D 95 7.88 27.27 -0.60
N GLY D 96 8.30 26.01 -0.39
CA GLY D 96 8.88 25.66 0.89
C GLY D 96 10.34 26.05 0.98
N TYR D 97 11.04 26.04 -0.15
CA TYR D 97 12.37 26.59 -0.24
C TYR D 97 12.36 28.10 -0.06
N ALA D 98 11.26 28.77 -0.44
CA ALA D 98 11.21 30.21 -0.27
C ALA D 98 11.10 30.65 1.19
N ARG D 99 10.72 29.76 2.10
CA ARG D 99 10.67 30.14 3.51
C ARG D 99 12.05 30.08 4.16
N ASN D 100 12.65 28.89 4.21
CA ASN D 100 13.95 28.67 4.84
C ASN D 100 14.90 28.02 3.83
N PRO D 101 15.66 28.83 3.07
CA PRO D 101 16.51 28.28 2.02
C PRO D 101 17.70 27.49 2.52
N SER D 102 17.98 27.48 3.82
CA SER D 102 19.12 26.73 4.34
C SER D 102 18.89 25.23 4.40
N LEU D 103 17.65 24.77 4.16
CA LEU D 103 17.31 23.36 4.14
C LEU D 103 17.17 22.85 2.72
N LYS D 104 18.06 23.28 1.81
CA LYS D 104 17.89 23.10 0.37
C LYS D 104 17.85 21.63 -0.03
N GLN D 105 18.95 20.90 0.19
CA GLN D 105 19.07 19.58 -0.41
C GLN D 105 18.20 18.54 0.30
N GLN D 106 17.94 18.74 1.58
CA GLN D 106 17.10 17.77 2.31
C GLN D 106 15.63 17.92 1.91
N LEU D 107 15.17 19.16 1.75
CA LEU D 107 13.83 19.40 1.24
C LEU D 107 13.71 18.94 -0.21
N PHE D 108 14.79 19.06 -0.99
CA PHE D 108 14.80 18.51 -2.34
C PHE D 108 14.71 16.99 -2.33
N SER D 109 15.29 16.33 -1.33
CA SER D 109 15.13 14.88 -1.21
C SER D 109 13.70 14.50 -0.90
N TYR D 110 13.05 15.28 -0.05
CA TYR D 110 11.61 15.10 0.18
C TYR D 110 10.79 15.27 -1.09
N ALA D 111 11.11 16.30 -1.89
CA ALA D 111 10.37 16.53 -3.12
C ALA D 111 10.62 15.43 -4.16
N ILE D 112 11.83 14.87 -4.20
CA ILE D 112 12.06 13.80 -5.15
C ILE D 112 11.40 12.51 -4.69
N LEU D 113 11.18 12.35 -3.37
CA LEU D 113 10.36 11.25 -2.88
C LEU D 113 8.91 11.39 -3.34
N GLY D 114 8.35 12.60 -3.22
CA GLY D 114 6.99 12.83 -3.69
C GLY D 114 6.84 12.64 -5.20
N PHE D 115 7.86 13.07 -5.95
CA PHE D 115 7.94 12.81 -7.38
C PHE D 115 7.89 11.32 -7.68
N ALA D 116 8.72 10.52 -6.99
CA ALA D 116 8.76 9.09 -7.26
C ALA D 116 7.46 8.39 -6.90
N LEU D 117 6.74 8.88 -5.90
CA LEU D 117 5.47 8.23 -5.57
C LEU D 117 4.34 8.60 -6.54
N SER D 118 4.33 9.83 -7.05
CA SER D 118 3.37 10.12 -8.12
C SER D 118 3.73 9.41 -9.42
N GLU D 119 5.03 9.15 -9.66
CA GLU D 119 5.40 8.30 -10.77
C GLU D 119 4.96 6.86 -10.56
N ALA D 120 4.88 6.41 -9.30
CA ALA D 120 4.34 5.08 -9.05
C ALA D 120 2.86 4.99 -9.39
N MET D 121 2.11 6.05 -9.09
CA MET D 121 0.68 6.05 -9.48
C MET D 121 0.52 6.11 -11.01
N GLY D 122 1.37 6.90 -11.68
CA GLY D 122 1.39 6.88 -13.13
C GLY D 122 1.78 5.53 -13.71
N LEU D 123 2.63 4.79 -13.01
CA LEU D 123 2.97 3.43 -13.45
C LEU D 123 1.84 2.44 -13.21
N PHE D 124 1.01 2.64 -12.18
CA PHE D 124 -0.22 1.85 -12.07
C PHE D 124 -1.15 2.07 -13.27
N CYS D 125 -1.32 3.32 -13.67
CA CYS D 125 -2.17 3.61 -14.83
C CYS D 125 -1.57 3.04 -16.12
N LEU D 126 -0.25 3.13 -16.26
CA LEU D 126 0.43 2.54 -17.41
C LEU D 126 0.33 1.03 -17.42
N MET D 127 0.35 0.37 -16.25
CA MET D 127 0.31 -1.08 -16.28
C MET D 127 -1.09 -1.60 -16.55
N VAL D 128 -2.13 -0.86 -16.14
CA VAL D 128 -3.48 -1.23 -16.59
C VAL D 128 -3.61 -1.01 -18.09
N ALA D 129 -3.01 0.06 -18.62
CA ALA D 129 -3.06 0.33 -20.05
C ALA D 129 -2.36 -0.75 -20.85
N PHE D 130 -1.18 -1.20 -20.40
CA PHE D 130 -0.50 -2.24 -21.15
C PHE D 130 -1.10 -3.61 -20.92
N LEU D 131 -1.76 -3.84 -19.78
CA LEU D 131 -2.49 -5.09 -19.59
C LEU D 131 -3.66 -5.19 -20.56
N ILE D 132 -4.35 -4.09 -20.79
CA ILE D 132 -5.43 -4.08 -21.79
C ILE D 132 -4.85 -4.20 -23.19
N LEU D 133 -3.72 -3.53 -23.45
CA LEU D 133 -3.16 -3.52 -24.81
C LEU D 133 -2.57 -4.87 -25.21
N PHE D 134 -2.08 -5.66 -24.25
CA PHE D 134 -1.48 -6.94 -24.58
C PHE D 134 -2.25 -8.14 -24.03
N ALA D 135 -3.42 -7.94 -23.44
CA ALA D 135 -4.23 -9.06 -22.99
C ALA D 135 -5.72 -8.71 -23.01
N ASP E 62 -12.17 1.05 -41.54
CA ASP E 62 -13.09 0.24 -40.75
C ASP E 62 -12.95 0.48 -39.25
N ILE E 63 -13.33 -0.54 -38.46
CA ILE E 63 -13.37 -0.39 -37.02
C ILE E 63 -11.97 -0.26 -36.41
N ASP E 64 -10.94 -0.77 -37.07
CA ASP E 64 -9.58 -0.67 -36.53
C ASP E 64 -9.08 0.77 -36.61
N THR E 65 -9.23 1.40 -37.78
CA THR E 65 -8.85 2.80 -37.94
C THR E 65 -9.74 3.71 -37.09
N ALA E 66 -11.02 3.34 -36.98
CA ALA E 66 -11.96 4.10 -36.14
C ALA E 66 -11.55 4.09 -34.67
N ALA E 67 -11.23 2.93 -34.14
CA ALA E 67 -10.84 2.85 -32.75
C ALA E 67 -9.43 3.37 -32.50
N LYS E 68 -8.57 3.37 -33.52
CA LYS E 68 -7.29 4.07 -33.35
C LYS E 68 -7.49 5.56 -33.24
N PHE E 69 -8.47 6.10 -33.97
CA PHE E 69 -8.81 7.52 -33.81
C PHE E 69 -9.39 7.82 -32.44
N ILE E 70 -10.27 6.95 -31.93
CA ILE E 70 -10.83 7.17 -30.60
C ILE E 70 -9.76 7.01 -29.52
N GLY E 71 -8.85 6.05 -29.69
CA GLY E 71 -7.78 5.86 -28.73
C GLY E 71 -6.73 6.94 -28.75
N ALA E 72 -6.56 7.64 -29.88
CA ALA E 72 -5.71 8.81 -29.91
C ALA E 72 -6.38 10.00 -29.25
N GLY E 73 -7.67 10.18 -29.52
CA GLY E 73 -8.40 11.25 -28.85
C GLY E 73 -8.63 11.02 -27.37
N ALA E 74 -8.50 9.77 -26.92
CA ALA E 74 -8.72 9.46 -25.51
C ALA E 74 -7.44 9.65 -24.72
N ALA E 75 -6.30 9.24 -25.27
CA ALA E 75 -5.01 9.37 -24.61
C ALA E 75 -4.41 10.75 -24.74
N THR E 76 -5.16 11.73 -25.22
CA THR E 76 -4.70 13.11 -25.26
C THR E 76 -5.39 13.92 -24.16
N VAL E 77 -6.28 13.30 -23.40
CA VAL E 77 -6.83 13.96 -22.22
C VAL E 77 -5.75 14.15 -21.16
N GLY E 78 -4.75 13.28 -21.11
CA GLY E 78 -3.69 13.34 -20.11
C GLY E 78 -2.71 14.48 -20.27
N VAL E 79 -2.97 15.44 -21.16
CA VAL E 79 -2.18 16.65 -21.28
C VAL E 79 -2.78 17.66 -20.29
N ALA E 80 -3.97 17.33 -19.77
CA ALA E 80 -4.56 18.14 -18.71
C ALA E 80 -3.75 18.10 -17.42
N GLY E 81 -3.10 16.98 -17.13
CA GLY E 81 -2.19 16.92 -16.02
C GLY E 81 -0.96 17.78 -16.21
N SER E 82 -0.44 17.85 -17.44
CA SER E 82 0.67 18.75 -17.72
C SER E 82 0.24 20.21 -17.60
N GLY E 83 -0.98 20.53 -18.03
CA GLY E 83 -1.48 21.88 -17.90
C GLY E 83 -1.61 22.32 -16.45
N ALA E 84 -2.33 21.52 -15.65
CA ALA E 84 -2.48 21.83 -14.23
C ALA E 84 -1.15 21.76 -13.48
N GLY E 85 -0.25 20.88 -13.92
CA GLY E 85 1.03 20.74 -13.23
C GLY E 85 1.94 21.94 -13.44
N ILE E 86 2.13 22.37 -14.69
CA ILE E 86 3.02 23.50 -14.87
C ILE E 86 2.33 24.80 -14.50
N GLY E 87 0.99 24.83 -14.51
CA GLY E 87 0.29 25.95 -13.89
C GLY E 87 0.61 26.07 -12.41
N THR E 88 0.57 24.94 -11.70
CA THR E 88 0.89 24.94 -10.27
C THR E 88 2.36 25.28 -10.04
N VAL E 89 3.25 24.83 -10.92
CA VAL E 89 4.67 25.09 -10.76
C VAL E 89 4.98 26.57 -10.92
N PHE E 90 4.53 27.20 -12.01
CA PHE E 90 4.83 28.62 -12.16
C PHE E 90 4.04 29.51 -11.23
N GLY E 91 2.86 29.07 -10.79
CA GLY E 91 2.18 29.80 -9.74
C GLY E 91 2.91 29.74 -8.41
N SER E 92 3.48 28.60 -8.09
CA SER E 92 4.26 28.54 -6.88
C SER E 92 5.61 29.21 -7.04
N LEU E 93 6.12 29.33 -8.26
CA LEU E 93 7.27 30.17 -8.52
C LEU E 93 7.00 31.62 -8.17
N ILE E 94 5.84 32.13 -8.57
CA ILE E 94 5.65 33.55 -8.34
C ILE E 94 5.22 33.83 -6.90
N ILE E 95 4.54 32.89 -6.23
CA ILE E 95 4.30 33.15 -4.81
C ILE E 95 5.57 32.91 -3.98
N GLY E 96 6.49 32.05 -4.42
CA GLY E 96 7.74 31.90 -3.70
C GLY E 96 8.70 33.04 -3.95
N TYR E 97 8.67 33.59 -5.16
CA TYR E 97 9.45 34.77 -5.49
C TYR E 97 8.88 36.02 -4.82
N ALA E 98 7.62 35.99 -4.41
CA ALA E 98 7.07 37.10 -3.66
C ALA E 98 7.65 37.23 -2.25
N ARG E 99 8.20 36.16 -1.68
CA ARG E 99 8.75 36.27 -0.33
C ARG E 99 10.14 36.90 -0.35
N ASN E 100 11.10 36.23 -0.98
CA ASN E 100 12.49 36.66 -0.99
C ASN E 100 12.96 36.87 -2.42
N PRO E 101 12.87 38.11 -2.93
CA PRO E 101 13.26 38.39 -4.32
C PRO E 101 14.75 38.32 -4.59
N SER E 102 15.58 38.11 -3.57
CA SER E 102 17.01 37.91 -3.77
C SER E 102 17.36 36.49 -4.18
N LEU E 103 16.36 35.67 -4.50
CA LEU E 103 16.56 34.28 -4.86
C LEU E 103 15.95 34.03 -6.24
N LYS E 104 16.25 34.90 -7.20
CA LYS E 104 15.65 34.81 -8.53
C LYS E 104 16.09 33.57 -9.27
N GLN E 105 17.41 33.43 -9.49
CA GLN E 105 17.90 32.48 -10.48
C GLN E 105 17.78 31.04 -10.02
N GLN E 106 18.03 30.78 -8.74
CA GLN E 106 18.02 29.39 -8.27
C GLN E 106 16.60 28.86 -8.18
N LEU E 107 15.68 29.72 -7.72
CA LEU E 107 14.27 29.34 -7.66
C LEU E 107 13.71 29.17 -9.07
N PHE E 108 14.18 30.00 -10.02
CA PHE E 108 13.79 29.83 -11.42
C PHE E 108 14.35 28.53 -11.99
N SER E 109 15.53 28.10 -11.53
CA SER E 109 16.05 26.82 -11.98
C SER E 109 15.23 25.65 -11.48
N TYR E 110 14.83 25.68 -10.21
CA TYR E 110 13.92 24.64 -9.71
C TYR E 110 12.56 24.69 -10.40
N ALA E 111 12.09 25.89 -10.77
CA ALA E 111 10.83 26.01 -11.50
C ALA E 111 10.94 25.44 -12.91
N ILE E 112 12.08 25.66 -13.59
CA ILE E 112 12.22 25.10 -14.92
C ILE E 112 12.44 23.60 -14.85
N LEU E 113 12.95 23.09 -13.72
CA LEU E 113 13.02 21.65 -13.53
C LEU E 113 11.63 21.04 -13.36
N GLY E 114 10.79 21.68 -12.55
CA GLY E 114 9.43 21.20 -12.38
C GLY E 114 8.60 21.29 -13.65
N PHE E 115 8.80 22.37 -14.42
CA PHE E 115 8.19 22.50 -15.74
C PHE E 115 8.65 21.40 -16.68
N ALA E 116 9.94 21.11 -16.72
CA ALA E 116 10.43 20.08 -17.62
C ALA E 116 9.95 18.69 -17.22
N LEU E 117 9.74 18.46 -15.92
CA LEU E 117 9.30 17.12 -15.54
C LEU E 117 7.78 16.91 -15.75
N SER E 118 6.96 17.94 -15.50
CA SER E 118 5.55 17.81 -15.91
C SER E 118 5.39 17.84 -17.42
N GLU E 119 6.28 18.56 -18.12
CA GLU E 119 6.37 18.50 -19.57
C GLU E 119 6.68 17.09 -20.04
N ALA E 120 7.57 16.40 -19.33
CA ALA E 120 7.93 15.02 -19.67
C ALA E 120 6.75 14.08 -19.46
N MET E 121 5.98 14.28 -18.39
CA MET E 121 4.80 13.42 -18.18
C MET E 121 3.71 13.68 -19.22
N GLY E 122 3.46 14.95 -19.53
CA GLY E 122 2.45 15.27 -20.53
C GLY E 122 2.84 14.82 -21.94
N LEU E 123 4.10 15.04 -22.31
CA LEU E 123 4.57 14.57 -23.61
C LEU E 123 4.73 13.05 -23.65
N PHE E 124 4.90 12.39 -22.50
CA PHE E 124 4.88 10.94 -22.51
C PHE E 124 3.48 10.41 -22.76
N CYS E 125 2.46 11.03 -22.14
CA CYS E 125 1.09 10.63 -22.40
C CYS E 125 0.69 10.90 -23.85
N LEU E 126 1.11 12.03 -24.40
CA LEU E 126 0.82 12.31 -25.79
C LEU E 126 1.69 11.49 -26.74
N MET E 127 2.86 11.01 -26.30
CA MET E 127 3.64 10.09 -27.12
C MET E 127 2.97 8.73 -27.20
N VAL E 128 2.35 8.29 -26.09
CA VAL E 128 1.52 7.08 -26.14
C VAL E 128 0.31 7.30 -27.04
N ALA E 129 -0.24 8.53 -27.03
CA ALA E 129 -1.35 8.86 -27.92
C ALA E 129 -0.95 8.77 -29.41
N PHE E 130 0.20 9.36 -29.77
CA PHE E 130 0.66 9.25 -31.15
C PHE E 130 1.13 7.85 -31.51
N LEU E 131 1.57 7.06 -30.52
CA LEU E 131 1.91 5.67 -30.78
C LEU E 131 0.67 4.86 -31.12
N ILE E 132 -0.44 5.14 -30.44
CA ILE E 132 -1.70 4.48 -30.80
C ILE E 132 -2.21 5.01 -32.13
N LEU E 133 -2.00 6.28 -32.41
CA LEU E 133 -2.54 6.87 -33.64
C LEU E 133 -1.77 6.41 -34.88
N PHE E 134 -0.47 6.15 -34.76
CA PHE E 134 0.31 5.78 -35.93
C PHE E 134 1.07 4.48 -35.71
N ALA E 135 0.54 3.59 -34.88
CA ALA E 135 1.14 2.28 -34.66
C ALA E 135 0.07 1.26 -34.28
N ASP F 62 -20.76 6.32 -41.68
CA ASP F 62 -19.42 5.74 -41.74
C ASP F 62 -18.76 5.75 -40.36
N ILE F 63 -18.21 4.60 -40.00
CA ILE F 63 -17.55 4.46 -38.70
C ILE F 63 -16.25 5.27 -38.66
N ASP F 64 -15.63 5.51 -39.83
CA ASP F 64 -14.39 6.28 -39.90
C ASP F 64 -14.62 7.74 -39.53
N THR F 65 -15.53 8.40 -40.24
CA THR F 65 -15.84 9.80 -39.96
C THR F 65 -16.51 9.95 -38.60
N ALA F 66 -17.32 8.95 -38.22
CA ALA F 66 -17.94 8.92 -36.91
C ALA F 66 -16.91 8.97 -35.79
N ALA F 67 -15.92 8.08 -35.85
CA ALA F 67 -14.91 8.06 -34.81
C ALA F 67 -13.91 9.20 -34.92
N LYS F 68 -13.76 9.80 -36.11
CA LYS F 68 -13.04 11.07 -36.18
C LYS F 68 -13.72 12.13 -35.34
N PHE F 69 -15.06 12.21 -35.43
CA PHE F 69 -15.79 13.18 -34.63
C PHE F 69 -15.70 12.87 -33.14
N ILE F 70 -15.77 11.58 -32.78
CA ILE F 70 -15.67 11.20 -31.37
C ILE F 70 -14.28 11.49 -30.82
N GLY F 71 -13.23 11.15 -31.57
CA GLY F 71 -11.87 11.35 -31.09
C GLY F 71 -11.48 12.81 -31.02
N ALA F 72 -12.01 13.62 -31.93
CA ALA F 72 -11.81 15.06 -31.79
C ALA F 72 -12.66 15.65 -30.67
N GLY F 73 -13.75 15.01 -30.29
CA GLY F 73 -14.50 15.47 -29.15
C GLY F 73 -13.89 15.03 -27.84
N ALA F 74 -13.03 14.02 -27.89
CA ALA F 74 -12.40 13.52 -26.66
C ALA F 74 -11.06 14.20 -26.39
N ALA F 75 -10.31 14.53 -27.42
CA ALA F 75 -9.03 15.22 -27.24
C ALA F 75 -9.18 16.69 -27.07
N THR F 76 -10.38 17.22 -26.82
CA THR F 76 -10.56 18.61 -26.45
C THR F 76 -10.87 18.73 -24.96
N VAL F 77 -10.99 17.60 -24.27
CA VAL F 77 -11.02 17.60 -22.80
C VAL F 77 -9.68 18.04 -22.22
N GLY F 78 -8.59 17.83 -22.93
CA GLY F 78 -7.28 18.28 -22.47
C GLY F 78 -7.03 19.78 -22.55
N VAL F 79 -8.08 20.60 -22.71
CA VAL F 79 -7.96 22.05 -22.64
C VAL F 79 -8.39 22.44 -21.23
N ALA F 80 -9.06 21.51 -20.54
CA ALA F 80 -9.46 21.73 -19.16
C ALA F 80 -8.28 21.86 -18.20
N GLY F 81 -7.21 21.11 -18.47
CA GLY F 81 -6.01 21.29 -17.69
C GLY F 81 -5.34 22.62 -17.94
N SER F 82 -5.43 23.12 -19.17
CA SER F 82 -4.95 24.47 -19.46
C SER F 82 -5.77 25.52 -18.73
N GLY F 83 -7.10 25.30 -18.64
CA GLY F 83 -7.94 26.22 -17.90
C GLY F 83 -7.61 26.26 -16.42
N ALA F 84 -7.49 25.08 -15.80
CA ALA F 84 -7.12 25.01 -14.39
C ALA F 84 -5.70 25.53 -14.14
N GLY F 85 -4.80 25.32 -15.10
CA GLY F 85 -3.43 25.77 -14.93
C GLY F 85 -3.29 27.28 -15.00
N ILE F 86 -3.94 27.92 -15.97
CA ILE F 86 -3.81 29.37 -16.01
C ILE F 86 -4.66 30.03 -14.95
N GLY F 87 -5.72 29.36 -14.47
CA GLY F 87 -6.39 29.83 -13.27
C GLY F 87 -5.47 29.84 -12.07
N THR F 88 -4.71 28.75 -11.88
CA THR F 88 -3.74 28.69 -10.79
C THR F 88 -2.62 29.72 -10.96
N VAL F 89 -2.19 29.96 -12.20
CA VAL F 89 -1.11 30.92 -12.46
C VAL F 89 -1.55 32.33 -12.10
N PHE F 90 -2.68 32.79 -12.62
CA PHE F 90 -3.06 34.16 -12.30
C PHE F 90 -3.60 34.31 -10.89
N GLY F 91 -4.11 33.23 -10.30
CA GLY F 91 -4.42 33.27 -8.88
C GLY F 91 -3.19 33.43 -8.03
N SER F 92 -2.12 32.77 -8.39
CA SER F 92 -0.92 32.98 -7.61
C SER F 92 -0.23 34.29 -7.95
N LEU F 93 -0.51 34.86 -9.13
CA LEU F 93 -0.08 36.22 -9.40
C LEU F 93 -0.72 37.21 -8.44
N ILE F 94 -2.02 37.06 -8.21
CA ILE F 94 -2.63 38.06 -7.34
C ILE F 94 -2.31 37.80 -5.87
N ILE F 95 -2.09 36.55 -5.46
CA ILE F 95 -1.66 36.37 -4.07
C ILE F 95 -0.18 36.72 -3.89
N GLY F 96 0.65 36.65 -4.92
CA GLY F 96 2.03 37.07 -4.79
C GLY F 96 2.26 38.52 -5.07
N TYR F 97 1.26 39.17 -5.64
CA TYR F 97 1.23 40.62 -5.74
C TYR F 97 0.66 41.24 -4.49
N ALA F 98 -0.13 40.48 -3.72
CA ALA F 98 -0.61 40.99 -2.43
C ALA F 98 0.51 41.14 -1.42
N ARG F 99 1.60 40.39 -1.54
CA ARG F 99 2.68 40.43 -0.56
C ARG F 99 3.55 41.67 -0.73
N ASN F 100 4.17 41.80 -1.91
CA ASN F 100 5.10 42.90 -2.19
C ASN F 100 4.79 43.51 -3.54
N PRO F 101 3.91 44.50 -3.57
CA PRO F 101 3.35 44.99 -4.85
C PRO F 101 4.32 45.79 -5.70
N SER F 102 5.53 46.08 -5.23
CA SER F 102 6.46 46.83 -6.05
C SER F 102 7.15 45.97 -7.11
N LEU F 103 6.95 44.66 -7.06
CA LEU F 103 7.55 43.74 -8.02
C LEU F 103 6.67 43.49 -9.23
N LYS F 104 5.80 44.45 -9.57
CA LYS F 104 4.65 44.24 -10.44
C LYS F 104 5.06 43.80 -11.83
N GLN F 105 6.08 44.42 -12.40
CA GLN F 105 6.43 44.17 -13.79
C GLN F 105 7.12 42.82 -13.96
N GLN F 106 8.04 42.48 -13.06
CA GLN F 106 8.77 41.23 -13.21
C GLN F 106 7.89 40.04 -12.84
N LEU F 107 7.08 40.21 -11.80
CA LEU F 107 6.17 39.14 -11.39
C LEU F 107 5.08 38.92 -12.44
N PHE F 108 4.63 40.01 -13.07
CA PHE F 108 3.68 39.91 -14.17
C PHE F 108 4.30 39.24 -15.38
N SER F 109 5.60 39.46 -15.62
CA SER F 109 6.27 38.76 -16.73
C SER F 109 6.38 37.27 -16.47
N TYR F 110 6.69 36.89 -15.22
CA TYR F 110 6.65 35.46 -14.88
C TYR F 110 5.26 34.87 -15.00
N ALA F 111 4.22 35.65 -14.67
CA ALA F 111 2.86 35.16 -14.81
C ALA F 111 2.46 34.99 -16.27
N ILE F 112 2.88 35.92 -17.13
CA ILE F 112 2.54 35.77 -18.55
C ILE F 112 3.37 34.67 -19.19
N LEU F 113 4.53 34.34 -18.62
CA LEU F 113 5.27 33.17 -19.10
C LEU F 113 4.57 31.89 -18.69
N GLY F 114 4.05 31.83 -17.46
CA GLY F 114 3.28 30.66 -17.04
C GLY F 114 1.99 30.50 -17.85
N PHE F 115 1.34 31.61 -18.18
CA PHE F 115 0.18 31.58 -19.05
C PHE F 115 0.51 31.09 -20.45
N ALA F 116 1.60 31.59 -21.04
CA ALA F 116 1.97 31.15 -22.38
C ALA F 116 2.42 29.70 -22.41
N LEU F 117 2.98 29.19 -21.31
CA LEU F 117 3.40 27.79 -21.32
C LEU F 117 2.22 26.83 -21.12
N SER F 118 1.29 27.15 -20.21
CA SER F 118 0.07 26.33 -20.15
C SER F 118 -0.78 26.51 -21.41
N GLU F 119 -0.69 27.67 -22.05
CA GLU F 119 -1.34 27.89 -23.33
C GLU F 119 -0.72 27.02 -24.41
N ALA F 120 0.60 26.86 -24.37
CA ALA F 120 1.27 25.97 -25.32
C ALA F 120 0.84 24.53 -25.12
N MET F 121 0.66 24.12 -23.87
CA MET F 121 0.17 22.76 -23.63
C MET F 121 -1.28 22.58 -24.07
N GLY F 122 -2.13 23.56 -23.80
CA GLY F 122 -3.53 23.47 -24.20
C GLY F 122 -3.72 23.53 -25.71
N LEU F 123 -3.03 24.45 -26.38
CA LEU F 123 -3.11 24.52 -27.83
C LEU F 123 -2.39 23.37 -28.49
N PHE F 124 -1.43 22.72 -27.82
CA PHE F 124 -0.83 21.52 -28.38
C PHE F 124 -1.80 20.35 -28.34
N CYS F 125 -2.55 20.22 -27.23
CA CYS F 125 -3.61 19.22 -27.16
C CYS F 125 -4.71 19.48 -28.18
N LEU F 126 -5.10 20.74 -28.34
CA LEU F 126 -6.13 21.05 -29.32
C LEU F 126 -5.61 20.99 -30.75
N MET F 127 -4.30 21.09 -30.96
CA MET F 127 -3.74 20.84 -32.28
C MET F 127 -3.78 19.36 -32.61
N VAL F 128 -3.57 18.50 -31.60
CA VAL F 128 -3.79 17.07 -31.80
C VAL F 128 -5.26 16.79 -32.12
N ALA F 129 -6.17 17.51 -31.45
CA ALA F 129 -7.60 17.36 -31.71
C ALA F 129 -7.97 17.76 -33.13
N PHE F 130 -7.49 18.92 -33.59
CA PHE F 130 -7.78 19.33 -34.97
C PHE F 130 -7.03 18.50 -36.00
N LEU F 131 -5.88 17.91 -35.65
CA LEU F 131 -5.24 16.98 -36.56
C LEU F 131 -6.05 15.72 -36.73
N ILE F 132 -6.66 15.23 -35.65
CA ILE F 132 -7.60 14.10 -35.76
C ILE F 132 -8.81 14.50 -36.58
N LEU F 133 -9.32 15.71 -36.38
CA LEU F 133 -10.57 16.11 -37.03
C LEU F 133 -10.39 16.39 -38.51
N PHE F 134 -9.25 16.90 -38.94
CA PHE F 134 -9.03 17.21 -40.34
C PHE F 134 -7.73 16.61 -40.86
N ALA F 135 -7.43 15.38 -40.43
CA ALA F 135 -6.35 14.62 -41.03
C ALA F 135 -6.66 13.13 -40.98
N ASP G 62 -28.54 8.92 -38.22
CA ASP G 62 -27.70 7.74 -38.37
C ASP G 62 -26.44 7.81 -37.51
N ILE G 63 -25.43 7.02 -37.90
CA ILE G 63 -24.18 6.94 -37.15
C ILE G 63 -23.42 8.26 -37.18
N ASP G 64 -23.58 9.05 -38.26
CA ASP G 64 -22.86 10.31 -38.40
C ASP G 64 -23.37 11.34 -37.39
N THR G 65 -24.67 11.59 -37.38
CA THR G 65 -25.24 12.53 -36.42
C THR G 65 -25.14 11.99 -34.99
N ALA G 66 -25.14 10.65 -34.86
CA ALA G 66 -24.93 10.01 -33.57
C ALA G 66 -23.56 10.36 -32.99
N ALA G 67 -22.51 10.19 -33.78
CA ALA G 67 -21.19 10.51 -33.27
C ALA G 67 -20.94 12.01 -33.19
N LYS G 68 -21.67 12.82 -33.96
CA LYS G 68 -21.62 14.27 -33.73
C LYS G 68 -22.17 14.62 -32.35
N PHE G 69 -23.25 13.96 -31.95
CA PHE G 69 -23.79 14.18 -30.61
C PHE G 69 -22.83 13.71 -29.52
N ILE G 70 -22.18 12.56 -29.73
CA ILE G 70 -21.21 12.07 -28.74
C ILE G 70 -20.00 12.99 -28.65
N GLY G 71 -19.45 13.40 -29.79
CA GLY G 71 -18.30 14.28 -29.78
C GLY G 71 -18.60 15.69 -29.34
N ALA G 72 -19.85 16.13 -29.42
CA ALA G 72 -20.21 17.42 -28.86
C ALA G 72 -20.43 17.33 -27.36
N GLY G 73 -20.94 16.19 -26.89
CA GLY G 73 -21.06 16.01 -25.46
C GLY G 73 -19.71 15.84 -24.77
N ALA G 74 -18.76 15.20 -25.46
CA ALA G 74 -17.46 14.96 -24.84
C ALA G 74 -16.59 16.20 -24.86
N ALA G 75 -16.75 17.05 -25.87
CA ALA G 75 -15.95 18.27 -25.95
C ALA G 75 -16.55 19.42 -25.17
N THR G 76 -17.45 19.17 -24.23
CA THR G 76 -17.94 20.19 -23.32
C THR G 76 -17.38 19.99 -21.93
N VAL G 77 -16.56 18.95 -21.74
CA VAL G 77 -15.90 18.72 -20.47
C VAL G 77 -14.80 19.76 -20.23
N GLY G 78 -14.29 20.38 -21.29
CA GLY G 78 -13.28 21.42 -21.12
C GLY G 78 -13.81 22.69 -20.48
N VAL G 79 -15.13 22.82 -20.37
CA VAL G 79 -15.72 23.89 -19.57
C VAL G 79 -15.39 23.69 -18.09
N ALA G 80 -15.25 22.44 -17.65
CA ALA G 80 -14.96 22.16 -16.24
C ALA G 80 -13.60 22.68 -15.82
N GLY G 81 -12.65 22.72 -16.75
CA GLY G 81 -11.39 23.36 -16.47
C GLY G 81 -11.53 24.86 -16.27
N SER G 82 -12.42 25.49 -17.04
CA SER G 82 -12.69 26.90 -16.82
C SER G 82 -13.41 27.15 -15.51
N GLY G 83 -14.28 26.21 -15.09
CA GLY G 83 -14.95 26.34 -13.81
C GLY G 83 -13.97 26.28 -12.64
N ALA G 84 -13.10 25.27 -12.65
CA ALA G 84 -12.08 25.17 -11.60
C ALA G 84 -11.07 26.31 -11.68
N GLY G 85 -10.78 26.80 -12.90
CA GLY G 85 -9.85 27.90 -13.04
C GLY G 85 -10.38 29.20 -12.46
N ILE G 86 -11.63 29.56 -12.78
CA ILE G 86 -12.14 30.81 -12.24
C ILE G 86 -12.50 30.66 -10.77
N GLY G 87 -12.78 29.44 -10.30
CA GLY G 87 -12.87 29.22 -8.87
C GLY G 87 -11.58 29.53 -8.16
N THR G 88 -10.46 29.04 -8.70
CA THR G 88 -9.15 29.33 -8.13
C THR G 88 -8.80 30.81 -8.22
N VAL G 89 -9.21 31.47 -9.32
CA VAL G 89 -8.88 32.88 -9.51
C VAL G 89 -9.62 33.75 -8.50
N PHE G 90 -10.94 33.59 -8.38
CA PHE G 90 -11.64 34.42 -7.41
C PHE G 90 -11.37 33.99 -5.96
N GLY G 91 -10.97 32.75 -5.74
CA GLY G 91 -10.50 32.37 -4.42
C GLY G 91 -9.18 33.01 -4.07
N SER G 92 -8.31 33.17 -5.05
CA SER G 92 -7.11 33.93 -4.75
C SER G 92 -7.38 35.41 -4.67
N LEU G 93 -8.45 35.90 -5.30
CA LEU G 93 -8.85 37.30 -5.11
C LEU G 93 -9.25 37.55 -3.68
N ILE G 94 -10.05 36.66 -3.09
CA ILE G 94 -10.48 36.91 -1.73
C ILE G 94 -9.34 36.69 -0.73
N ILE G 95 -8.47 35.71 -0.99
CA ILE G 95 -7.35 35.53 -0.05
C ILE G 95 -6.24 36.58 -0.25
N GLY G 96 -6.14 37.20 -1.43
CA GLY G 96 -5.11 38.19 -1.64
C GLY G 96 -5.60 39.56 -1.24
N TYR G 97 -6.92 39.75 -1.34
CA TYR G 97 -7.50 40.96 -0.79
C TYR G 97 -7.53 40.92 0.72
N ALA G 98 -7.54 39.72 1.30
CA ALA G 98 -7.53 39.60 2.75
C ALA G 98 -6.15 39.82 3.36
N ARG G 99 -5.12 40.12 2.58
CA ARG G 99 -3.80 40.43 3.12
C ARG G 99 -3.49 41.91 3.14
N ASN G 100 -3.95 42.66 2.16
CA ASN G 100 -3.87 44.11 2.19
C ASN G 100 -5.03 44.70 1.42
N PRO G 101 -6.11 45.06 2.13
CA PRO G 101 -7.32 45.56 1.45
C PRO G 101 -7.17 46.93 0.82
N SER G 102 -6.00 47.57 0.90
CA SER G 102 -5.76 48.86 0.29
C SER G 102 -5.38 48.75 -1.18
N LEU G 103 -5.52 47.56 -1.77
CA LEU G 103 -5.21 47.30 -3.17
C LEU G 103 -6.39 46.61 -3.84
N LYS G 104 -7.58 47.18 -3.69
CA LYS G 104 -8.79 46.55 -4.23
C LYS G 104 -8.80 46.56 -5.74
N GLN G 105 -8.50 47.72 -6.35
CA GLN G 105 -8.84 47.93 -7.76
C GLN G 105 -7.91 47.17 -8.70
N GLN G 106 -6.59 47.33 -8.52
CA GLN G 106 -5.67 46.74 -9.49
C GLN G 106 -5.60 45.22 -9.32
N LEU G 107 -5.77 44.75 -8.09
CA LEU G 107 -5.79 43.32 -7.84
C LEU G 107 -7.06 42.70 -8.39
N PHE G 108 -8.19 43.42 -8.28
CA PHE G 108 -9.42 42.96 -8.92
C PHE G 108 -9.31 42.96 -10.44
N SER G 109 -8.52 43.89 -11.00
CA SER G 109 -8.35 43.88 -12.46
C SER G 109 -7.47 42.72 -12.92
N TYR G 110 -6.45 42.37 -12.14
CA TYR G 110 -5.72 41.14 -12.44
C TYR G 110 -6.59 39.90 -12.26
N ALA G 111 -7.52 39.93 -11.30
CA ALA G 111 -8.44 38.82 -11.15
C ALA G 111 -9.41 38.72 -12.33
N ILE G 112 -9.86 39.84 -12.87
CA ILE G 112 -10.76 39.78 -14.02
C ILE G 112 -9.98 39.42 -15.28
N LEU G 113 -8.67 39.68 -15.30
CA LEU G 113 -7.84 39.19 -16.41
C LEU G 113 -7.71 37.67 -16.36
N GLY G 114 -7.44 37.12 -15.17
CA GLY G 114 -7.38 35.67 -15.03
C GLY G 114 -8.72 35.00 -15.32
N PHE G 115 -9.81 35.64 -14.91
CA PHE G 115 -11.16 35.18 -15.25
C PHE G 115 -11.39 35.18 -16.75
N ALA G 116 -11.05 36.28 -17.44
CA ALA G 116 -11.28 36.37 -18.87
C ALA G 116 -10.41 35.39 -19.64
N LEU G 117 -9.24 35.06 -19.12
CA LEU G 117 -8.39 34.11 -19.83
C LEU G 117 -8.85 32.66 -19.60
N SER G 118 -9.37 32.34 -18.41
CA SER G 118 -9.96 31.01 -18.23
C SER G 118 -11.28 30.87 -18.99
N GLU G 119 -12.04 31.96 -19.13
CA GLU G 119 -13.19 31.94 -20.01
C GLU G 119 -12.78 31.81 -21.47
N ALA G 120 -11.62 32.37 -21.83
CA ALA G 120 -11.11 32.19 -23.18
C ALA G 120 -10.81 30.72 -23.47
N MET G 121 -10.22 30.02 -22.49
CA MET G 121 -9.95 28.59 -22.72
C MET G 121 -11.23 27.75 -22.71
N GLY G 122 -12.16 28.07 -21.81
CA GLY G 122 -13.42 27.35 -21.77
C GLY G 122 -14.27 27.55 -23.02
N LEU G 123 -14.41 28.81 -23.45
CA LEU G 123 -15.15 29.10 -24.67
C LEU G 123 -14.38 28.68 -25.92
N PHE G 124 -13.06 28.52 -25.85
CA PHE G 124 -12.33 27.99 -26.99
C PHE G 124 -12.63 26.51 -27.16
N CYS G 125 -12.66 25.77 -26.03
CA CYS G 125 -13.08 24.38 -26.07
C CYS G 125 -14.53 24.23 -26.50
N LEU G 126 -15.41 25.12 -26.05
CA LEU G 126 -16.81 25.03 -26.46
C LEU G 126 -17.01 25.49 -27.91
N MET G 127 -16.11 26.33 -28.43
CA MET G 127 -16.08 26.61 -29.85
C MET G 127 -15.78 25.35 -30.65
N VAL G 128 -14.80 24.56 -30.17
CA VAL G 128 -14.52 23.28 -30.84
C VAL G 128 -15.70 22.32 -30.69
N ALA G 129 -16.43 22.38 -29.57
CA ALA G 129 -17.60 21.53 -29.37
C ALA G 129 -18.72 21.88 -30.36
N PHE G 130 -19.06 23.16 -30.48
CA PHE G 130 -20.07 23.56 -31.46
C PHE G 130 -19.59 23.37 -32.90
N LEU G 131 -18.29 23.43 -33.14
CA LEU G 131 -17.80 23.19 -34.50
C LEU G 131 -17.95 21.72 -34.88
N ILE G 132 -17.65 20.81 -33.95
CA ILE G 132 -17.88 19.38 -34.19
C ILE G 132 -19.37 19.10 -34.34
N LEU G 133 -20.21 19.78 -33.57
CA LEU G 133 -21.64 19.52 -33.65
C LEU G 133 -22.25 20.06 -34.94
N PHE G 134 -21.81 21.23 -35.39
CA PHE G 134 -22.48 21.94 -36.48
C PHE G 134 -21.56 22.21 -37.66
N ALA G 135 -20.56 21.35 -37.87
CA ALA G 135 -19.77 21.38 -39.09
C ALA G 135 -19.25 19.98 -39.42
N ASP H 62 -33.75 4.41 -31.50
CA ASP H 62 -32.66 4.01 -32.38
C ASP H 62 -31.32 4.61 -31.97
N ILE H 63 -30.36 4.56 -32.89
CA ILE H 63 -29.00 4.99 -32.61
C ILE H 63 -28.90 6.50 -32.41
N ASP H 64 -29.84 7.27 -32.98
CA ASP H 64 -29.81 8.72 -32.83
C ASP H 64 -30.18 9.14 -31.42
N THR H 65 -31.30 8.63 -30.91
CA THR H 65 -31.70 8.89 -29.53
C THR H 65 -30.73 8.27 -28.54
N ALA H 66 -30.15 7.13 -28.92
CA ALA H 66 -29.12 6.47 -28.12
C ALA H 66 -27.91 7.38 -27.90
N ALA H 67 -27.34 7.89 -28.98
CA ALA H 67 -26.18 8.76 -28.82
C ALA H 67 -26.56 10.15 -28.33
N LYS H 68 -27.83 10.56 -28.46
CA LYS H 68 -28.30 11.72 -27.71
C LYS H 68 -28.15 11.51 -26.21
N PHE H 69 -28.53 10.32 -25.72
CA PHE H 69 -28.36 10.00 -24.31
C PHE H 69 -26.89 9.97 -23.92
N ILE H 70 -26.04 9.39 -24.76
CA ILE H 70 -24.60 9.32 -24.46
C ILE H 70 -23.98 10.71 -24.42
N GLY H 71 -24.29 11.55 -25.40
CA GLY H 71 -23.70 12.89 -25.46
C GLY H 71 -24.19 13.78 -24.34
N ALA H 72 -25.49 13.75 -24.05
CA ALA H 72 -25.98 14.57 -22.95
C ALA H 72 -25.63 14.01 -21.58
N GLY H 73 -25.21 12.76 -21.49
CA GLY H 73 -24.66 12.29 -20.23
C GLY H 73 -23.20 12.62 -20.10
N ALA H 74 -22.50 12.72 -21.22
CA ALA H 74 -21.08 13.01 -21.19
C ALA H 74 -20.78 14.49 -21.16
N ALA H 75 -21.79 15.34 -21.23
CA ALA H 75 -21.61 16.78 -21.07
C ALA H 75 -22.12 17.29 -19.73
N THR H 76 -22.51 16.40 -18.84
CA THR H 76 -22.75 16.76 -17.45
C THR H 76 -21.49 16.49 -16.61
N VAL H 77 -20.39 16.17 -17.27
CA VAL H 77 -19.11 16.08 -16.59
C VAL H 77 -18.59 17.47 -16.25
N GLY H 78 -19.02 18.50 -16.97
CA GLY H 78 -18.61 19.86 -16.67
C GLY H 78 -19.21 20.46 -15.43
N VAL H 79 -20.16 19.78 -14.79
CA VAL H 79 -20.64 20.19 -13.47
C VAL H 79 -19.59 19.95 -12.41
N ALA H 80 -18.64 19.04 -12.66
CA ALA H 80 -17.49 18.88 -11.79
C ALA H 80 -16.64 20.15 -11.73
N GLY H 81 -16.62 20.93 -12.80
CA GLY H 81 -15.93 22.21 -12.76
C GLY H 81 -16.59 23.20 -11.83
N SER H 82 -17.92 23.26 -11.84
CA SER H 82 -18.63 24.11 -10.89
C SER H 82 -18.43 23.61 -9.47
N GLY H 83 -18.39 22.30 -9.27
CA GLY H 83 -18.15 21.71 -7.98
C GLY H 83 -16.81 22.08 -7.38
N ALA H 84 -15.74 21.81 -8.13
CA ALA H 84 -14.40 22.14 -7.66
C ALA H 84 -14.19 23.65 -7.59
N GLY H 85 -14.84 24.41 -8.46
CA GLY H 85 -14.70 25.85 -8.45
C GLY H 85 -15.30 26.48 -7.22
N ILE H 86 -16.55 26.11 -6.87
CA ILE H 86 -17.13 26.73 -5.69
C ILE H 86 -16.58 26.11 -4.42
N GLY H 87 -16.03 24.89 -4.48
CA GLY H 87 -15.29 24.37 -3.36
C GLY H 87 -14.05 25.20 -3.06
N THR H 88 -13.27 25.52 -4.11
CA THR H 88 -12.10 26.38 -3.94
C THR H 88 -12.50 27.79 -3.53
N VAL H 89 -13.64 28.29 -4.00
CA VAL H 89 -14.07 29.64 -3.64
C VAL H 89 -14.44 29.72 -2.17
N PHE H 90 -15.29 28.82 -1.68
CA PHE H 90 -15.67 28.92 -0.27
C PHE H 90 -14.55 28.48 0.66
N GLY H 91 -13.65 27.62 0.19
CA GLY H 91 -12.46 27.33 0.97
C GLY H 91 -11.55 28.53 1.10
N SER H 92 -11.35 29.26 0.01
CA SER H 92 -10.55 30.46 0.13
C SER H 92 -11.30 31.57 0.87
N LEU H 93 -12.63 31.51 0.91
CA LEU H 93 -13.39 32.41 1.77
C LEU H 93 -13.09 32.15 3.23
N ILE H 94 -13.06 30.89 3.65
CA ILE H 94 -12.87 30.67 5.08
C ILE H 94 -11.40 30.86 5.49
N ILE H 95 -10.44 30.62 4.59
CA ILE H 95 -9.07 30.96 4.99
C ILE H 95 -8.82 32.47 4.90
N GLY H 96 -9.44 33.18 3.94
CA GLY H 96 -9.29 34.62 3.91
C GLY H 96 -10.07 35.32 4.99
N TYR H 97 -11.12 34.69 5.50
CA TYR H 97 -11.85 35.20 6.64
C TYR H 97 -11.11 34.91 7.93
N ALA H 98 -10.34 33.82 7.97
CA ALA H 98 -9.52 33.55 9.14
C ALA H 98 -8.44 34.59 9.37
N ARG H 99 -7.96 35.27 8.32
CA ARG H 99 -6.88 36.23 8.49
C ARG H 99 -7.38 37.54 9.10
N ASN H 100 -8.34 38.20 8.44
CA ASN H 100 -8.89 39.46 8.92
C ASN H 100 -10.41 39.37 9.00
N PRO H 101 -10.95 38.94 10.15
CA PRO H 101 -12.41 38.88 10.31
C PRO H 101 -13.11 40.23 10.39
N SER H 102 -12.38 41.34 10.36
CA SER H 102 -12.96 42.67 10.32
C SER H 102 -13.57 43.02 8.97
N LEU H 103 -13.45 42.14 7.97
CA LEU H 103 -13.95 42.36 6.63
C LEU H 103 -14.81 41.19 6.19
N LYS H 104 -15.78 40.81 7.02
CA LYS H 104 -16.63 39.65 6.72
C LYS H 104 -17.53 39.92 5.52
N GLN H 105 -18.17 41.08 5.49
CA GLN H 105 -19.27 41.33 4.56
C GLN H 105 -18.77 41.47 3.12
N GLN H 106 -17.73 42.28 2.91
CA GLN H 106 -17.26 42.52 1.55
C GLN H 106 -16.55 41.28 0.99
N LEU H 107 -15.89 40.52 1.86
CA LEU H 107 -15.22 39.30 1.42
C LEU H 107 -16.25 38.24 1.05
N PHE H 108 -17.36 38.18 1.79
CA PHE H 108 -18.45 37.28 1.42
C PHE H 108 -19.12 37.76 0.13
N SER H 109 -19.12 39.06 -0.14
CA SER H 109 -19.66 39.56 -1.40
C SER H 109 -18.81 39.09 -2.59
N TYR H 110 -17.48 39.20 -2.47
CA TYR H 110 -16.62 38.65 -3.52
C TYR H 110 -16.71 37.13 -3.62
N ALA H 111 -16.92 36.44 -2.49
CA ALA H 111 -17.06 34.99 -2.55
C ALA H 111 -18.36 34.57 -3.23
N ILE H 112 -19.44 35.32 -3.01
CA ILE H 112 -20.68 34.98 -3.69
C ILE H 112 -20.62 35.40 -5.16
N LEU H 113 -19.75 36.36 -5.51
CA LEU H 113 -19.50 36.62 -6.92
C LEU H 113 -18.78 35.45 -7.58
N GLY H 114 -17.78 34.89 -6.90
CA GLY H 114 -17.08 33.72 -7.43
C GLY H 114 -17.98 32.50 -7.53
N PHE H 115 -18.86 32.33 -6.54
CA PHE H 115 -19.87 31.27 -6.59
C PHE H 115 -20.82 31.45 -7.77
N ALA H 116 -21.30 32.67 -7.98
CA ALA H 116 -22.24 32.91 -9.08
C ALA H 116 -21.59 32.72 -10.43
N LEU H 117 -20.30 33.01 -10.57
CA LEU H 117 -19.67 32.83 -11.87
C LEU H 117 -19.28 31.38 -12.13
N SER H 118 -18.85 30.63 -11.11
CA SER H 118 -18.67 29.19 -11.32
C SER H 118 -20.00 28.48 -11.54
N GLU H 119 -21.06 28.96 -10.89
CA GLU H 119 -22.39 28.41 -11.15
C GLU H 119 -22.87 28.76 -12.54
N ALA H 120 -22.48 29.93 -13.05
CA ALA H 120 -22.82 30.30 -14.42
C ALA H 120 -22.11 29.40 -15.42
N MET H 121 -20.85 29.05 -15.14
CA MET H 121 -20.18 28.09 -16.03
C MET H 121 -20.76 26.68 -15.91
N GLY H 122 -21.19 26.30 -14.71
CA GLY H 122 -21.84 25.00 -14.54
C GLY H 122 -23.16 24.92 -15.28
N LEU H 123 -23.99 25.95 -15.16
CA LEU H 123 -25.23 26.02 -15.92
C LEU H 123 -24.99 26.20 -17.41
N PHE H 124 -23.86 26.80 -17.79
CA PHE H 124 -23.52 26.95 -19.19
C PHE H 124 -23.24 25.59 -19.82
N CYS H 125 -22.43 24.78 -19.14
CA CYS H 125 -22.13 23.44 -19.63
C CYS H 125 -23.36 22.53 -19.56
N LEU H 126 -24.16 22.65 -18.50
CA LEU H 126 -25.35 21.81 -18.40
C LEU H 126 -26.43 22.25 -19.37
N MET H 127 -26.42 23.52 -19.78
CA MET H 127 -27.32 23.98 -20.82
C MET H 127 -26.91 23.43 -22.18
N VAL H 128 -25.60 23.32 -22.43
CA VAL H 128 -25.17 22.63 -23.64
C VAL H 128 -25.54 21.16 -23.62
N ALA H 129 -25.49 20.55 -22.42
CA ALA H 129 -25.92 19.15 -22.26
C ALA H 129 -27.40 18.98 -22.57
N PHE H 130 -28.26 19.85 -22.03
CA PHE H 130 -29.69 19.74 -22.34
C PHE H 130 -30.02 20.18 -23.76
N LEU H 131 -29.20 21.03 -24.38
CA LEU H 131 -29.40 21.35 -25.79
C LEU H 131 -29.10 20.14 -26.66
N ILE H 132 -28.09 19.35 -26.29
CA ILE H 132 -27.86 18.08 -26.97
C ILE H 132 -29.01 17.11 -26.69
N LEU H 133 -29.54 17.12 -25.47
CA LEU H 133 -30.59 16.17 -25.11
C LEU H 133 -31.91 16.49 -25.79
N PHE H 134 -32.16 17.76 -26.12
CA PHE H 134 -33.44 18.12 -26.71
C PHE H 134 -33.26 19.04 -27.92
N ALA H 135 -32.24 18.77 -28.73
CA ALA H 135 -32.08 19.43 -30.02
C ALA H 135 -31.32 18.53 -30.98
N PRO I 43 15.31 -18.71 38.43
CA PRO I 43 16.51 -18.30 37.71
C PRO I 43 16.72 -19.11 36.44
N VAL I 44 17.34 -18.48 35.45
CA VAL I 44 17.57 -19.09 34.15
C VAL I 44 19.08 -19.09 33.94
N PRO I 45 19.67 -20.15 33.38
CA PRO I 45 21.08 -20.06 32.99
C PRO I 45 21.27 -19.01 31.92
N PRO I 46 22.44 -18.37 31.89
CA PRO I 46 22.62 -17.21 31.01
C PRO I 46 22.69 -17.60 29.55
N LEU I 47 22.44 -16.63 28.70
CA LEU I 47 22.55 -16.84 27.26
C LEU I 47 24.01 -17.12 26.91
N PRO I 48 24.27 -17.98 25.94
CA PRO I 48 25.63 -18.07 25.40
C PRO I 48 25.97 -16.80 24.65
N GLU I 49 27.19 -16.31 24.86
CA GLU I 49 27.58 -15.02 24.32
C GLU I 49 27.80 -15.08 22.82
N HIS I 50 28.02 -16.26 22.27
CA HIS I 50 27.99 -16.49 20.83
C HIS I 50 27.43 -17.86 20.54
N GLY I 51 26.61 -17.95 19.49
CA GLY I 51 26.13 -19.24 19.05
C GLY I 51 26.09 -19.37 17.54
N GLY I 52 26.82 -20.34 17.02
CA GLY I 52 26.79 -20.66 15.61
C GLY I 52 27.53 -19.72 14.70
N LYS I 53 28.17 -20.28 13.67
CA LYS I 53 28.87 -19.49 12.68
C LYS I 53 28.29 -19.79 11.32
N VAL I 54 27.94 -18.75 10.58
CA VAL I 54 27.22 -18.88 9.32
C VAL I 54 27.98 -18.11 8.25
N ARG I 55 28.38 -18.79 7.18
CA ARG I 55 29.32 -18.20 6.22
C ARG I 55 28.66 -17.13 5.37
N PHE I 56 27.69 -17.53 4.55
CA PHE I 56 26.89 -16.57 3.79
C PHE I 56 25.75 -16.11 4.68
N GLY I 57 24.71 -15.53 4.07
CA GLY I 57 23.57 -15.17 4.87
C GLY I 57 22.81 -16.34 5.46
N LEU I 58 22.91 -17.53 4.86
CA LEU I 58 21.96 -18.58 5.18
C LEU I 58 22.50 -20.01 5.28
N ILE I 59 23.81 -20.23 5.21
CA ILE I 59 24.31 -21.60 5.35
C ILE I 59 25.43 -21.67 6.38
N PRO I 60 25.42 -22.67 7.27
CA PRO I 60 26.30 -22.63 8.43
C PRO I 60 27.71 -23.11 8.12
N GLU I 61 28.63 -22.74 9.01
CA GLU I 61 29.99 -23.26 8.98
C GLU I 61 30.04 -24.72 9.41
N GLU I 62 29.02 -25.17 10.15
CA GLU I 62 28.91 -26.57 10.54
C GLU I 62 28.83 -27.48 9.33
N PHE I 63 28.15 -27.03 8.27
CA PHE I 63 28.11 -27.78 7.02
C PHE I 63 29.47 -27.83 6.34
N PHE I 64 30.24 -26.75 6.44
CA PHE I 64 31.55 -26.73 5.79
C PHE I 64 32.51 -27.68 6.49
N GLN I 65 32.51 -27.66 7.82
CA GLN I 65 33.34 -28.61 8.56
C GLN I 65 32.78 -30.02 8.49
N PHE I 66 31.48 -30.15 8.20
CA PHE I 66 30.89 -31.45 7.89
C PHE I 66 31.39 -32.00 6.56
N LEU I 67 31.74 -31.12 5.63
CA LEU I 67 32.12 -31.53 4.28
C LEU I 67 33.60 -31.33 3.99
N TYR I 68 34.35 -30.72 4.91
CA TYR I 68 35.76 -30.43 4.69
C TYR I 68 36.69 -31.64 4.50
N PRO I 69 36.63 -32.75 5.27
CA PRO I 69 37.65 -33.79 5.09
C PRO I 69 37.56 -34.55 3.77
N LYS I 70 36.40 -34.58 3.13
CA LYS I 70 36.28 -35.33 1.88
C LYS I 70 36.58 -34.48 0.66
N THR I 71 36.23 -33.19 0.66
CA THR I 71 36.39 -32.42 -0.56
C THR I 71 36.88 -30.99 -0.36
N GLY I 72 37.57 -30.68 0.73
CA GLY I 72 38.31 -29.43 0.83
C GLY I 72 37.49 -28.21 1.17
N VAL I 73 37.91 -27.05 0.66
CA VAL I 73 37.23 -25.80 0.96
C VAL I 73 36.45 -25.35 -0.27
N THR I 74 36.87 -25.81 -1.45
CA THR I 74 36.09 -25.60 -2.65
C THR I 74 34.98 -26.61 -2.82
N GLY I 75 34.89 -27.58 -1.91
CA GLY I 75 33.88 -28.60 -1.94
C GLY I 75 32.43 -28.13 -1.86
N PRO I 76 32.06 -27.47 -0.76
CA PRO I 76 30.68 -26.96 -0.68
C PRO I 76 30.39 -25.83 -1.63
N TYR I 77 31.40 -25.04 -1.99
CA TYR I 77 31.20 -24.01 -3.00
C TYR I 77 30.92 -24.62 -4.36
N VAL I 78 31.63 -25.69 -4.71
CA VAL I 78 31.38 -26.32 -6.00
C VAL I 78 30.13 -27.17 -5.95
N LEU I 79 29.70 -27.61 -4.76
CA LEU I 79 28.43 -28.30 -4.64
C LEU I 79 27.28 -27.32 -4.79
N GLY I 80 27.43 -26.11 -4.27
CA GLY I 80 26.44 -25.08 -4.51
C GLY I 80 26.39 -24.65 -5.95
N THR I 81 27.55 -24.56 -6.60
CA THR I 81 27.60 -24.24 -8.03
C THR I 81 26.95 -25.33 -8.86
N GLY I 82 27.16 -26.59 -8.48
CA GLY I 82 26.51 -27.68 -9.20
C GLY I 82 25.01 -27.74 -8.97
N LEU I 83 24.56 -27.43 -7.75
CA LEU I 83 23.12 -27.38 -7.52
C LEU I 83 22.48 -26.20 -8.23
N ILE I 84 23.17 -25.07 -8.38
CA ILE I 84 22.59 -23.98 -9.17
C ILE I 84 22.58 -24.34 -10.65
N LEU I 85 23.62 -25.00 -11.14
CA LEU I 85 23.69 -25.40 -12.54
C LEU I 85 22.87 -26.65 -12.85
N TYR I 86 22.29 -27.28 -11.83
CA TYR I 86 21.27 -28.30 -12.04
C TYR I 86 19.86 -27.78 -11.82
N LEU I 87 19.68 -26.80 -10.93
CA LEU I 87 18.40 -26.11 -10.85
C LEU I 87 18.12 -25.28 -12.10
N LEU I 88 19.14 -24.94 -12.86
CA LEU I 88 18.97 -24.53 -14.24
C LEU I 88 19.36 -25.71 -15.12
N SER I 89 18.91 -25.70 -16.37
CA SER I 89 19.12 -26.69 -17.43
C SER I 89 18.43 -28.02 -17.21
N LYS I 90 17.79 -28.24 -16.07
CA LYS I 90 16.83 -29.31 -15.94
C LYS I 90 15.51 -28.78 -15.43
N GLU I 91 15.41 -27.46 -15.24
CA GLU I 91 14.15 -26.73 -15.10
C GLU I 91 13.36 -27.16 -13.88
N ILE I 92 14.04 -27.62 -12.84
CA ILE I 92 13.40 -27.74 -11.55
C ILE I 92 13.25 -26.35 -10.93
N TYR I 93 14.03 -25.37 -11.39
CA TYR I 93 13.79 -23.96 -11.10
C TYR I 93 13.59 -23.21 -12.42
N VAL I 94 12.35 -22.83 -12.71
CA VAL I 94 12.01 -22.16 -13.95
C VAL I 94 12.43 -20.70 -13.87
N ILE I 95 12.46 -20.02 -15.02
CA ILE I 95 12.67 -18.58 -15.02
C ILE I 95 11.32 -17.89 -15.10
N THR I 96 10.74 -17.64 -13.93
CA THR I 96 9.45 -17.02 -13.83
C THR I 96 9.61 -15.52 -14.11
N PRO I 97 8.53 -14.79 -14.39
CA PRO I 97 8.59 -13.34 -14.23
C PRO I 97 8.78 -12.89 -12.80
N GLU I 98 8.58 -13.76 -11.80
CA GLU I 98 8.87 -13.47 -10.42
C GLU I 98 10.36 -13.63 -10.07
N THR I 99 11.20 -14.06 -11.00
CA THR I 99 12.59 -14.25 -10.62
C THR I 99 13.37 -12.96 -10.62
N PHE I 100 12.93 -11.94 -11.37
CA PHE I 100 13.59 -10.64 -11.25
C PHE I 100 13.10 -9.90 -10.02
N SER I 101 11.87 -10.17 -9.60
CA SER I 101 11.42 -9.75 -8.27
C SER I 101 12.20 -10.45 -7.18
N ALA I 102 12.58 -11.71 -7.39
CA ALA I 102 13.41 -12.43 -6.42
C ALA I 102 14.78 -11.79 -6.30
N ILE I 103 15.42 -11.53 -7.44
CA ILE I 103 16.72 -10.86 -7.47
C ILE I 103 16.64 -9.50 -6.80
N SER I 104 15.57 -8.75 -7.07
CA SER I 104 15.48 -7.40 -6.54
C SER I 104 15.14 -7.37 -5.06
N THR I 105 14.25 -8.23 -4.58
CA THR I 105 13.93 -8.24 -3.15
C THR I 105 15.10 -8.76 -2.32
N ILE I 106 15.78 -9.82 -2.79
CA ILE I 106 16.95 -10.29 -2.07
C ILE I 106 18.10 -9.30 -2.17
N GLY I 107 18.19 -8.55 -3.27
CA GLY I 107 19.20 -7.51 -3.37
C GLY I 107 18.93 -6.34 -2.43
N PHE I 108 17.67 -5.93 -2.32
CA PHE I 108 17.31 -4.88 -1.37
C PHE I 108 17.54 -5.33 0.07
N LEU I 109 17.29 -6.61 0.36
CA LEU I 109 17.49 -7.07 1.74
C LEU I 109 18.96 -7.22 2.07
N VAL I 110 19.79 -7.66 1.12
CA VAL I 110 21.23 -7.67 1.35
C VAL I 110 21.76 -6.25 1.49
N TYR I 111 21.17 -5.29 0.78
CA TYR I 111 21.56 -3.89 0.93
C TYR I 111 21.22 -3.36 2.33
N VAL I 112 20.03 -3.67 2.82
CA VAL I 112 19.63 -3.20 4.14
C VAL I 112 20.46 -3.87 5.23
N VAL I 113 20.72 -5.17 5.10
CA VAL I 113 21.48 -5.89 6.12
C VAL I 113 22.95 -5.45 6.12
N LYS I 114 23.52 -5.17 4.95
CA LYS I 114 24.90 -4.72 4.94
C LYS I 114 25.04 -3.27 5.39
N LYS I 115 24.25 -2.35 4.83
CA LYS I 115 24.47 -0.95 5.15
C LYS I 115 23.82 -0.54 6.45
N TYR I 116 22.49 -0.65 6.54
CA TYR I 116 21.77 -0.26 7.76
C TYR I 116 21.60 -1.46 8.70
N GLY I 117 22.71 -2.17 8.93
CA GLY I 117 22.61 -3.35 9.76
C GLY I 117 23.43 -3.31 11.03
N ALA I 118 24.60 -2.68 10.97
CA ALA I 118 25.40 -2.57 12.18
C ALA I 118 24.84 -1.53 13.13
N SER I 119 24.10 -0.54 12.61
CA SER I 119 23.46 0.43 13.48
C SER I 119 22.31 -0.20 14.24
N VAL I 120 21.57 -1.10 13.60
CA VAL I 120 20.55 -1.88 14.32
C VAL I 120 21.24 -2.87 15.26
N GLY I 121 22.44 -3.32 14.89
CA GLY I 121 23.27 -4.11 15.76
C GLY I 121 23.66 -3.39 17.04
N GLU I 122 24.21 -2.18 16.95
CA GLU I 122 24.61 -1.47 18.15
C GLU I 122 23.40 -0.97 18.94
N PHE I 123 22.28 -0.73 18.26
CA PHE I 123 21.08 -0.27 18.95
C PHE I 123 20.42 -1.41 19.72
N ALA I 124 20.53 -2.63 19.21
CA ALA I 124 19.94 -3.78 19.91
C ALA I 124 20.70 -4.07 21.20
N ASP I 125 21.99 -3.73 21.23
CA ASP I 125 22.80 -4.00 22.40
C ASP I 125 22.62 -2.89 23.44
N LYS I 126 22.34 -1.67 22.97
CA LYS I 126 22.21 -0.52 23.87
C LYS I 126 20.98 -0.64 24.76
N LEU I 127 19.94 -1.32 24.29
CA LEU I 127 18.73 -1.49 25.08
C LEU I 127 18.97 -2.36 26.32
N ASN I 128 19.58 -3.52 26.11
CA ASN I 128 19.91 -4.39 27.23
C ASN I 128 20.97 -3.75 28.13
N GLU I 129 21.94 -3.06 27.52
CA GLU I 129 22.98 -2.40 28.30
C GLU I 129 22.38 -1.26 29.13
N GLN I 130 21.34 -0.61 28.62
CA GLN I 130 20.70 0.49 29.33
C GLN I 130 19.86 -0.03 30.49
N LYS I 131 19.14 -1.14 30.28
CA LYS I 131 18.40 -1.75 31.38
C LYS I 131 19.33 -2.25 32.47
N ILE I 132 20.46 -2.85 32.08
CA ILE I 132 21.46 -3.30 33.05
C ILE I 132 22.06 -2.13 33.81
N ALA I 133 22.39 -1.04 33.10
CA ALA I 133 22.99 0.12 33.75
C ALA I 133 22.03 0.78 34.72
N GLN I 134 20.75 0.86 34.35
CA GLN I 134 19.78 1.52 35.22
C GLN I 134 19.50 0.68 36.46
N LEU I 135 19.29 -0.63 36.28
CA LEU I 135 19.07 -1.51 37.43
C LEU I 135 20.31 -1.60 38.32
N GLU I 136 21.50 -1.50 37.73
CA GLU I 136 22.72 -1.59 38.51
C GLU I 136 22.94 -0.31 39.31
N GLU I 137 22.55 0.84 38.74
CA GLU I 137 22.58 2.08 39.50
C GLU I 137 21.59 2.04 40.65
N VAL I 138 20.44 1.42 40.44
CA VAL I 138 19.46 1.25 41.52
C VAL I 138 20.03 0.36 42.63
N LYS I 139 20.75 -0.70 42.25
CA LYS I 139 21.31 -1.61 43.25
C LYS I 139 22.42 -0.93 44.06
N GLN I 140 23.30 -0.18 43.38
CA GLN I 140 24.32 0.58 44.10
C GLN I 140 23.70 1.64 45.01
N ALA I 141 22.64 2.31 44.54
CA ALA I 141 22.00 3.34 45.35
C ALA I 141 21.34 2.74 46.59
N SER I 142 20.75 1.56 46.45
CA SER I 142 20.07 0.97 47.60
C SER I 142 21.05 0.39 48.60
N ILE I 143 22.16 -0.20 48.13
CA ILE I 143 23.14 -0.72 49.10
C ILE I 143 23.89 0.44 49.75
N LYS I 144 24.04 1.56 49.03
CA LYS I 144 24.64 2.74 49.62
C LYS I 144 23.71 3.36 50.65
N GLN I 145 22.40 3.28 50.41
CA GLN I 145 21.44 3.80 51.37
C GLN I 145 21.38 2.94 52.62
N ILE I 146 21.54 1.62 52.46
CA ILE I 146 21.55 0.74 53.63
C ILE I 146 22.83 0.94 54.45
N GLN I 147 23.98 1.07 53.78
CA GLN I 147 25.21 1.40 54.50
C GLN I 147 25.14 2.78 55.13
N ASP I 148 24.43 3.71 54.51
CA ASP I 148 24.22 5.03 55.09
C ASP I 148 23.38 4.94 56.36
N ALA I 149 22.34 4.11 56.34
CA ALA I 149 21.50 3.96 57.52
C ALA I 149 22.26 3.29 58.67
N ILE I 150 23.09 2.30 58.33
CA ILE I 150 23.94 1.66 59.34
C ILE I 150 24.94 2.66 59.92
N ASP I 151 25.49 3.53 59.06
CA ASP I 151 26.40 4.57 59.52
C ASP I 151 25.72 5.58 60.44
N MET I 152 24.51 6.00 60.08
CA MET I 152 23.75 6.95 60.89
C MET I 152 23.43 6.38 62.26
N GLU I 153 22.97 5.12 62.30
CA GLU I 153 22.68 4.51 63.59
C GLU I 153 23.95 4.32 64.43
N LYS I 154 25.05 3.89 63.80
CA LYS I 154 26.26 3.64 64.56
C LYS I 154 26.84 4.93 65.11
N SER I 155 26.70 6.02 64.35
CA SER I 155 27.06 7.35 64.87
C SER I 155 26.15 7.76 66.01
N GLN I 156 24.84 7.48 65.91
CA GLN I 156 23.92 7.78 67.00
C GLN I 156 24.22 6.96 68.25
N GLN I 157 24.66 5.72 68.06
CA GLN I 157 24.96 4.87 69.21
C GLN I 157 26.26 5.31 69.87
N ALA I 158 27.21 5.79 69.07
CA ALA I 158 28.43 6.37 69.63
C ALA I 158 28.13 7.66 70.40
N LEU I 159 27.21 8.49 69.89
CA LEU I 159 26.87 9.73 70.57
C LEU I 159 26.03 9.48 71.84
N VAL I 160 25.23 8.43 71.85
CA VAL I 160 24.52 8.07 73.08
C VAL I 160 25.49 7.50 74.10
N GLN I 161 26.38 6.62 73.66
CA GLN I 161 27.44 6.12 74.52
C GLN I 161 28.49 7.21 74.73
N CYS J 101 16.11 4.67 77.56
CA CYS J 101 17.25 4.79 76.66
C CYS J 101 17.77 3.41 76.26
N ALA J 102 17.70 2.46 77.18
CA ALA J 102 18.18 1.11 76.88
C ALA J 102 17.19 0.36 76.00
N GLU J 103 15.90 0.63 76.15
CA GLU J 103 14.92 0.06 75.24
C GLU J 103 15.03 0.67 73.84
N PHE J 104 15.38 1.96 73.78
CA PHE J 104 15.76 2.59 72.51
C PHE J 104 17.00 1.93 71.92
N LEU J 105 17.96 1.55 72.77
CA LEU J 105 19.17 0.89 72.32
C LEU J 105 18.87 -0.50 71.75
N ILE J 106 18.01 -1.27 72.42
CA ILE J 106 17.71 -2.61 71.92
C ILE J 106 16.81 -2.53 70.67
N GLN J 107 15.97 -1.49 70.57
CA GLN J 107 15.23 -1.29 69.33
C GLN J 107 16.16 -0.93 68.18
N SER J 108 17.17 -0.11 68.44
CA SER J 108 18.15 0.19 67.41
C SER J 108 18.99 -1.03 67.04
N LYS J 109 19.33 -1.89 68.01
CA LYS J 109 20.10 -3.09 67.68
C LYS J 109 19.30 -4.06 66.83
N THR J 110 17.99 -4.16 67.08
CA THR J 110 17.13 -4.89 66.15
C THR J 110 17.09 -4.23 64.78
N ARG J 111 17.11 -2.90 64.75
CA ARG J 111 17.08 -2.17 63.49
C ARG J 111 18.37 -2.39 62.68
N ILE J 112 19.51 -2.42 63.36
CA ILE J 112 20.78 -2.63 62.66
C ILE J 112 20.92 -4.09 62.25
N GLN J 113 20.31 -5.03 62.98
CA GLN J 113 20.36 -6.41 62.52
C GLN J 113 19.49 -6.61 61.29
N GLU J 114 18.35 -5.91 61.23
CA GLU J 114 17.53 -6.00 60.02
C GLU J 114 18.17 -5.29 58.84
N TYR J 115 18.85 -4.17 59.09
CA TYR J 115 19.62 -3.50 58.04
C TYR J 115 20.74 -4.38 57.53
N GLU J 116 21.44 -5.07 58.42
CA GLU J 116 22.51 -5.95 57.99
C GLU J 116 21.98 -7.15 57.23
N LYS J 117 20.80 -7.65 57.61
CA LYS J 117 20.22 -8.78 56.89
C LYS J 117 19.79 -8.37 55.48
N GLU J 118 19.21 -7.18 55.35
CA GLU J 118 18.79 -6.73 54.02
C GLU J 118 19.99 -6.37 53.15
N LEU J 119 21.06 -5.88 53.76
CA LEU J 119 22.29 -5.60 53.02
C LEU J 119 22.92 -6.90 52.54
N GLU J 120 22.92 -7.94 53.36
CA GLU J 120 23.46 -9.22 52.94
C GLU J 120 22.58 -9.88 51.89
N LYS J 121 21.28 -9.59 51.93
CA LYS J 121 20.39 -10.07 50.87
C LYS J 121 20.71 -9.39 49.55
N MET J 122 20.86 -8.06 49.55
CA MET J 122 21.01 -7.35 48.29
C MET J 122 22.43 -7.41 47.75
N ARG J 123 23.43 -7.71 48.58
CA ARG J 123 24.74 -8.00 48.03
C ARG J 123 24.77 -9.30 47.25
N ASN J 124 24.18 -10.36 47.80
CA ASN J 124 24.18 -11.66 47.14
C ASN J 124 22.92 -11.75 46.29
N ILE J 125 23.02 -11.21 45.08
CA ILE J 125 21.89 -11.15 44.17
C ILE J 125 22.28 -11.90 42.90
N ILE J 126 21.27 -12.42 42.22
CA ILE J 126 21.39 -12.97 40.87
C ILE J 126 21.94 -11.89 39.95
N PRO J 127 22.91 -12.19 39.06
CA PRO J 127 23.71 -11.12 38.45
C PRO J 127 23.04 -10.27 37.37
N PHE J 128 21.70 -10.25 37.30
CA PHE J 128 20.86 -9.50 36.35
C PHE J 128 20.94 -10.03 34.92
N ASP J 129 21.79 -11.01 34.66
CA ASP J 129 21.80 -11.71 33.39
C ASP J 129 21.02 -13.00 33.51
N GLN J 130 21.09 -13.62 34.68
CA GLN J 130 20.35 -14.82 35.01
C GLN J 130 19.00 -14.51 35.62
N MET J 131 18.47 -13.32 35.38
CA MET J 131 17.32 -12.80 36.11
C MET J 131 16.07 -12.92 35.25
N THR J 132 14.98 -13.35 35.86
CA THR J 132 13.69 -13.37 35.19
C THR J 132 12.97 -12.05 35.45
N ILE J 133 11.67 -12.00 35.15
CA ILE J 133 10.86 -10.90 35.62
C ILE J 133 10.19 -11.27 36.94
N GLU J 134 9.91 -12.56 37.15
CA GLU J 134 9.37 -13.02 38.41
C GLU J 134 10.37 -12.82 39.55
N ASP J 135 11.63 -13.17 39.33
CA ASP J 135 12.64 -12.97 40.36
C ASP J 135 12.96 -11.50 40.55
N LEU J 136 12.78 -10.69 39.51
CA LEU J 136 13.03 -9.26 39.62
C LEU J 136 11.89 -8.56 40.35
N ASN J 137 10.69 -9.14 40.32
CA ASN J 137 9.66 -8.66 41.23
C ASN J 137 9.85 -9.22 42.64
N GLU J 138 10.50 -10.37 42.75
CA GLU J 138 10.73 -10.97 44.05
C GLU J 138 11.76 -10.20 44.87
N VAL J 139 12.81 -9.68 44.20
CA VAL J 139 13.85 -8.98 44.94
C VAL J 139 13.36 -7.64 45.46
N PHE J 140 12.57 -6.91 44.66
CA PHE J 140 11.93 -5.71 45.17
C PHE J 140 10.58 -5.45 44.52
N PRO J 141 9.54 -5.14 45.30
CA PRO J 141 8.18 -5.01 44.76
C PRO J 141 7.89 -3.64 44.14
N GLU J 142 8.92 -2.82 43.94
CA GLU J 142 8.72 -1.48 43.40
C GLU J 142 8.28 -1.53 41.94
N THR J 143 8.66 -2.58 41.24
CA THR J 143 8.51 -2.68 39.79
C THR J 143 7.43 -3.65 39.36
N LYS J 144 6.59 -4.10 40.28
CA LYS J 144 5.62 -5.14 39.95
C LYS J 144 4.38 -4.53 39.31
N LEU J 145 3.98 -5.09 38.17
CA LEU J 145 2.69 -4.75 37.57
C LEU J 145 1.59 -5.29 38.45
N ASP J 146 0.65 -4.43 38.83
CA ASP J 146 -0.25 -4.76 39.93
C ASP J 146 -1.35 -5.74 39.50
N LYS J 147 -1.85 -5.58 38.27
CA LYS J 147 -2.92 -6.38 37.67
C LYS J 147 -4.22 -6.35 38.46
N LYS J 148 -4.42 -5.32 39.29
CA LYS J 148 -5.70 -4.99 39.88
C LYS J 148 -5.83 -3.48 39.73
N LYS J 149 -6.96 -3.06 39.13
CA LYS J 149 -7.23 -1.77 38.48
C LYS J 149 -6.39 -1.57 37.21
N TYR J 150 -5.59 -2.57 36.84
CA TYR J 150 -5.00 -2.65 35.50
C TYR J 150 -4.92 -4.11 35.09
N PRO J 151 -6.06 -4.77 34.86
CA PRO J 151 -6.01 -6.21 34.58
C PRO J 151 -5.68 -6.53 33.15
N TYR J 152 -5.48 -5.54 32.30
CA TYR J 152 -5.29 -5.74 30.87
C TYR J 152 -3.87 -5.36 30.48
N TRP J 153 -3.57 -5.52 29.19
CA TRP J 153 -2.19 -5.30 28.79
C TRP J 153 -2.03 -3.88 28.25
N PRO J 154 -0.91 -3.19 28.54
CA PRO J 154 0.04 -3.52 29.59
C PRO J 154 -0.55 -3.05 30.89
N HIS J 155 -0.03 -3.49 32.02
CA HIS J 155 -0.71 -3.29 33.28
C HIS J 155 -0.33 -1.97 33.94
N ARG J 156 0.10 -1.00 33.14
CA ARG J 156 0.34 0.38 33.52
C ARG J 156 -0.55 1.26 32.65
N PRO J 157 -0.73 2.53 33.00
CA PRO J 157 -1.30 3.46 32.02
C PRO J 157 -0.29 3.70 30.92
N ILE J 158 -0.81 3.91 29.70
CA ILE J 158 0.02 3.96 28.49
C ILE J 158 0.96 5.15 28.52
N GLU J 159 0.51 6.29 29.06
CA GLU J 159 1.34 7.49 29.13
C GLU J 159 2.54 7.33 30.05
N SER J 160 2.53 6.33 30.94
CA SER J 160 3.70 6.03 31.75
C SER J 160 4.73 5.20 30.99
N ASN K 2 -4.15 -14.84 -17.70
CA ASN K 2 -5.32 -15.05 -16.86
C ASN K 2 -4.94 -15.91 -15.65
N GLU K 3 -4.95 -17.23 -15.84
CA GLU K 3 -4.61 -18.15 -14.75
C GLU K 3 -3.15 -18.08 -14.36
N ASN K 4 -2.28 -17.61 -15.25
CA ASN K 4 -0.90 -17.36 -14.87
C ASN K 4 -0.74 -16.01 -14.18
N LEU K 5 -1.62 -15.06 -14.47
CA LEU K 5 -1.48 -13.70 -13.95
C LEU K 5 -1.99 -13.60 -12.52
N PHE K 6 -3.08 -14.27 -12.19
CA PHE K 6 -3.61 -14.34 -10.84
C PHE K 6 -3.22 -15.65 -10.15
N ALA K 7 -2.03 -16.18 -10.43
CA ALA K 7 -1.64 -17.47 -9.91
C ALA K 7 -1.20 -17.40 -8.46
N SER K 8 -0.62 -16.27 -8.04
CA SER K 8 -0.11 -16.17 -6.68
C SER K 8 -1.21 -16.01 -5.64
N PHE K 9 -2.41 -15.64 -6.06
CA PHE K 9 -3.47 -15.26 -5.12
C PHE K 9 -4.40 -16.42 -4.78
N ILE K 10 -4.26 -17.56 -5.48
CA ILE K 10 -5.09 -18.72 -5.21
C ILE K 10 -4.72 -19.28 -3.85
N THR K 11 -5.73 -19.53 -3.01
CA THR K 11 -5.55 -20.06 -1.66
C THR K 11 -4.82 -21.39 -1.69
N PRO K 12 -3.61 -21.47 -1.17
CA PRO K 12 -2.82 -22.69 -1.31
C PRO K 12 -3.35 -23.79 -0.41
N MET K 13 -3.53 -24.97 -1.00
CA MET K 13 -4.04 -26.10 -0.26
C MET K 13 -3.24 -27.34 -0.64
N MET K 14 -3.14 -28.28 0.31
CA MET K 14 -2.56 -29.59 0.08
C MET K 14 -3.56 -30.52 -0.59
N PHE K 15 -3.28 -31.82 -0.45
CA PHE K 15 -4.13 -32.93 -0.90
C PHE K 15 -5.61 -32.68 -0.65
N GLY K 16 -5.96 -32.39 0.60
CA GLY K 16 -7.28 -31.87 0.90
C GLY K 16 -7.22 -30.85 2.01
N LEU K 17 -6.02 -30.58 2.52
CA LEU K 17 -5.89 -29.87 3.77
C LEU K 17 -5.58 -28.39 3.52
N PRO K 18 -5.99 -27.51 4.44
CA PRO K 18 -5.66 -26.09 4.32
C PRO K 18 -4.22 -25.75 4.71
N LEU K 19 -3.31 -25.79 3.73
CA LEU K 19 -1.95 -25.29 3.94
C LEU K 19 -1.92 -23.79 4.27
N VAL K 20 -2.96 -23.04 3.89
CA VAL K 20 -3.03 -21.62 4.19
C VAL K 20 -3.15 -21.35 5.69
N THR K 21 -3.62 -22.34 6.46
CA THR K 21 -3.52 -22.26 7.91
C THR K 21 -2.06 -22.20 8.35
N LEU K 22 -1.20 -23.02 7.75
CA LEU K 22 0.21 -22.99 8.09
C LEU K 22 0.85 -21.70 7.62
N ILE K 23 0.42 -21.17 6.47
CA ILE K 23 0.96 -19.90 5.97
C ILE K 23 0.59 -18.75 6.92
N VAL K 24 -0.67 -18.67 7.34
CA VAL K 24 -1.06 -17.56 8.19
C VAL K 24 -0.60 -17.76 9.63
N LEU K 25 -0.27 -18.99 10.04
CA LEU K 25 0.38 -19.20 11.32
C LEU K 25 1.87 -18.91 11.29
N PHE K 26 2.49 -18.92 10.12
CA PHE K 26 3.93 -18.69 10.06
C PHE K 26 4.45 -17.35 10.61
N PRO K 27 3.76 -16.20 10.52
CA PRO K 27 4.28 -15.00 11.21
C PRO K 27 4.29 -15.08 12.73
N SER K 28 3.75 -16.12 13.35
CA SER K 28 3.86 -16.25 14.79
C SER K 28 5.24 -16.74 15.19
N LEU K 29 5.91 -17.49 14.33
CA LEU K 29 7.25 -17.99 14.64
C LEU K 29 8.29 -16.89 14.64
N LEU K 30 8.02 -15.76 13.99
CA LEU K 30 8.99 -14.68 13.95
C LEU K 30 8.95 -13.82 15.19
N PHE K 31 8.00 -14.05 16.09
CA PHE K 31 7.83 -13.28 17.32
C PHE K 31 7.90 -14.20 18.53
N PRO K 32 9.09 -14.61 18.95
CA PRO K 32 9.18 -15.47 20.13
C PRO K 32 9.10 -14.66 21.40
N THR K 33 8.79 -15.34 22.50
CA THR K 33 8.68 -14.72 23.80
C THR K 33 9.63 -15.39 24.77
N SER K 34 10.00 -14.65 25.81
CA SER K 34 10.81 -15.20 26.89
C SER K 34 10.56 -14.39 28.15
N ASN K 35 10.71 -15.05 29.29
CA ASN K 35 10.56 -14.40 30.60
C ASN K 35 11.88 -13.90 31.15
N ARG K 36 12.85 -13.59 30.30
CA ARG K 36 14.14 -13.14 30.76
C ARG K 36 14.08 -11.67 31.14
N LEU K 37 15.15 -11.17 31.76
CA LEU K 37 15.33 -9.73 31.91
C LEU K 37 16.16 -9.17 30.75
N VAL K 38 17.36 -9.68 30.56
CA VAL K 38 18.12 -9.41 29.35
C VAL K 38 18.12 -10.66 28.51
N ASN K 39 18.21 -10.45 27.21
CA ASN K 39 17.93 -11.51 26.24
C ASN K 39 18.57 -11.12 24.92
N ASN K 40 18.25 -11.88 23.88
CA ASN K 40 18.89 -11.74 22.58
C ASN K 40 18.47 -10.43 21.90
N ARG K 41 19.01 -10.21 20.70
CA ARG K 41 18.66 -9.01 19.95
C ARG K 41 17.21 -9.03 19.48
N LEU K 42 16.65 -10.23 19.26
CA LEU K 42 15.37 -10.34 18.61
C LEU K 42 14.24 -9.88 19.52
N ILE K 43 14.10 -10.52 20.68
CA ILE K 43 13.02 -10.17 21.61
C ILE K 43 13.24 -8.77 22.17
N SER K 44 14.50 -8.32 22.27
CA SER K 44 14.76 -6.95 22.71
C SER K 44 14.29 -5.93 21.68
N LEU K 45 14.55 -6.18 20.40
CA LEU K 45 14.09 -5.25 19.37
C LEU K 45 12.57 -5.27 19.21
N GLN K 46 11.95 -6.46 19.28
CA GLN K 46 10.49 -6.47 19.24
C GLN K 46 9.85 -5.87 20.48
N GLN K 47 10.49 -5.98 21.64
CA GLN K 47 9.94 -5.39 22.85
C GLN K 47 10.06 -3.88 22.82
N TRP K 48 11.19 -3.36 22.32
CA TRP K 48 11.32 -1.92 22.12
C TRP K 48 10.34 -1.41 21.09
N MET K 49 10.19 -2.13 19.97
CA MET K 49 9.27 -1.74 18.91
C MET K 49 7.83 -1.71 19.41
N LEU K 50 7.47 -2.69 20.23
CA LEU K 50 6.12 -2.79 20.74
C LEU K 50 5.85 -1.69 21.77
N GLN K 51 6.85 -1.38 22.62
CA GLN K 51 6.71 -0.26 23.55
C GLN K 51 6.62 1.06 22.82
N LEU K 52 7.37 1.22 21.75
CA LEU K 52 7.35 2.44 20.94
C LEU K 52 6.00 2.65 20.29
N VAL K 53 5.46 1.62 19.64
CA VAL K 53 4.18 1.77 18.96
C VAL K 53 3.05 1.92 19.98
N SER K 54 3.15 1.26 21.13
CA SER K 54 2.14 1.40 22.18
C SER K 54 2.13 2.80 22.78
N LYS K 55 3.31 3.38 23.00
CA LYS K 55 3.34 4.75 23.48
C LYS K 55 2.92 5.73 22.39
N GLN K 56 3.15 5.37 21.12
CA GLN K 56 2.85 6.30 20.04
C GLN K 56 1.35 6.42 19.81
N MET K 57 0.70 5.33 19.43
CA MET K 57 -0.67 5.47 18.96
C MET K 57 -1.75 5.26 20.02
N MET K 58 -1.40 4.78 21.21
CA MET K 58 -2.41 4.49 22.20
C MET K 58 -2.36 5.42 23.41
N SER K 59 -1.63 6.52 23.31
CA SER K 59 -1.55 7.49 24.40
C SER K 59 -2.69 8.49 24.37
N ILE K 60 -3.75 8.20 23.64
CA ILE K 60 -4.86 9.14 23.46
C ILE K 60 -6.19 8.62 23.98
N HIS K 61 -6.25 7.38 24.46
CA HIS K 61 -7.52 6.78 24.84
C HIS K 61 -7.75 6.82 26.34
N ASN K 62 -8.86 6.21 26.75
CA ASN K 62 -9.13 5.85 28.13
C ASN K 62 -8.66 4.42 28.36
N THR K 63 -9.06 3.82 29.49
CA THR K 63 -8.58 2.49 29.86
C THR K 63 -9.20 1.40 28.98
N LYS K 64 -10.47 1.58 28.61
CA LYS K 64 -11.11 0.74 27.61
C LYS K 64 -10.35 0.73 26.30
N GLY K 65 -9.86 1.90 25.90
CA GLY K 65 -8.92 1.98 24.80
C GLY K 65 -7.60 1.26 25.03
N GLN K 66 -7.27 0.91 26.27
CA GLN K 66 -6.02 0.23 26.52
C GLN K 66 -6.14 -1.30 26.55
N THR K 67 -7.29 -1.85 26.94
CA THR K 67 -7.45 -3.26 26.58
C THR K 67 -7.60 -3.45 25.07
N TRP K 68 -8.24 -2.50 24.40
CA TRP K 68 -8.13 -2.45 22.97
C TRP K 68 -6.72 -2.12 22.47
N ALA K 69 -5.85 -1.53 23.31
CA ALA K 69 -4.46 -1.38 22.91
C ALA K 69 -3.75 -2.72 22.86
N LEU K 70 -4.10 -3.65 23.76
CA LEU K 70 -3.58 -5.02 23.57
C LEU K 70 -4.00 -5.59 22.21
N MET K 71 -5.30 -5.53 21.91
CA MET K 71 -5.70 -6.15 20.63
C MET K 71 -5.16 -5.40 19.42
N LEU K 72 -5.01 -4.08 19.52
CA LEU K 72 -4.46 -3.31 18.41
C LEU K 72 -2.96 -3.53 18.24
N MET K 73 -2.23 -3.82 19.32
CA MET K 73 -0.82 -4.16 19.11
C MET K 73 -0.66 -5.54 18.49
N SER K 74 -1.54 -6.47 18.87
CA SER K 74 -1.62 -7.75 18.17
C SER K 74 -1.89 -7.55 16.68
N LEU K 75 -2.80 -6.63 16.35
CA LEU K 75 -3.17 -6.45 14.96
C LEU K 75 -2.12 -5.71 14.15
N ILE K 76 -1.43 -4.72 14.74
CA ILE K 76 -0.39 -4.02 14.00
C ILE K 76 0.80 -4.94 13.75
N LEU K 77 1.15 -5.80 14.72
CA LEU K 77 2.25 -6.73 14.45
C LEU K 77 1.83 -7.82 13.48
N PHE K 78 0.56 -8.23 13.50
CA PHE K 78 0.12 -9.26 12.57
C PHE K 78 0.08 -8.77 11.14
N ILE K 79 -0.52 -7.60 10.91
CA ILE K 79 -0.63 -7.10 9.54
C ILE K 79 0.72 -6.64 9.03
N GLY K 80 1.55 -6.05 9.89
CA GLY K 80 2.89 -5.68 9.47
C GLY K 80 3.75 -6.88 9.14
N SER K 81 3.67 -7.93 9.95
CA SER K 81 4.48 -9.12 9.72
C SER K 81 4.03 -9.86 8.47
N THR K 82 2.71 -9.92 8.25
CA THR K 82 2.19 -10.62 7.07
C THR K 82 2.52 -9.86 5.79
N ASN K 83 2.33 -8.54 5.78
CA ASN K 83 2.64 -7.75 4.60
C ASN K 83 4.13 -7.73 4.30
N LEU K 84 4.98 -7.60 5.32
CA LEU K 84 6.42 -7.67 5.06
C LEU K 84 6.89 -9.08 4.76
N LEU K 85 6.10 -10.09 5.13
CA LEU K 85 6.49 -11.46 4.89
C LEU K 85 6.16 -11.91 3.48
N GLY K 86 5.05 -11.43 2.94
CA GLY K 86 4.66 -11.89 1.62
C GLY K 86 5.42 -11.29 0.47
N LEU K 87 6.20 -10.22 0.72
CA LEU K 87 7.07 -9.70 -0.34
C LEU K 87 8.30 -10.55 -0.57
N LEU K 88 8.47 -11.62 0.20
CA LEU K 88 9.34 -12.71 -0.20
C LEU K 88 8.91 -13.25 -1.56
N PRO K 89 9.88 -13.68 -2.41
CA PRO K 89 9.63 -13.80 -3.86
C PRO K 89 8.50 -14.72 -4.30
N HIS K 90 8.57 -15.98 -3.96
CA HIS K 90 7.48 -16.91 -4.21
C HIS K 90 6.79 -17.09 -2.88
N SER K 91 5.70 -16.38 -2.67
CA SER K 91 5.01 -16.43 -1.39
C SER K 91 3.58 -15.97 -1.60
N PHE K 92 2.74 -16.29 -0.62
CA PHE K 92 1.32 -15.95 -0.62
C PHE K 92 1.04 -15.13 0.62
N THR K 93 0.74 -13.85 0.44
CA THR K 93 0.09 -13.08 1.47
C THR K 93 -1.29 -13.66 1.71
N PRO K 94 -1.66 -14.01 2.93
CA PRO K 94 -3.07 -14.27 3.22
C PRO K 94 -3.90 -13.01 3.30
N THR K 95 -3.25 -11.84 3.38
CA THR K 95 -3.95 -10.57 3.50
C THR K 95 -4.26 -9.93 2.15
N THR K 96 -4.19 -10.67 1.06
CA THR K 96 -4.83 -10.23 -0.17
C THR K 96 -6.20 -10.82 -0.38
N GLN K 97 -6.53 -11.90 0.33
CA GLN K 97 -7.88 -12.45 0.25
C GLN K 97 -8.84 -11.51 0.96
N LEU K 98 -9.93 -11.13 0.27
CA LEU K 98 -10.85 -10.15 0.83
C LEU K 98 -11.64 -10.71 2.00
N SER K 99 -11.69 -12.04 2.11
CA SER K 99 -12.30 -12.69 3.27
C SER K 99 -11.61 -12.31 4.55
N MET K 100 -10.29 -12.39 4.57
CA MET K 100 -9.55 -12.24 5.81
C MET K 100 -9.55 -10.80 6.29
N ASN K 101 -9.37 -9.85 5.39
CA ASN K 101 -9.44 -8.46 5.79
C ASN K 101 -10.87 -8.02 6.02
N LEU K 102 -11.83 -8.68 5.39
CA LEU K 102 -13.24 -8.41 5.69
C LEU K 102 -13.58 -8.89 7.10
N GLY K 103 -13.02 -10.02 7.51
CA GLY K 103 -13.19 -10.56 8.84
C GLY K 103 -12.28 -9.97 9.89
N MET K 104 -11.32 -9.15 9.49
CA MET K 104 -10.66 -8.23 10.42
C MET K 104 -11.42 -6.93 10.56
N ALA K 105 -12.06 -6.48 9.49
CA ALA K 105 -12.59 -5.13 9.49
C ALA K 105 -13.99 -5.06 10.07
N ILE K 106 -14.84 -6.03 9.77
CA ILE K 106 -16.21 -6.00 10.31
C ILE K 106 -16.28 -6.18 11.83
N PRO K 107 -15.67 -7.19 12.48
CA PRO K 107 -15.87 -7.30 13.93
C PRO K 107 -15.18 -6.22 14.74
N LEU K 108 -14.06 -5.66 14.28
CA LEU K 108 -13.40 -4.62 15.07
C LEU K 108 -14.14 -3.29 14.97
N TRP K 109 -14.57 -2.91 13.77
CA TRP K 109 -15.44 -1.75 13.61
C TRP K 109 -16.75 -1.93 14.35
N GLY K 110 -17.34 -3.12 14.28
CA GLY K 110 -18.57 -3.38 15.00
C GLY K 110 -18.37 -3.34 16.51
N GLY K 111 -17.21 -3.78 16.97
CA GLY K 111 -16.90 -3.69 18.39
C GLY K 111 -16.74 -2.27 18.86
N ALA K 112 -16.07 -1.42 18.06
CA ALA K 112 -15.96 -0.02 18.42
C ALA K 112 -17.32 0.69 18.41
N VAL K 113 -18.14 0.40 17.40
CA VAL K 113 -19.43 1.07 17.26
C VAL K 113 -20.38 0.66 18.37
N ILE K 114 -20.50 -0.63 18.66
CA ILE K 114 -21.44 -0.96 19.73
C ILE K 114 -20.77 -0.92 21.09
N THR K 115 -19.47 -0.63 21.17
CA THR K 115 -18.91 -0.11 22.41
C THR K 115 -19.45 1.29 22.67
N GLY K 116 -19.49 2.11 21.62
CA GLY K 116 -20.10 3.42 21.75
C GLY K 116 -21.57 3.36 22.08
N PHE K 117 -22.31 2.50 21.38
CA PHE K 117 -23.73 2.31 21.67
C PHE K 117 -23.99 1.56 22.98
N ARG K 118 -23.00 0.85 23.51
CA ARG K 118 -23.23 0.16 24.78
C ARG K 118 -23.06 1.10 25.96
N ASN K 119 -22.01 1.92 25.96
CA ASN K 119 -21.73 2.80 27.10
C ASN K 119 -22.32 4.19 26.91
N LYS K 120 -21.86 4.91 25.90
CA LYS K 120 -22.25 6.30 25.69
C LYS K 120 -23.31 6.38 24.59
N THR K 121 -24.53 6.01 24.95
CA THR K 121 -25.59 5.94 23.95
C THR K 121 -25.98 7.32 23.47
N LYS K 122 -26.18 8.25 24.40
CA LYS K 122 -26.54 9.63 24.06
C LYS K 122 -25.43 10.33 23.29
N ALA K 123 -24.18 9.98 23.57
CA ALA K 123 -23.08 10.60 22.85
C ALA K 123 -22.90 9.99 21.47
N SER K 124 -22.79 8.66 21.40
CA SER K 124 -22.47 8.00 20.14
C SER K 124 -23.64 7.96 19.18
N LEU K 125 -24.86 8.20 19.64
CA LEU K 125 -25.98 8.40 18.72
C LEU K 125 -26.09 9.85 18.27
N ALA K 126 -25.36 10.76 18.92
CA ALA K 126 -25.33 12.16 18.52
C ALA K 126 -24.05 12.55 17.82
N HIS K 127 -23.12 11.61 17.62
CA HIS K 127 -21.97 11.89 16.75
C HIS K 127 -22.33 11.83 15.27
N PHE K 128 -23.56 11.46 14.93
CA PHE K 128 -23.96 11.38 13.53
C PHE K 128 -24.20 12.74 12.90
N LEU K 129 -24.12 13.82 13.65
CA LEU K 129 -24.08 15.12 13.00
C LEU K 129 -23.19 16.03 13.83
N PRO K 130 -22.18 16.65 13.22
CA PRO K 130 -21.28 17.52 13.97
C PRO K 130 -21.97 18.79 14.43
N GLN K 131 -21.36 19.41 15.44
CA GLN K 131 -21.94 20.55 16.11
C GLN K 131 -21.94 21.77 15.20
N GLY K 132 -22.91 22.66 15.43
CA GLY K 132 -22.93 23.91 14.71
C GLY K 132 -23.39 23.84 13.28
N THR K 133 -23.89 22.70 12.84
CA THR K 133 -24.44 22.61 11.48
C THR K 133 -25.80 23.27 11.46
N PRO K 134 -26.06 24.20 10.54
CA PRO K 134 -27.34 24.90 10.55
C PRO K 134 -28.48 24.00 10.10
N THR K 135 -29.69 24.47 10.37
CA THR K 135 -30.90 23.65 10.23
C THR K 135 -31.20 23.14 8.81
N PRO K 136 -31.11 23.91 7.72
CA PRO K 136 -31.43 23.31 6.42
C PRO K 136 -30.37 22.36 5.86
N LEU K 137 -29.29 22.13 6.59
CA LEU K 137 -28.28 21.15 6.21
C LEU K 137 -28.38 19.87 7.00
N ILE K 138 -29.26 19.83 8.00
CA ILE K 138 -29.23 18.74 8.98
C ILE K 138 -29.64 17.37 8.43
N PRO K 139 -30.78 17.20 7.73
CA PRO K 139 -31.13 15.83 7.31
C PRO K 139 -30.20 15.27 6.26
N MET K 140 -29.81 16.08 5.27
CA MET K 140 -28.84 15.65 4.27
C MET K 140 -27.49 15.33 4.92
N LEU K 141 -27.10 16.11 5.92
CA LEU K 141 -25.79 15.92 6.52
C LEU K 141 -25.78 14.69 7.42
N VAL K 142 -26.86 14.41 8.14
CA VAL K 142 -26.86 13.22 8.98
C VAL K 142 -27.07 11.97 8.13
N ILE K 143 -27.72 12.09 6.96
CA ILE K 143 -27.82 10.95 6.06
C ILE K 143 -26.47 10.62 5.45
N ILE K 144 -25.73 11.64 4.98
CA ILE K 144 -24.42 11.36 4.41
C ILE K 144 -23.44 10.90 5.48
N GLU K 145 -23.64 11.31 6.74
CA GLU K 145 -22.79 10.81 7.82
C GLU K 145 -23.13 9.36 8.15
N THR K 146 -24.41 8.99 8.12
CA THR K 146 -24.80 7.62 8.44
C THR K 146 -24.30 6.64 7.38
N ILE K 147 -24.49 6.97 6.10
CA ILE K 147 -24.06 6.03 5.07
C ILE K 147 -22.64 6.36 4.62
N SER K 148 -21.96 7.22 5.38
CA SER K 148 -20.51 7.20 5.42
C SER K 148 -19.97 6.39 6.58
N LEU K 149 -20.76 6.20 7.63
CA LEU K 149 -20.32 5.38 8.75
C LEU K 149 -20.50 3.90 8.46
N PHE K 150 -21.54 3.53 7.71
CA PHE K 150 -21.72 2.10 7.43
C PHE K 150 -20.73 1.54 6.42
N ILE K 151 -19.97 2.37 5.71
CA ILE K 151 -19.09 1.84 4.69
C ILE K 151 -17.69 1.66 5.23
N GLN K 152 -17.51 1.88 6.54
CA GLN K 152 -16.16 1.91 7.10
C GLN K 152 -15.44 0.55 7.11
N PRO K 153 -16.04 -0.58 7.53
CA PRO K 153 -15.29 -1.84 7.42
C PRO K 153 -15.09 -2.28 5.99
N VAL K 154 -16.05 -2.01 5.11
CA VAL K 154 -15.87 -2.26 3.68
C VAL K 154 -14.71 -1.42 3.15
N ALA K 155 -14.61 -0.17 3.61
CA ALA K 155 -13.51 0.70 3.19
C ALA K 155 -12.17 0.15 3.65
N LEU K 156 -12.08 -0.32 4.90
CA LEU K 156 -10.81 -0.85 5.41
C LEU K 156 -10.39 -2.11 4.68
N ALA K 157 -11.30 -3.07 4.54
CA ALA K 157 -10.97 -4.33 3.89
C ALA K 157 -10.62 -4.13 2.42
N VAL K 158 -11.41 -3.31 1.70
CA VAL K 158 -11.13 -3.14 0.29
C VAL K 158 -9.89 -2.28 0.07
N ARG K 159 -9.57 -1.34 0.98
CA ARG K 159 -8.37 -0.55 0.79
C ARG K 159 -7.12 -1.41 1.05
N LEU K 160 -7.19 -2.33 2.00
CA LEU K 160 -6.02 -3.14 2.29
C LEU K 160 -5.80 -4.20 1.22
N THR K 161 -6.88 -4.87 0.78
CA THR K 161 -6.75 -5.84 -0.30
C THR K 161 -6.34 -5.18 -1.60
N ALA K 162 -6.88 -3.98 -1.88
CA ALA K 162 -6.55 -3.29 -3.11
C ALA K 162 -5.09 -2.88 -3.15
N ASN K 163 -4.58 -2.33 -2.04
CA ASN K 163 -3.19 -1.90 -2.02
C ASN K 163 -2.22 -3.07 -2.08
N ILE K 164 -2.47 -4.16 -1.34
CA ILE K 164 -1.50 -5.24 -1.35
C ILE K 164 -1.59 -6.08 -2.63
N THR K 165 -2.82 -6.35 -3.10
CA THR K 165 -3.04 -7.02 -4.37
C THR K 165 -2.40 -6.26 -5.53
N ALA K 166 -2.61 -4.94 -5.57
CA ALA K 166 -2.05 -4.16 -6.65
C ALA K 166 -0.53 -4.03 -6.55
N GLY K 167 0.02 -4.06 -5.33
CA GLY K 167 1.45 -4.05 -5.19
C GLY K 167 2.11 -5.31 -5.73
N HIS K 168 1.62 -6.48 -5.31
CA HIS K 168 2.16 -7.74 -5.82
C HIS K 168 1.90 -7.90 -7.31
N LEU K 169 0.78 -7.39 -7.81
CA LEU K 169 0.48 -7.55 -9.21
C LEU K 169 1.32 -6.62 -10.08
N LEU K 170 1.59 -5.41 -9.60
CA LEU K 170 2.47 -4.49 -10.32
C LEU K 170 3.91 -5.00 -10.33
N ILE K 171 4.36 -5.58 -9.21
CA ILE K 171 5.67 -6.22 -9.17
C ILE K 171 5.75 -7.36 -10.18
N HIS K 172 4.69 -8.16 -10.27
CA HIS K 172 4.68 -9.29 -11.20
C HIS K 172 4.69 -8.82 -12.66
N LEU K 173 3.94 -7.76 -12.98
CA LEU K 173 3.92 -7.29 -14.36
C LEU K 173 5.21 -6.59 -14.75
N ILE K 174 5.83 -5.85 -13.83
CA ILE K 174 7.10 -5.21 -14.18
C ILE K 174 8.21 -6.26 -14.27
N GLY K 175 8.10 -7.36 -13.50
CA GLY K 175 9.01 -8.47 -13.69
C GLY K 175 8.83 -9.15 -15.04
N GLY K 176 7.59 -9.28 -15.49
CA GLY K 176 7.34 -9.84 -16.81
C GLY K 176 7.85 -8.96 -17.93
N ALA K 177 7.68 -7.64 -17.80
CA ALA K 177 8.22 -6.72 -18.79
C ALA K 177 9.75 -6.72 -18.77
N THR K 178 10.35 -6.89 -17.59
CA THR K 178 11.80 -6.99 -17.49
C THR K 178 12.32 -8.24 -18.19
N LEU K 179 11.61 -9.35 -18.03
CA LEU K 179 12.03 -10.59 -18.69
C LEU K 179 11.87 -10.51 -20.20
N ALA K 180 10.77 -9.90 -20.67
CA ALA K 180 10.56 -9.76 -22.10
C ALA K 180 11.59 -8.81 -22.73
N LEU K 181 11.90 -7.70 -22.05
CA LEU K 181 12.89 -6.79 -22.60
C LEU K 181 14.30 -7.34 -22.49
N MET K 182 14.58 -8.18 -21.49
CA MET K 182 15.88 -8.83 -21.44
C MET K 182 16.01 -9.88 -22.53
N SER K 183 14.89 -10.45 -22.97
CA SER K 183 14.91 -11.19 -24.22
C SER K 183 15.13 -10.27 -25.42
N ILE K 184 14.66 -9.02 -25.36
CA ILE K 184 14.74 -8.15 -26.53
C ILE K 184 15.92 -7.18 -26.48
N ASN K 185 15.94 -6.25 -25.51
CA ASN K 185 16.88 -5.15 -25.54
C ASN K 185 17.37 -4.87 -24.12
N THR K 186 18.69 -4.92 -23.93
CA THR K 186 19.26 -4.99 -22.58
C THR K 186 19.21 -3.66 -21.86
N THR K 187 19.33 -2.54 -22.58
CA THR K 187 19.36 -1.24 -21.92
C THR K 187 18.00 -0.90 -21.32
N THR K 188 16.93 -1.08 -22.10
CA THR K 188 15.59 -0.83 -21.59
C THR K 188 15.19 -1.86 -20.53
N ALA K 189 15.76 -3.07 -20.62
CA ALA K 189 15.55 -4.05 -19.56
C ALA K 189 16.22 -3.62 -18.26
N LEU K 190 17.40 -3.01 -18.35
CA LEU K 190 18.05 -2.48 -17.16
C LEU K 190 17.27 -1.32 -16.58
N ILE K 191 16.68 -0.48 -17.44
CA ILE K 191 15.85 0.63 -16.95
C ILE K 191 14.60 0.09 -16.26
N THR K 192 13.99 -0.96 -16.82
CA THR K 192 12.82 -1.55 -16.19
C THR K 192 13.19 -2.26 -14.88
N PHE K 193 14.42 -2.78 -14.79
CA PHE K 193 14.86 -3.40 -13.55
C PHE K 193 15.11 -2.36 -12.47
N ILE K 194 15.61 -1.18 -12.85
CA ILE K 194 15.75 -0.08 -11.89
C ILE K 194 14.39 0.39 -11.41
N ILE K 195 13.41 0.45 -12.32
CA ILE K 195 12.04 0.75 -11.94
C ILE K 195 11.50 -0.31 -10.98
N LEU K 196 11.88 -1.57 -11.19
CA LEU K 196 11.37 -2.65 -10.34
C LEU K 196 12.00 -2.61 -8.95
N ILE K 197 13.29 -2.25 -8.84
CA ILE K 197 13.90 -2.23 -7.52
C ILE K 197 13.44 -1.01 -6.72
N LEU K 198 13.22 0.12 -7.40
CA LEU K 198 12.62 1.26 -6.71
C LEU K 198 11.17 0.96 -6.32
N LEU K 199 10.47 0.18 -7.16
CA LEU K 199 9.09 -0.15 -6.87
C LEU K 199 8.99 -1.11 -5.69
N THR K 200 9.93 -2.04 -5.55
CA THR K 200 9.83 -2.93 -4.39
C THR K 200 10.33 -2.28 -3.11
N VAL K 201 11.21 -1.26 -3.19
CA VAL K 201 11.44 -0.40 -2.03
C VAL K 201 10.15 0.25 -1.59
N LEU K 202 9.42 0.82 -2.56
CA LEU K 202 8.12 1.41 -2.28
C LEU K 202 7.12 0.37 -1.78
N GLU K 203 7.27 -0.89 -2.16
CA GLU K 203 6.28 -1.86 -1.70
C GLU K 203 6.54 -2.35 -0.28
N PHE K 204 7.81 -2.45 0.14
CA PHE K 204 8.06 -2.67 1.58
C PHE K 204 7.56 -1.50 2.40
N ALA K 205 7.77 -0.28 1.89
CA ALA K 205 7.23 0.93 2.52
C ALA K 205 5.72 0.84 2.67
N VAL K 206 5.01 0.67 1.55
CA VAL K 206 3.54 0.63 1.52
C VAL K 206 2.99 -0.56 2.31
N ALA K 207 3.76 -1.64 2.44
CA ALA K 207 3.37 -2.74 3.33
C ALA K 207 3.27 -2.27 4.79
N MET K 208 4.34 -1.65 5.29
CA MET K 208 4.28 -1.13 6.66
C MET K 208 3.28 0.02 6.81
N ILE K 209 3.12 0.84 5.77
CA ILE K 209 2.21 1.98 5.84
C ILE K 209 0.76 1.52 5.89
N GLN K 210 0.39 0.50 5.09
CA GLN K 210 -0.97 -0.04 5.12
C GLN K 210 -1.27 -0.74 6.44
N ALA K 211 -0.26 -1.37 7.05
CA ALA K 211 -0.45 -1.92 8.40
C ALA K 211 -0.76 -0.82 9.41
N TYR K 212 0.08 0.22 9.43
CA TYR K 212 -0.12 1.33 10.36
C TYR K 212 -1.43 2.07 10.11
N VAL K 213 -1.86 2.14 8.86
CA VAL K 213 -3.10 2.82 8.51
C VAL K 213 -4.31 2.02 8.97
N PHE K 214 -4.27 0.69 8.79
CA PHE K 214 -5.37 -0.14 9.29
C PHE K 214 -5.49 -0.03 10.80
N THR K 215 -4.36 -0.06 11.50
CA THR K 215 -4.41 -0.01 12.96
C THR K 215 -4.82 1.38 13.44
N LEU K 216 -4.39 2.44 12.75
CA LEU K 216 -4.76 3.79 13.16
C LEU K 216 -6.23 4.05 12.87
N LEU K 217 -6.77 3.50 11.79
CA LEU K 217 -8.18 3.67 11.51
C LEU K 217 -9.04 2.93 12.50
N VAL K 218 -8.61 1.73 12.93
CA VAL K 218 -9.35 1.03 13.98
C VAL K 218 -9.26 1.79 15.30
N SER K 219 -8.08 2.37 15.60
CA SER K 219 -7.93 3.15 16.83
C SER K 219 -8.78 4.42 16.81
N LEU K 220 -8.93 5.05 15.65
CA LEU K 220 -9.74 6.25 15.58
C LEU K 220 -11.22 5.92 15.63
N TYR K 221 -11.61 4.79 15.01
CA TYR K 221 -12.98 4.30 15.13
C TYR K 221 -13.32 3.92 16.56
N LEU K 222 -12.32 3.51 17.32
CA LEU K 222 -12.54 3.27 18.74
C LEU K 222 -12.67 4.57 19.52
N HIS K 223 -11.66 5.45 19.39
CA HIS K 223 -11.57 6.68 20.18
C HIS K 223 -12.73 7.63 19.90
N ASP K 224 -13.34 7.53 18.71
CA ASP K 224 -14.50 8.37 18.42
C ASP K 224 -15.68 8.01 19.32
N ASN K 225 -15.79 6.75 19.74
CA ASN K 225 -16.86 6.32 20.64
C ASN K 225 -16.34 5.35 21.70
N THR K 226 -15.24 5.70 22.35
CA THR K 226 -14.61 4.82 23.34
C THR K 226 -15.43 4.60 24.62
N PHE L 10 -25.58 29.01 24.25
CA PHE L 10 -26.21 28.06 23.35
C PHE L 10 -27.39 27.36 24.04
N HIS L 11 -27.91 27.99 25.09
CA HIS L 11 -29.10 27.53 25.79
C HIS L 11 -30.24 28.50 25.47
N PHE L 12 -31.21 28.04 24.68
CA PHE L 12 -32.25 28.91 24.18
C PHE L 12 -33.44 28.05 23.75
N THR L 13 -34.49 28.72 23.26
CA THR L 13 -35.70 28.05 22.81
C THR L 13 -36.26 28.63 21.51
N GLY L 14 -35.43 29.30 20.71
CA GLY L 14 -35.82 29.77 19.39
C GLY L 14 -36.11 28.61 18.47
N ILE L 15 -35.07 27.86 18.10
CA ILE L 15 -35.28 26.46 17.74
C ILE L 15 -35.44 25.66 19.03
N LYS L 16 -36.03 24.48 18.92
CA LYS L 16 -36.44 23.72 20.09
C LYS L 16 -35.24 23.30 20.92
N LYS L 17 -35.48 23.12 22.23
CA LYS L 17 -34.38 22.85 23.16
C LYS L 17 -33.74 21.50 22.90
N TYR L 18 -34.50 20.55 22.37
CA TYR L 18 -33.97 19.23 22.06
C TYR L 18 -34.13 18.89 20.58
N PHE L 19 -34.01 19.90 19.70
CA PHE L 19 -33.85 19.66 18.26
C PHE L 19 -32.82 20.59 17.64
N ASN L 20 -31.91 21.16 18.41
CA ASN L 20 -30.86 22.00 17.87
C ASN L 20 -29.69 21.14 17.41
N SER L 21 -28.57 21.78 17.10
CA SER L 21 -27.36 21.10 16.64
C SER L 21 -26.15 21.43 17.51
N TYR L 22 -26.37 21.81 18.77
CA TYR L 22 -25.27 22.19 19.65
C TYR L 22 -25.15 21.23 20.82
N THR L 23 -26.20 21.01 21.60
CA THR L 23 -26.12 20.17 22.79
C THR L 23 -26.32 18.71 22.40
N LEU L 24 -25.85 17.82 23.29
CA LEU L 24 -25.87 16.40 22.98
C LEU L 24 -27.26 15.80 23.04
N THR L 25 -28.12 16.30 23.93
CA THR L 25 -29.50 15.83 23.96
C THR L 25 -30.24 16.25 22.69
N GLY L 26 -30.01 17.48 22.24
CA GLY L 26 -30.64 17.95 21.02
C GLY L 26 -30.17 17.21 19.79
N ARG L 27 -28.87 16.92 19.71
CA ARG L 27 -28.34 16.18 18.58
C ARG L 27 -28.77 14.72 18.61
N MET L 28 -28.88 14.11 19.79
CA MET L 28 -29.43 12.77 19.92
C MET L 28 -30.86 12.69 19.41
N ASN L 29 -31.73 13.56 19.93
CA ASN L 29 -33.12 13.50 19.50
C ASN L 29 -33.28 13.99 18.07
N CYS L 30 -32.32 14.76 17.56
CA CYS L 30 -32.37 15.17 16.16
C CYS L 30 -32.03 14.00 15.23
N VAL L 31 -31.03 13.21 15.57
CA VAL L 31 -30.71 12.03 14.78
C VAL L 31 -31.83 11.00 14.87
N LEU L 32 -32.45 10.88 16.06
CA LEU L 32 -33.61 10.01 16.17
C LEU L 32 -34.80 10.53 15.38
N ALA L 33 -34.96 11.85 15.29
CA ALA L 33 -36.04 12.41 14.49
C ALA L 33 -35.81 12.17 13.00
N THR L 34 -34.55 12.23 12.55
CA THR L 34 -34.29 11.98 11.14
C THR L 34 -34.46 10.51 10.80
N TYR L 35 -34.03 9.61 11.69
CA TYR L 35 -34.28 8.18 11.48
C TYR L 35 -35.77 7.87 11.47
N GLY L 36 -36.53 8.50 12.38
CA GLY L 36 -37.97 8.32 12.38
C GLY L 36 -38.64 8.88 11.14
N SER L 37 -38.10 9.98 10.61
CA SER L 37 -38.67 10.57 9.39
C SER L 37 -38.37 9.70 8.17
N ILE L 38 -37.16 9.14 8.08
CA ILE L 38 -36.81 8.27 6.96
C ILE L 38 -37.60 6.96 7.04
N ALA L 39 -37.81 6.44 8.25
CA ALA L 39 -38.61 5.24 8.42
C ALA L 39 -40.08 5.50 8.09
N LEU L 40 -40.59 6.68 8.46
CA LEU L 40 -41.97 7.02 8.14
C LEU L 40 -42.14 7.25 6.64
N ILE L 41 -41.12 7.81 5.98
CA ILE L 41 -41.21 8.01 4.54
C ILE L 41 -41.12 6.68 3.78
N VAL L 42 -40.30 5.73 4.24
CA VAL L 42 -40.26 4.46 3.53
C VAL L 42 -41.51 3.63 3.85
N LEU L 43 -42.14 3.87 5.00
CA LEU L 43 -43.42 3.22 5.26
C LEU L 43 -44.53 3.88 4.44
N TYR L 44 -44.40 5.18 4.16
CA TYR L 44 -45.28 5.87 3.24
C TYR L 44 -45.13 5.31 1.83
N PHE L 45 -43.89 5.00 1.43
CA PHE L 45 -43.57 4.41 0.16
C PHE L 45 -44.16 3.01 0.02
N LYS L 46 -44.03 2.20 1.07
CA LYS L 46 -44.60 0.86 1.07
C LYS L 46 -46.13 0.90 1.12
N LEU L 47 -46.68 1.92 1.77
CA LEU L 47 -48.12 1.95 2.01
C LEU L 47 -48.88 2.51 0.82
N ARG L 48 -48.57 3.75 0.41
CA ARG L 48 -49.37 4.42 -0.62
C ARG L 48 -49.13 3.87 -2.02
N SER L 49 -47.97 3.28 -2.29
CA SER L 49 -47.70 2.72 -3.60
C SER L 49 -47.67 1.20 -3.55
N MET M 1 -4.63 -32.83 27.21
CA MET M 1 -4.42 -31.70 26.31
C MET M 1 -5.35 -30.55 26.66
N LEU M 2 -6.57 -30.91 27.06
CA LEU M 2 -7.59 -29.92 27.36
C LEU M 2 -7.26 -29.13 28.63
N GLN M 3 -6.60 -29.77 29.59
CA GLN M 3 -6.21 -29.06 30.80
C GLN M 3 -5.08 -28.08 30.51
N SER M 4 -4.17 -28.45 29.59
CA SER M 4 -3.15 -27.53 29.12
C SER M 4 -3.77 -26.38 28.36
N LEU M 5 -4.82 -26.66 27.59
CA LEU M 5 -5.54 -25.61 26.89
C LEU M 5 -6.18 -24.62 27.86
N ILE M 6 -6.74 -25.13 28.96
CA ILE M 6 -7.33 -24.25 29.97
C ILE M 6 -6.25 -23.41 30.65
N LYS M 7 -5.20 -24.04 31.15
CA LYS M 7 -4.18 -23.33 31.92
C LYS M 7 -3.10 -22.69 31.06
N LYS M 8 -3.27 -22.66 29.75
CA LYS M 8 -2.36 -21.89 28.91
C LYS M 8 -3.08 -20.86 28.06
N VAL M 9 -4.30 -21.12 27.64
CA VAL M 9 -5.08 -20.18 26.86
C VAL M 9 -6.14 -19.49 27.71
N TRP M 10 -7.01 -20.26 28.38
CA TRP M 10 -8.19 -19.67 28.99
C TRP M 10 -7.86 -18.89 30.25
N ILE M 11 -6.83 -19.29 30.99
CA ILE M 11 -6.44 -18.58 32.20
C ILE M 11 -5.77 -17.23 31.90
N PRO M 12 -4.83 -17.08 30.95
CA PRO M 12 -4.37 -15.71 30.67
C PRO M 12 -5.38 -14.87 29.93
N MET M 13 -6.23 -15.46 29.09
CA MET M 13 -7.17 -14.70 28.30
C MET M 13 -8.53 -14.56 28.97
N LYS M 14 -8.62 -14.81 30.27
CA LYS M 14 -9.93 -14.77 30.92
C LYS M 14 -10.54 -13.37 30.97
N PRO M 15 -9.86 -12.29 31.40
CA PRO M 15 -10.53 -10.99 31.34
C PRO M 15 -10.61 -10.39 29.95
N TYR M 16 -9.95 -10.97 28.96
CA TYR M 16 -10.13 -10.49 27.61
C TYR M 16 -11.32 -11.17 26.94
N TYR M 17 -11.50 -12.47 27.17
CA TYR M 17 -12.56 -13.18 26.49
C TYR M 17 -13.83 -13.27 27.31
N THR M 18 -13.79 -12.87 28.58
CA THR M 18 -14.96 -12.92 29.44
C THR M 18 -15.62 -11.55 29.58
N GLN M 19 -14.88 -10.57 30.06
CA GLN M 19 -15.47 -9.28 30.40
C GLN M 19 -15.24 -8.23 29.32
N ALA M 20 -14.03 -8.11 28.80
CA ALA M 20 -13.82 -7.25 27.65
C ALA M 20 -14.14 -8.02 26.37
N TYR M 21 -13.97 -7.35 25.24
CA TYR M 21 -14.17 -7.85 23.87
C TYR M 21 -15.59 -8.30 23.57
N GLN M 22 -16.57 -8.07 24.46
CA GLN M 22 -17.93 -8.56 24.22
C GLN M 22 -18.55 -7.87 23.03
N GLU M 23 -18.17 -6.63 22.80
CA GLU M 23 -18.59 -5.94 21.60
C GLU M 23 -17.98 -6.56 20.36
N ILE M 24 -16.77 -7.10 20.47
CA ILE M 24 -16.16 -7.80 19.34
C ILE M 24 -16.81 -9.16 19.14
N TRP M 25 -17.37 -9.77 20.19
CA TRP M 25 -18.09 -11.01 19.98
C TRP M 25 -19.42 -10.76 19.27
N VAL M 26 -20.09 -9.65 19.62
CA VAL M 26 -21.30 -9.27 18.88
C VAL M 26 -20.97 -8.93 17.43
N GLY M 27 -19.86 -8.23 17.22
CA GLY M 27 -19.41 -7.95 15.86
C GLY M 27 -18.99 -9.19 15.10
N THR M 28 -18.48 -10.19 15.80
CA THR M 28 -18.11 -11.46 15.15
C THR M 28 -19.35 -12.22 14.73
N GLY M 29 -20.40 -12.19 15.57
CA GLY M 29 -21.67 -12.77 15.15
C GLY M 29 -22.26 -12.08 13.94
N LEU M 30 -22.17 -10.74 13.90
CA LEU M 30 -22.64 -10.01 12.73
C LEU M 30 -21.79 -10.31 11.50
N MET M 31 -20.47 -10.50 11.68
CA MET M 31 -19.61 -10.81 10.54
C MET M 31 -19.90 -12.21 10.02
N ALA M 32 -20.18 -13.15 10.92
CA ALA M 32 -20.55 -14.49 10.48
C ALA M 32 -21.89 -14.47 9.75
N TYR M 33 -22.80 -13.59 10.14
CA TYR M 33 -24.05 -13.45 9.40
C TYR M 33 -23.81 -12.88 8.00
N ILE M 34 -22.94 -11.86 7.89
CA ILE M 34 -22.66 -11.25 6.58
C ILE M 34 -21.97 -12.25 5.66
N VAL M 35 -20.97 -12.96 6.17
CA VAL M 35 -20.28 -13.97 5.36
C VAL M 35 -21.19 -15.16 5.07
N TYR M 36 -22.15 -15.45 5.94
CA TYR M 36 -23.12 -16.49 5.64
C TYR M 36 -24.05 -16.10 4.51
N LYS M 37 -24.50 -14.85 4.48
CA LYS M 37 -25.32 -14.41 3.35
C LYS M 37 -24.52 -14.34 2.06
N ILE M 38 -23.23 -13.99 2.14
CA ILE M 38 -22.38 -14.00 0.95
C ILE M 38 -22.16 -15.41 0.45
N ARG M 39 -21.97 -16.37 1.35
CA ARG M 39 -21.78 -17.77 0.97
C ARG M 39 -23.06 -18.34 0.35
N SER M 40 -24.21 -17.99 0.91
CA SER M 40 -25.49 -18.40 0.32
C SER M 40 -25.70 -17.78 -1.05
N ALA M 41 -25.35 -16.50 -1.20
CA ALA M 41 -25.54 -15.80 -2.47
C ALA M 41 -24.66 -16.39 -3.57
N ASP M 42 -23.38 -16.61 -3.27
CA ASP M 42 -22.49 -17.12 -4.32
C ASP M 42 -22.75 -18.60 -4.60
N LYS M 43 -23.14 -19.39 -3.60
CA LYS M 43 -23.46 -20.78 -3.87
C LYS M 43 -24.75 -20.89 -4.68
N ARG M 44 -25.73 -20.01 -4.41
CA ARG M 44 -26.95 -19.99 -5.20
C ARG M 44 -26.69 -19.53 -6.62
N SER M 45 -25.78 -18.55 -6.80
CA SER M 45 -25.46 -18.06 -8.13
C SER M 45 -24.73 -19.12 -8.95
N LYS M 46 -23.74 -19.79 -8.36
CA LYS M 46 -23.04 -20.85 -9.09
C LYS M 46 -23.92 -22.06 -9.33
N ALA M 47 -24.87 -22.35 -8.44
CA ALA M 47 -25.79 -23.46 -8.66
C ALA M 47 -26.75 -23.17 -9.80
N LEU M 48 -27.28 -21.94 -9.85
CA LEU M 48 -28.15 -21.57 -10.97
C LEU M 48 -27.38 -21.48 -12.28
N LYS M 49 -26.09 -21.09 -12.23
CA LYS M 49 -25.28 -21.08 -13.43
C LYS M 49 -25.00 -22.48 -13.94
N ALA M 50 -24.65 -23.41 -13.06
CA ALA M 50 -24.39 -24.78 -13.46
C ALA M 50 -25.67 -25.51 -13.87
N SER M 51 -26.84 -25.08 -13.36
CA SER M 51 -28.09 -25.66 -13.83
C SER M 51 -28.44 -25.13 -15.21
N SER M 52 -28.58 -23.81 -15.34
CA SER M 52 -28.95 -23.20 -16.60
C SER M 52 -27.75 -23.13 -17.53
N MET N 1 -11.00 -13.24 -10.60
CA MET N 1 -9.99 -13.10 -9.56
C MET N 1 -10.23 -14.08 -8.42
N PRO N 2 -9.15 -14.59 -7.82
CA PRO N 2 -9.29 -15.59 -6.76
C PRO N 2 -9.72 -15.05 -5.41
N GLN N 3 -9.99 -13.75 -5.28
CA GLN N 3 -10.57 -13.26 -4.04
C GLN N 3 -12.06 -13.50 -3.94
N LEU N 4 -12.68 -14.01 -5.00
CA LEU N 4 -14.12 -14.21 -5.07
C LEU N 4 -14.48 -15.68 -5.20
N ASP N 5 -13.79 -16.55 -4.46
CA ASP N 5 -14.11 -17.97 -4.51
C ASP N 5 -15.36 -18.28 -3.71
N THR N 6 -15.43 -17.77 -2.47
CA THR N 6 -16.52 -17.97 -1.51
C THR N 6 -16.74 -19.46 -1.21
N SER N 7 -15.67 -20.24 -1.32
CA SER N 7 -15.64 -21.60 -0.82
C SER N 7 -14.47 -21.81 0.11
N THR N 8 -13.50 -20.91 0.11
CA THR N 8 -12.39 -20.92 1.03
C THR N 8 -12.48 -19.80 2.06
N TRP N 9 -13.58 -19.03 2.07
CA TRP N 9 -13.68 -17.90 2.99
C TRP N 9 -13.80 -18.36 4.43
N LEU N 10 -14.49 -19.47 4.67
CA LEU N 10 -14.62 -19.99 6.03
C LEU N 10 -13.26 -20.42 6.56
N THR N 11 -12.47 -21.09 5.74
CA THR N 11 -11.13 -21.51 6.12
C THR N 11 -10.22 -20.31 6.38
N MET N 12 -10.27 -19.30 5.51
CA MET N 12 -9.39 -18.14 5.65
C MET N 12 -9.70 -17.32 6.89
N ILE N 13 -10.98 -17.01 7.13
CA ILE N 13 -11.36 -16.20 8.28
C ILE N 13 -11.20 -16.98 9.58
N LEU N 14 -11.52 -18.28 9.58
CA LEU N 14 -11.43 -19.05 10.81
C LEU N 14 -9.97 -19.26 11.19
N SER N 15 -9.11 -19.54 10.21
CA SER N 15 -7.70 -19.65 10.50
C SER N 15 -7.02 -18.30 10.69
N MET N 16 -7.68 -17.20 10.34
CA MET N 16 -7.19 -15.91 10.82
C MET N 16 -7.56 -15.69 12.28
N PHE N 17 -8.77 -16.09 12.67
CA PHE N 17 -9.14 -15.99 14.09
C PHE N 17 -8.36 -16.95 14.97
N LEU N 18 -7.72 -17.97 14.39
CA LEU N 18 -6.78 -18.73 15.20
C LEU N 18 -5.53 -17.91 15.50
N VAL N 19 -5.13 -17.01 14.61
CA VAL N 19 -3.87 -16.28 14.80
C VAL N 19 -4.11 -14.94 15.48
N LEU N 20 -4.92 -14.09 14.85
CA LEU N 20 -5.01 -12.68 15.22
C LEU N 20 -5.62 -12.49 16.59
N PHE N 21 -6.42 -13.42 17.09
CA PHE N 21 -6.83 -13.36 18.47
C PHE N 21 -5.93 -14.20 19.36
N ILE N 22 -5.92 -15.52 19.15
CA ILE N 22 -5.34 -16.46 20.13
C ILE N 22 -3.82 -16.33 20.19
N ILE N 23 -3.15 -16.61 19.08
CA ILE N 23 -1.71 -16.81 19.11
C ILE N 23 -0.97 -15.51 19.40
N PHE N 24 -1.24 -14.47 18.62
CA PHE N 24 -0.58 -13.20 18.89
C PHE N 24 -1.08 -12.54 20.15
N GLN N 25 -2.30 -12.81 20.59
CA GLN N 25 -2.70 -12.20 21.84
C GLN N 25 -1.99 -12.85 23.02
N LEU N 26 -1.70 -14.15 22.94
CA LEU N 26 -0.81 -14.78 23.91
C LEU N 26 0.60 -14.21 23.83
N LYS N 27 1.18 -14.17 22.63
CA LYS N 27 2.57 -13.73 22.46
C LYS N 27 2.79 -12.26 22.76
N ILE N 28 1.76 -11.43 22.76
CA ILE N 28 1.92 -10.07 23.25
C ILE N 28 1.55 -9.98 24.74
N SER N 29 0.71 -10.88 25.24
CA SER N 29 0.50 -10.92 26.68
C SER N 29 1.70 -11.45 27.45
N LYS N 30 2.66 -12.09 26.78
CA LYS N 30 3.85 -12.55 27.51
C LYS N 30 4.88 -11.45 27.74
N HIS N 31 4.86 -10.37 26.97
CA HIS N 31 5.84 -9.31 27.17
C HIS N 31 5.45 -8.46 28.36
N ASN N 32 6.34 -8.37 29.35
CA ASN N 32 6.10 -7.63 30.57
C ASN N 32 6.85 -6.31 30.52
N PHE N 33 6.11 -5.21 30.63
CA PHE N 33 6.70 -3.88 30.75
C PHE N 33 6.75 -3.54 32.25
N TYR N 34 7.82 -4.01 32.89
CA TYR N 34 7.99 -3.79 34.32
C TYR N 34 8.29 -2.33 34.59
N HIS N 35 7.82 -1.84 35.74
CA HIS N 35 8.01 -0.46 36.11
C HIS N 35 9.48 -0.16 36.35
N ASN N 36 9.84 1.11 36.22
CA ASN N 36 11.23 1.52 36.27
C ASN N 36 11.59 1.86 37.70
N PRO N 37 12.49 1.12 38.36
CA PRO N 37 12.68 1.28 39.80
C PRO N 37 13.56 2.48 40.15
N GLU N 38 13.35 2.99 41.36
CA GLU N 38 14.09 4.13 41.90
C GLU N 38 14.37 3.88 43.37
N LEU N 39 14.76 4.93 44.09
CA LEU N 39 14.88 4.86 45.54
C LEU N 39 13.55 5.28 46.20
N MET N 40 13.20 4.61 47.29
CA MET N 40 11.87 4.80 47.87
C MET N 40 11.87 4.46 49.36
N THR N 41 11.80 5.51 50.19
CA THR N 41 11.29 5.45 51.57
C THR N 41 12.12 4.56 52.50
N THR N 42 13.40 4.90 52.64
CA THR N 42 14.21 4.27 53.65
C THR N 42 15.19 5.21 54.34
N LYS N 43 15.24 6.49 53.93
CA LYS N 43 16.21 7.44 54.46
C LYS N 43 15.69 8.15 55.72
N THR N 44 14.65 7.63 56.35
CA THR N 44 14.11 8.22 57.55
C THR N 44 14.76 7.58 58.76
N PRO N 45 15.68 8.29 59.43
CA PRO N 45 16.35 7.72 60.60
C PRO N 45 15.39 7.62 61.79
N LYS N 46 15.67 6.63 62.64
CA LYS N 46 14.81 6.35 63.78
C LYS N 46 14.97 7.42 64.85
N GLN N 47 13.83 7.89 65.37
CA GLN N 47 13.71 9.02 66.31
C GLN N 47 14.42 10.28 65.81
N VAL O 5 25.33 -47.52 26.30
CA VAL O 5 24.58 -46.57 25.49
C VAL O 5 23.41 -47.27 24.77
N PRO O 6 22.20 -46.74 24.93
CA PRO O 6 21.04 -47.37 24.32
C PRO O 6 20.86 -46.94 22.87
N LEU O 7 19.95 -47.62 22.19
CA LEU O 7 19.71 -47.37 20.77
C LEU O 7 18.26 -46.90 20.59
N LYS O 8 17.79 -46.18 21.59
CA LYS O 8 16.49 -45.54 21.51
C LYS O 8 16.62 -44.11 22.01
N GLU O 9 17.67 -43.86 22.77
CA GLU O 9 17.97 -42.51 23.23
C GLU O 9 19.09 -41.89 22.43
N LYS O 10 19.86 -42.72 21.72
CA LYS O 10 20.88 -42.22 20.80
C LYS O 10 20.22 -41.46 19.67
N LYS O 11 20.74 -40.26 19.41
CA LYS O 11 20.21 -39.42 18.35
C LYS O 11 20.51 -40.04 16.98
N LEU O 12 19.71 -39.61 16.00
CA LEU O 12 19.73 -40.19 14.65
C LEU O 12 21.07 -40.00 13.96
N LEU O 13 21.79 -38.93 14.28
CA LEU O 13 23.04 -38.64 13.59
C LEU O 13 24.19 -39.57 14.02
N GLU O 14 23.95 -40.45 14.99
CA GLU O 14 25.02 -41.27 15.56
C GLU O 14 24.72 -42.77 15.44
N VAL O 15 23.51 -43.14 14.98
CA VAL O 15 23.09 -44.57 14.85
C VAL O 15 23.77 -45.21 13.64
N LYS O 16 23.92 -46.54 13.67
CA LYS O 16 24.62 -47.27 12.58
C LYS O 16 23.66 -47.50 11.41
N LEU O 17 24.20 -47.53 10.19
CA LEU O 17 23.35 -47.70 8.98
C LEU O 17 22.58 -49.01 9.08
N GLY O 18 23.12 -50.02 9.77
CA GLY O 18 22.43 -51.28 9.94
C GLY O 18 21.29 -51.18 10.93
N GLU O 19 21.49 -50.38 11.97
CA GLU O 19 20.51 -50.32 13.04
C GLU O 19 19.41 -49.30 12.75
N LEU O 20 19.49 -48.61 11.62
CA LEU O 20 18.50 -47.61 11.18
C LEU O 20 17.04 -48.06 11.18
N PRO O 21 16.61 -49.21 10.55
CA PRO O 21 15.17 -49.46 10.46
C PRO O 21 14.53 -49.82 11.80
N SER O 22 15.34 -50.31 12.74
CA SER O 22 14.82 -50.54 14.09
C SER O 22 14.64 -49.23 14.84
N TRP O 23 15.38 -48.18 14.44
CA TRP O 23 15.29 -46.91 15.14
C TRP O 23 14.00 -46.18 14.83
N ILE O 24 13.65 -46.10 13.54
CA ILE O 24 12.43 -45.41 13.11
C ILE O 24 11.20 -46.12 13.66
N LEU O 25 11.24 -47.45 13.69
CA LEU O 25 10.15 -48.22 14.28
C LEU O 25 10.09 -48.03 15.80
N MET O 26 11.22 -47.69 16.42
CA MET O 26 11.22 -47.44 17.85
C MET O 26 10.64 -46.06 18.14
N ARG O 27 10.92 -45.09 17.28
CA ARG O 27 10.39 -43.73 17.44
C ARG O 27 8.87 -43.71 17.29
N ASP O 28 8.19 -43.16 18.30
CA ASP O 28 6.74 -43.06 18.26
C ASP O 28 6.27 -42.08 17.19
N PHE O 29 5.08 -42.32 16.66
CA PHE O 29 4.48 -41.41 15.69
C PHE O 29 3.10 -40.93 16.12
N THR O 30 2.80 -40.98 17.41
CA THR O 30 1.66 -40.32 18.03
C THR O 30 1.74 -38.82 17.77
N PRO O 31 0.60 -38.12 17.67
CA PRO O 31 0.65 -36.66 17.42
C PRO O 31 1.34 -35.86 18.52
N SER O 32 1.30 -36.35 19.76
CA SER O 32 2.06 -35.73 20.84
C SER O 32 3.56 -35.92 20.59
N GLY O 33 3.93 -37.06 20.01
CA GLY O 33 5.32 -37.30 19.70
C GLY O 33 5.80 -36.48 18.53
N ILE O 34 4.90 -36.26 17.56
CA ILE O 34 5.26 -35.44 16.40
C ILE O 34 5.40 -33.98 16.82
N ALA O 35 4.49 -33.51 17.67
CA ALA O 35 4.62 -32.15 18.20
C ALA O 35 5.86 -32.01 19.08
N GLY O 36 6.21 -33.07 19.80
CA GLY O 36 7.45 -33.06 20.57
C GLY O 36 8.68 -33.00 19.70
N ALA O 37 8.66 -33.69 18.57
CA ALA O 37 9.79 -33.65 17.63
C ALA O 37 9.94 -32.28 17.01
N PHE O 38 8.83 -31.69 16.56
CA PHE O 38 8.89 -30.34 16.01
C PHE O 38 9.27 -29.30 17.06
N GLN O 39 8.85 -29.50 18.31
CA GLN O 39 9.18 -28.50 19.33
C GLN O 39 10.63 -28.61 19.76
N ARG O 40 11.17 -29.83 19.83
CA ARG O 40 12.60 -29.97 20.12
C ARG O 40 13.46 -29.44 18.99
N GLY O 41 13.02 -29.62 17.75
CA GLY O 41 13.75 -29.01 16.63
C GLY O 41 13.70 -27.50 16.65
N TYR O 42 12.52 -26.94 16.97
CA TYR O 42 12.37 -25.50 17.11
C TYR O 42 13.27 -24.94 18.21
N TYR O 43 13.27 -25.56 19.38
CA TYR O 43 14.10 -25.07 20.48
C TYR O 43 15.59 -25.25 20.18
N ARG O 44 15.98 -26.30 19.47
CA ARG O 44 17.40 -26.47 19.19
C ARG O 44 17.90 -25.46 18.16
N TYR O 45 17.10 -25.19 17.13
CA TYR O 45 17.46 -24.13 16.18
C TYR O 45 17.43 -22.76 16.84
N TYR O 46 16.38 -22.46 17.59
CA TYR O 46 16.22 -21.16 18.20
C TYR O 46 17.23 -20.89 19.31
N ASN O 47 17.75 -21.94 19.95
CA ASN O 47 18.81 -21.75 20.92
C ASN O 47 20.18 -21.69 20.27
N LYS O 48 20.36 -22.30 19.09
CA LYS O 48 21.70 -22.22 18.53
C LYS O 48 21.94 -20.93 17.78
N TYR O 49 20.96 -20.45 17.01
CA TYR O 49 21.20 -19.35 16.08
C TYR O 49 20.48 -18.05 16.41
N VAL O 50 19.61 -18.01 17.42
CA VAL O 50 18.83 -16.83 17.75
C VAL O 50 19.07 -16.39 19.19
N ASN O 51 18.89 -17.30 20.15
CA ASN O 51 18.89 -16.96 21.56
C ASN O 51 20.33 -16.86 22.07
N VAL O 52 21.03 -15.82 21.59
CA VAL O 52 22.38 -15.51 22.00
C VAL O 52 22.49 -14.00 22.21
N LYS O 53 23.35 -13.59 23.15
CA LYS O 53 23.46 -12.16 23.47
C LYS O 53 24.08 -11.36 22.33
N LYS O 54 24.97 -11.96 21.54
CA LYS O 54 25.54 -11.19 20.44
C LYS O 54 24.63 -11.20 19.23
N GLY O 55 23.91 -12.29 18.99
CA GLY O 55 22.93 -12.30 17.93
C GLY O 55 23.50 -12.38 16.53
N SER O 56 22.65 -12.69 15.56
CA SER O 56 23.04 -12.73 14.16
C SER O 56 21.78 -12.61 13.32
N ILE O 57 21.96 -12.14 12.08
CA ILE O 57 20.84 -12.09 11.15
C ILE O 57 20.49 -13.47 10.65
N ALA O 58 21.42 -14.42 10.75
CA ALA O 58 21.27 -15.72 10.10
C ALA O 58 20.19 -16.58 10.72
N GLY O 59 19.71 -16.27 11.92
CA GLY O 59 18.55 -16.94 12.46
C GLY O 59 17.33 -16.65 11.61
N LEU O 60 17.00 -15.36 11.52
CA LEU O 60 15.90 -14.90 10.68
C LEU O 60 16.16 -15.19 9.21
N SER O 61 17.42 -15.13 8.78
CA SER O 61 17.73 -15.35 7.37
C SER O 61 17.52 -16.79 6.96
N MET O 62 17.91 -17.74 7.82
CA MET O 62 17.67 -19.15 7.51
C MET O 62 16.19 -19.49 7.58
N VAL O 63 15.46 -18.88 8.52
CA VAL O 63 14.01 -19.09 8.59
C VAL O 63 13.34 -18.61 7.30
N LEU O 64 13.69 -17.43 6.83
CA LEU O 64 13.04 -16.91 5.63
C LEU O 64 13.49 -17.63 4.37
N ALA O 65 14.72 -18.15 4.35
CA ALA O 65 15.15 -18.97 3.21
C ALA O 65 14.38 -20.28 3.16
N ALA O 66 14.12 -20.90 4.32
CA ALA O 66 13.29 -22.10 4.34
C ALA O 66 11.85 -21.80 3.93
N TYR O 67 11.34 -20.63 4.31
CA TYR O 67 9.98 -20.25 3.91
C TYR O 67 9.87 -20.06 2.41
N VAL O 68 10.84 -19.37 1.80
CA VAL O 68 10.87 -19.20 0.34
C VAL O 68 11.02 -20.55 -0.35
N PHE O 69 11.80 -21.46 0.23
CA PHE O 69 11.97 -22.78 -0.39
C PHE O 69 10.69 -23.60 -0.36
N LEU O 70 9.96 -23.60 0.76
CA LEU O 70 8.72 -24.38 0.84
C LEU O 70 7.63 -23.81 -0.06
N ASN O 71 7.49 -22.48 -0.08
CA ASN O 71 6.50 -21.92 -0.98
C ASN O 71 6.93 -22.01 -2.44
N TYR O 72 8.23 -22.13 -2.71
CA TYR O 72 8.62 -22.42 -4.07
C TYR O 72 8.34 -23.86 -4.43
N CYS O 73 8.32 -24.78 -3.45
CA CYS O 73 7.90 -26.14 -3.77
C CYS O 73 6.44 -26.20 -4.24
N ARG O 74 5.54 -25.55 -3.49
CA ARG O 74 4.14 -25.57 -3.93
C ARG O 74 3.94 -24.74 -5.21
N SER O 75 4.71 -23.66 -5.37
CA SER O 75 4.62 -22.92 -6.62
C SER O 75 5.21 -23.71 -7.78
N TYR O 76 6.19 -24.58 -7.53
CA TYR O 76 6.69 -25.43 -8.60
C TYR O 76 5.65 -26.44 -9.03
N LYS O 77 4.79 -26.85 -8.10
CA LYS O 77 3.59 -27.57 -8.51
C LYS O 77 2.72 -26.70 -9.43
N GLU O 78 2.69 -25.39 -9.20
CA GLU O 78 1.92 -24.53 -10.11
C GLU O 78 2.74 -23.92 -11.26
N LEU O 79 4.07 -23.82 -11.18
CA LEU O 79 4.86 -23.08 -12.17
C LEU O 79 5.47 -23.97 -13.24
N LYS O 80 5.08 -25.23 -13.32
CA LYS O 80 5.55 -26.11 -14.39
C LYS O 80 5.16 -25.58 -15.76
N HIS O 81 3.97 -24.97 -15.84
CA HIS O 81 3.51 -24.43 -17.12
C HIS O 81 3.95 -22.98 -17.31
N GLU O 82 5.22 -22.69 -17.03
CA GLU O 82 5.84 -21.47 -17.49
C GLU O 82 7.28 -21.83 -17.80
N ARG O 83 7.52 -23.13 -17.95
CA ARG O 83 8.87 -23.63 -18.23
C ARG O 83 9.31 -23.16 -19.61
N LEU O 84 10.57 -22.75 -19.71
CA LEU O 84 11.01 -21.91 -20.82
C LEU O 84 11.07 -22.70 -22.12
N ARG O 85 11.62 -23.91 -22.08
CA ARG O 85 11.69 -24.77 -23.26
C ARG O 85 11.10 -26.13 -22.96
N LYS O 86 10.51 -26.76 -23.97
CA LYS O 86 9.85 -28.05 -23.80
C LYS O 86 10.89 -29.15 -23.58
N TYR O 87 11.76 -29.36 -24.56
CA TYR O 87 12.80 -30.37 -24.43
C TYR O 87 13.96 -29.83 -23.59
N HIS O 88 13.83 -29.91 -22.27
CA HIS O 88 14.84 -29.35 -21.40
C HIS O 88 16.07 -30.24 -21.30
N ALA P 19 37.29 -3.21 -12.53
CA ALA P 19 37.27 -3.94 -11.26
C ALA P 19 38.39 -4.98 -11.24
N VAL P 20 39.47 -4.68 -11.96
CA VAL P 20 40.61 -5.60 -12.04
C VAL P 20 41.34 -5.65 -10.71
N THR P 21 41.31 -4.54 -9.96
CA THR P 21 42.07 -4.45 -8.71
C THR P 21 41.50 -5.33 -7.62
N TYR P 22 40.23 -5.72 -7.73
CA TYR P 22 39.68 -6.72 -6.82
C TYR P 22 39.66 -8.11 -7.43
N SER P 23 39.46 -8.19 -8.75
CA SER P 23 39.37 -9.48 -9.41
C SER P 23 40.72 -10.14 -9.63
N LYS P 24 41.83 -9.44 -9.42
CA LYS P 24 43.13 -10.07 -9.48
C LYS P 24 43.52 -10.81 -8.19
N PRO P 25 43.35 -10.25 -6.96
CA PRO P 25 43.68 -11.08 -5.79
C PRO P 25 42.66 -12.15 -5.49
N ARG P 26 41.38 -11.89 -5.80
CA ARG P 26 40.32 -12.86 -5.54
C ARG P 26 40.49 -14.10 -6.42
N LEU P 27 40.99 -13.93 -7.64
CA LEU P 27 41.23 -15.07 -8.51
C LEU P 27 42.42 -15.89 -8.02
N ALA P 28 43.41 -15.24 -7.41
CA ALA P 28 44.62 -15.93 -6.99
C ALA P 28 44.37 -16.82 -5.79
N THR P 29 43.47 -16.40 -4.89
CA THR P 29 43.12 -17.25 -3.76
C THR P 29 42.34 -18.47 -4.23
N PHE P 30 41.47 -18.29 -5.23
CA PHE P 30 40.79 -19.45 -5.81
C PHE P 30 41.74 -20.32 -6.60
N TRP P 31 42.78 -19.72 -7.21
CA TRP P 31 43.66 -20.49 -8.08
C TRP P 31 44.51 -21.46 -7.27
N TYR P 32 44.80 -21.12 -6.01
CA TYR P 32 45.56 -22.00 -5.14
C TYR P 32 44.82 -23.29 -4.84
N TYR P 33 43.64 -23.18 -4.24
CA TYR P 33 42.83 -24.36 -3.94
C TYR P 33 42.36 -25.06 -5.20
N ALA P 34 42.20 -24.31 -6.29
CA ALA P 34 41.79 -24.92 -7.56
C ALA P 34 42.91 -25.76 -8.15
N LYS P 35 44.15 -25.31 -7.98
CA LYS P 35 45.30 -26.07 -8.44
C LYS P 35 45.46 -27.35 -7.62
N VAL P 36 45.30 -27.25 -6.30
CA VAL P 36 45.60 -28.43 -5.48
C VAL P 36 44.40 -29.33 -5.25
N GLU P 37 43.23 -29.02 -5.82
CA GLU P 37 42.07 -29.90 -5.61
C GLU P 37 41.31 -30.25 -6.88
N LEU P 38 41.37 -29.40 -7.91
CA LEU P 38 40.53 -29.59 -9.08
C LEU P 38 41.35 -29.80 -10.34
N VAL P 39 42.37 -30.65 -10.26
CA VAL P 39 43.26 -30.86 -11.40
C VAL P 39 42.93 -32.22 -12.02
N PRO P 40 43.04 -32.38 -13.33
CA PRO P 40 43.00 -33.71 -13.92
C PRO P 40 44.20 -34.54 -13.47
N PRO P 41 43.96 -35.69 -12.85
CA PRO P 41 45.07 -36.46 -12.26
C PRO P 41 45.96 -37.09 -13.31
N THR P 42 47.26 -37.10 -13.03
CA THR P 42 48.19 -37.87 -13.84
C THR P 42 47.92 -39.37 -13.61
N PRO P 43 48.23 -40.22 -14.60
CA PRO P 43 47.93 -41.66 -14.47
C PRO P 43 48.73 -42.42 -13.39
N ALA P 44 49.54 -41.77 -12.57
CA ALA P 44 50.19 -42.44 -11.44
C ALA P 44 49.30 -42.49 -10.20
N GLU P 45 48.01 -42.21 -10.32
CA GLU P 45 47.06 -42.43 -9.24
C GLU P 45 45.79 -43.13 -9.69
N ILE P 46 45.68 -43.47 -10.96
CA ILE P 46 44.53 -44.22 -11.46
C ILE P 46 44.54 -45.67 -10.95
N PRO P 47 45.69 -46.38 -10.81
CA PRO P 47 45.65 -47.62 -10.03
C PRO P 47 45.20 -47.45 -8.58
N THR P 48 45.57 -46.34 -7.94
CA THR P 48 45.08 -46.05 -6.59
C THR P 48 43.56 -45.87 -6.59
N ALA P 49 43.04 -45.17 -7.61
CA ALA P 49 41.61 -44.93 -7.70
C ALA P 49 40.83 -46.22 -7.94
N ILE P 50 41.33 -47.08 -8.83
CA ILE P 50 40.58 -48.31 -9.10
C ILE P 50 40.73 -49.28 -7.93
N GLN P 51 41.82 -49.18 -7.17
CA GLN P 51 41.95 -50.01 -5.98
C GLN P 51 40.98 -49.55 -4.89
N SER P 52 40.80 -48.24 -4.75
CA SER P 52 39.83 -47.73 -3.78
C SER P 52 38.39 -48.06 -4.20
N LEU P 53 38.11 -48.01 -5.50
CA LEU P 53 36.81 -48.40 -5.99
C LEU P 53 36.56 -49.89 -5.80
N LYS P 54 37.61 -50.70 -5.96
CA LYS P 54 37.51 -52.12 -5.71
C LYS P 54 37.23 -52.39 -4.24
N LYS P 55 37.85 -51.59 -3.36
CA LYS P 55 37.58 -51.70 -1.92
C LYS P 55 36.14 -51.35 -1.61
N ILE P 56 35.60 -50.31 -2.24
CA ILE P 56 34.25 -49.90 -1.87
C ILE P 56 33.21 -50.86 -2.45
N ILE P 57 33.53 -51.49 -3.60
CA ILE P 57 32.61 -52.48 -4.16
C ILE P 57 32.60 -53.75 -3.32
N ASN P 58 33.77 -54.29 -2.97
CA ASN P 58 33.73 -55.53 -2.20
C ASN P 58 33.44 -55.28 -0.72
N SER P 59 33.45 -54.01 -0.29
CA SER P 59 32.87 -53.69 1.02
C SER P 59 31.35 -53.65 0.93
N ALA P 60 30.82 -53.25 -0.24
CA ALA P 60 29.38 -53.31 -0.41
C ALA P 60 28.88 -54.74 -0.49
N LYS P 61 29.60 -55.62 -1.19
CA LYS P 61 29.11 -56.97 -1.46
C LYS P 61 29.64 -58.03 -0.50
N THR P 62 30.95 -58.07 -0.27
CA THR P 62 31.51 -59.11 0.59
C THR P 62 31.54 -58.67 2.04
N GLY P 63 31.88 -57.40 2.27
CA GLY P 63 31.76 -56.80 3.57
C GLY P 63 30.34 -56.34 3.84
N SER P 64 30.21 -55.46 4.82
CA SER P 64 28.94 -54.81 5.13
C SER P 64 29.04 -53.35 4.71
N PHE P 65 27.97 -52.85 4.09
CA PHE P 65 27.87 -51.43 3.75
C PHE P 65 27.13 -50.70 4.86
N LYS P 66 26.99 -51.41 5.97
CA LYS P 66 26.41 -50.90 7.18
C LYS P 66 27.56 -50.79 8.17
N GLN P 67 27.21 -50.56 9.44
CA GLN P 67 28.10 -50.20 10.54
C GLN P 67 28.80 -48.89 10.22
N LEU P 68 28.12 -47.98 9.51
CA LEU P 68 28.56 -46.61 9.33
C LEU P 68 27.58 -45.71 10.06
N THR P 69 28.09 -44.66 10.69
CA THR P 69 27.23 -43.59 11.17
C THR P 69 26.59 -42.89 9.98
N VAL P 70 25.40 -42.33 10.18
CA VAL P 70 24.70 -41.69 9.08
C VAL P 70 25.33 -40.34 8.80
N LYS P 71 26.17 -39.84 9.71
CA LYS P 71 26.98 -38.67 9.41
C LYS P 71 27.96 -38.98 8.28
N GLU P 72 28.65 -40.12 8.38
CA GLU P 72 29.52 -40.55 7.30
C GLU P 72 28.74 -40.95 6.05
N ALA P 73 27.53 -41.52 6.24
CA ALA P 73 26.71 -41.86 5.09
C ALA P 73 26.24 -40.63 4.33
N LEU P 74 25.82 -39.58 5.06
CA LEU P 74 25.44 -38.32 4.44
C LEU P 74 26.64 -37.62 3.80
N LEU P 75 27.83 -37.78 4.38
CA LEU P 75 29.02 -37.20 3.76
C LEU P 75 29.35 -37.88 2.43
N ASN P 76 29.26 -39.22 2.38
CA ASN P 76 29.45 -39.91 1.11
C ASN P 76 28.33 -39.61 0.12
N GLY P 77 27.12 -39.35 0.62
CA GLY P 77 26.03 -38.96 -0.25
C GLY P 77 26.23 -37.60 -0.87
N LEU P 78 26.76 -36.66 -0.09
CA LEU P 78 27.04 -35.34 -0.66
C LEU P 78 28.23 -35.38 -1.61
N VAL P 79 29.17 -36.30 -1.38
CA VAL P 79 30.23 -36.53 -2.35
C VAL P 79 29.67 -37.03 -3.68
N ALA P 80 28.76 -38.01 -3.60
CA ALA P 80 28.14 -38.54 -4.81
C ALA P 80 27.29 -37.49 -5.52
N THR P 81 26.62 -36.63 -4.75
CA THR P 81 25.84 -35.56 -5.35
C THR P 81 26.74 -34.53 -6.02
N GLU P 82 27.92 -34.27 -5.45
CA GLU P 82 28.85 -33.34 -6.07
C GLU P 82 29.38 -33.89 -7.39
N VAL P 83 29.66 -35.19 -7.45
CA VAL P 83 30.10 -35.81 -8.69
C VAL P 83 28.98 -35.79 -9.73
N TRP P 84 27.74 -36.00 -9.29
CA TRP P 84 26.60 -36.03 -10.20
C TRP P 84 26.30 -34.64 -10.77
N MET P 85 26.46 -33.59 -9.96
CA MET P 85 26.27 -32.27 -10.53
C MET P 85 27.45 -31.85 -11.38
N TRP P 86 28.63 -32.42 -11.14
CA TRP P 86 29.76 -32.19 -12.05
C TRP P 86 29.50 -32.85 -13.40
N PHE P 87 28.80 -33.99 -13.40
CA PHE P 87 28.23 -34.54 -14.65
C PHE P 87 27.30 -33.57 -15.33
N TYR P 88 26.42 -32.90 -14.56
CA TYR P 88 25.54 -31.95 -15.24
C TYR P 88 26.25 -30.70 -15.74
N VAL P 89 27.41 -30.36 -15.16
CA VAL P 89 28.25 -29.33 -15.77
C VAL P 89 28.83 -29.82 -17.09
N GLY P 90 29.19 -31.11 -17.15
CA GLY P 90 29.57 -31.69 -18.43
C GLY P 90 28.45 -31.65 -19.45
N GLU P 91 27.22 -31.85 -19.00
CA GLU P 91 26.09 -31.75 -19.92
C GLU P 91 25.85 -30.30 -20.33
N ILE P 92 26.18 -29.33 -19.47
CA ILE P 92 26.01 -27.93 -19.88
C ILE P 92 27.03 -27.57 -20.96
N ILE P 93 28.23 -28.16 -20.90
CA ILE P 93 29.21 -27.96 -21.96
C ILE P 93 28.74 -28.65 -23.23
N GLY P 94 28.10 -29.81 -23.10
CA GLY P 94 27.61 -30.52 -24.28
C GLY P 94 26.46 -29.82 -24.97
N LYS P 95 25.51 -29.31 -24.20
CA LYS P 95 24.30 -28.71 -24.77
C LYS P 95 24.49 -27.25 -25.14
N ARG P 96 25.54 -26.58 -24.66
CA ARG P 96 25.92 -25.22 -25.06
C ARG P 96 24.82 -24.21 -24.77
N GLY P 97 24.54 -24.01 -23.48
CA GLY P 97 23.54 -23.05 -23.07
C GLY P 97 22.96 -23.40 -21.72
N ILE P 98 22.84 -22.41 -20.85
CA ILE P 98 22.61 -22.67 -19.42
C ILE P 98 21.19 -23.16 -19.18
N ILE P 99 20.24 -22.79 -20.04
CA ILE P 99 18.84 -23.10 -19.82
C ILE P 99 18.27 -23.81 -21.05
N GLY P 100 18.00 -25.11 -20.90
CA GLY P 100 17.31 -25.87 -21.92
C GLY P 100 18.06 -26.15 -23.20
N TYR P 101 17.60 -27.14 -23.96
CA TYR P 101 18.20 -27.44 -25.26
C TYR P 101 17.87 -26.34 -26.26
N ASP P 102 18.89 -25.65 -26.77
CA ASP P 102 18.67 -24.55 -27.70
C ASP P 102 18.28 -25.05 -29.08
N VAL P 103 17.07 -25.59 -29.20
CA VAL P 103 16.56 -26.05 -30.48
C VAL P 103 15.48 -25.10 -30.94
N VAL Q 2 43.40 -21.30 5.59
CA VAL Q 2 43.25 -22.71 5.92
C VAL Q 2 44.02 -23.56 4.93
N PRO Q 3 44.57 -24.70 5.39
CA PRO Q 3 45.26 -25.59 4.49
C PRO Q 3 44.27 -26.38 3.64
N PRO Q 4 44.61 -26.66 2.39
CA PRO Q 4 43.75 -27.51 1.57
C PRO Q 4 44.02 -28.99 1.82
N VAL Q 5 43.02 -29.80 1.51
CA VAL Q 5 43.15 -31.23 1.62
C VAL Q 5 43.54 -31.73 0.23
N GLN Q 6 44.15 -32.91 0.19
CA GLN Q 6 44.33 -33.64 -1.06
C GLN Q 6 43.19 -34.64 -1.15
N VAL Q 7 42.24 -34.36 -2.03
CA VAL Q 7 41.13 -35.27 -2.25
C VAL Q 7 41.61 -36.54 -2.92
N SER Q 8 40.77 -37.58 -2.84
CA SER Q 8 41.15 -38.90 -3.29
C SER Q 8 41.33 -38.92 -4.81
N PRO Q 9 42.16 -39.83 -5.33
CA PRO Q 9 42.15 -40.07 -6.77
C PRO Q 9 40.85 -40.66 -7.27
N LEU Q 10 40.11 -41.38 -6.40
CA LEU Q 10 38.83 -41.95 -6.78
C LEU Q 10 37.81 -40.86 -7.09
N ILE Q 11 37.72 -39.84 -6.23
CA ILE Q 11 36.72 -38.81 -6.43
C ILE Q 11 37.08 -37.91 -7.60
N LYS Q 12 38.38 -37.70 -7.85
CA LYS Q 12 38.79 -36.89 -9.00
C LYS Q 12 38.54 -37.64 -10.30
N LEU Q 13 38.88 -38.93 -10.33
CA LEU Q 13 38.63 -39.73 -11.54
C LEU Q 13 37.14 -39.90 -11.78
N GLY Q 14 36.35 -40.07 -10.72
CA GLY Q 14 34.91 -40.18 -10.88
C GLY Q 14 34.28 -38.91 -11.37
N ARG Q 15 34.71 -37.77 -10.85
CA ARG Q 15 34.11 -36.52 -11.31
C ARG Q 15 34.54 -36.18 -12.73
N TYR Q 16 35.78 -36.48 -13.13
CA TYR Q 16 36.13 -36.18 -14.51
C TYR Q 16 35.62 -37.22 -15.51
N SER Q 17 35.38 -38.46 -15.07
CA SER Q 17 34.65 -39.40 -15.90
C SER Q 17 33.22 -38.94 -16.11
N ALA Q 18 32.59 -38.44 -15.04
CA ALA Q 18 31.26 -37.87 -15.17
C ALA Q 18 31.25 -36.62 -16.05
N LEU Q 19 32.33 -35.86 -16.04
CA LEU Q 19 32.41 -34.65 -16.85
C LEU Q 19 32.52 -35.00 -18.34
N PHE Q 20 33.38 -35.96 -18.69
CA PHE Q 20 33.52 -36.32 -20.09
C PHE Q 20 32.28 -37.06 -20.61
N LEU Q 21 31.66 -37.89 -19.76
CA LEU Q 21 30.41 -38.52 -20.14
C LEU Q 21 29.30 -37.50 -20.27
N GLY Q 22 29.37 -36.41 -19.49
CA GLY Q 22 28.41 -35.34 -19.65
C GLY Q 22 28.59 -34.59 -20.96
N MET Q 23 29.83 -34.35 -21.37
CA MET Q 23 30.08 -33.70 -22.65
C MET Q 23 29.57 -34.56 -23.80
N ALA Q 24 29.84 -35.87 -23.73
CA ALA Q 24 29.41 -36.77 -24.80
C ALA Q 24 27.89 -36.92 -24.83
N TYR Q 25 27.26 -36.99 -23.66
CA TYR Q 25 25.80 -37.15 -23.61
C TYR Q 25 25.09 -35.88 -24.05
N GLY Q 26 25.63 -34.71 -23.69
CA GLY Q 26 25.06 -33.46 -24.16
C GLY Q 26 25.18 -33.30 -25.66
N ALA Q 27 26.34 -33.64 -26.22
CA ALA Q 27 26.52 -33.54 -27.66
C ALA Q 27 25.65 -34.54 -28.42
N LYS Q 28 25.56 -35.77 -27.91
CA LYS Q 28 24.74 -36.79 -28.56
C LYS Q 28 23.27 -36.41 -28.54
N ARG Q 29 22.74 -35.99 -27.39
CA ARG Q 29 21.33 -35.69 -27.33
C ARG Q 29 20.99 -34.38 -28.04
N TYR Q 30 21.93 -33.43 -28.11
CA TYR Q 30 21.65 -32.23 -28.89
C TYR Q 30 21.61 -32.54 -30.39
N ASN Q 31 22.58 -33.31 -30.90
CA ASN Q 31 22.57 -33.66 -32.32
C ASN Q 31 21.48 -34.66 -32.66
N TYR Q 32 20.94 -35.38 -31.68
CA TYR Q 32 19.80 -36.25 -31.93
C TYR Q 32 18.48 -35.50 -31.83
N LEU Q 33 18.43 -34.44 -31.02
CA LEU Q 33 17.17 -33.78 -30.73
C LEU Q 33 16.91 -32.58 -31.64
N LYS Q 34 17.95 -32.03 -32.29
CA LYS Q 34 17.75 -30.85 -33.12
C LYS Q 34 16.85 -31.07 -34.34
N PRO Q 35 17.01 -32.12 -35.19
CA PRO Q 35 16.08 -32.23 -36.33
C PRO Q 35 14.67 -32.63 -35.94
N ARG Q 36 14.51 -33.36 -34.83
CA ARG Q 36 13.17 -33.71 -34.37
C ARG Q 36 12.37 -32.47 -33.99
N ALA Q 37 12.96 -31.57 -33.20
CA ALA Q 37 12.26 -30.35 -32.82
C ALA Q 37 12.13 -29.39 -34.00
N GLU Q 38 13.07 -29.43 -34.95
CA GLU Q 38 12.96 -28.61 -36.16
C GLU Q 38 11.75 -29.02 -37.00
N GLU Q 39 11.61 -30.32 -37.27
CA GLU Q 39 10.45 -30.78 -38.01
C GLU Q 39 9.17 -30.68 -37.20
N GLU Q 40 9.27 -30.70 -35.87
CA GLU Q 40 8.08 -30.54 -35.05
C GLU Q 40 7.55 -29.11 -35.11
N ARG Q 41 8.44 -28.12 -35.09
CA ARG Q 41 7.95 -26.75 -35.25
C ARG Q 41 7.56 -26.45 -36.69
N ARG Q 42 8.11 -27.18 -37.68
CA ARG Q 42 7.59 -27.08 -39.03
C ARG Q 42 6.15 -27.59 -39.12
N LEU Q 43 5.88 -28.75 -38.50
CA LEU Q 43 4.53 -29.31 -38.48
C LEU Q 43 3.58 -28.40 -37.72
N ALA Q 44 4.08 -27.75 -36.65
CA ALA Q 44 3.27 -26.79 -35.92
C ALA Q 44 2.95 -25.56 -36.76
N ALA Q 45 3.89 -25.11 -37.58
CA ALA Q 45 3.63 -23.97 -38.47
C ALA Q 45 2.62 -24.34 -39.56
N GLU Q 46 2.69 -25.56 -40.07
CA GLU Q 46 1.73 -25.98 -41.09
C GLU Q 46 0.33 -26.14 -40.52
N GLU Q 47 0.23 -26.67 -39.28
CA GLU Q 47 -1.08 -26.74 -38.63
C GLU Q 47 -1.58 -25.34 -38.25
N LYS Q 48 -0.67 -24.40 -38.00
CA LYS Q 48 -1.07 -23.02 -37.77
C LYS Q 48 -1.66 -22.40 -39.04
N LYS Q 49 -1.06 -22.71 -40.20
CA LYS Q 49 -1.61 -22.23 -41.46
C LYS Q 49 -2.97 -22.85 -41.75
N LYS Q 50 -3.15 -24.12 -41.40
CA LYS Q 50 -4.46 -24.76 -41.53
C LYS Q 50 -5.50 -24.09 -40.63
N ARG Q 51 -5.15 -23.85 -39.36
CA ARG Q 51 -6.15 -23.32 -38.45
C ARG Q 51 -6.43 -21.84 -38.72
N ASP Q 52 -5.48 -21.08 -39.26
CA ASP Q 52 -5.86 -19.69 -39.53
C ASP Q 52 -6.51 -19.51 -40.91
N GLU Q 53 -6.34 -20.47 -41.84
CA GLU Q 53 -7.25 -20.48 -42.99
C GLU Q 53 -8.67 -20.84 -42.57
N GLN Q 54 -8.81 -21.78 -41.63
CA GLN Q 54 -10.13 -22.06 -41.06
C GLN Q 54 -10.67 -20.87 -40.30
N LYS Q 55 -9.80 -20.14 -39.59
CA LYS Q 55 -10.21 -18.91 -38.93
C LYS Q 55 -10.61 -17.85 -39.93
N ARG Q 56 -9.98 -17.84 -41.11
CA ARG Q 56 -10.35 -16.90 -42.16
C ARG Q 56 -11.76 -17.19 -42.69
N ILE Q 57 -12.06 -18.47 -42.94
CA ILE Q 57 -13.38 -18.76 -43.52
C ILE Q 57 -14.47 -18.60 -42.46
N GLU Q 58 -14.18 -18.99 -41.20
CA GLU Q 58 -15.14 -18.78 -40.12
C GLU Q 58 -15.30 -17.29 -39.80
N ARG Q 59 -14.25 -16.49 -40.01
CA ARG Q 59 -14.34 -15.06 -39.73
C ARG Q 59 -15.03 -14.30 -40.85
N GLU Q 60 -14.93 -14.79 -42.10
CA GLU Q 60 -15.72 -14.18 -43.17
C GLU Q 60 -17.19 -14.51 -43.02
N LEU Q 61 -17.53 -15.75 -42.62
CA LEU Q 61 -18.91 -16.03 -42.26
C LEU Q 61 -19.34 -15.27 -41.01
N ALA Q 62 -18.41 -15.01 -40.09
CA ALA Q 62 -18.72 -14.21 -38.90
C ALA Q 62 -18.99 -12.76 -39.27
N GLU Q 63 -18.27 -12.22 -40.27
CA GLU Q 63 -18.57 -10.89 -40.78
C GLU Q 63 -19.90 -10.86 -41.52
N ALA Q 64 -20.26 -11.97 -42.17
CA ALA Q 64 -21.58 -12.08 -42.78
C ALA Q 64 -22.69 -12.02 -41.72
N GLN Q 65 -22.53 -12.77 -40.63
CA GLN Q 65 -23.51 -12.64 -39.54
C GLN Q 65 -23.40 -11.32 -38.79
N GLU Q 66 -22.24 -10.65 -38.84
CA GLU Q 66 -22.11 -9.35 -38.19
C GLU Q 66 -22.85 -8.27 -38.98
N ASP Q 67 -22.74 -8.30 -40.30
CA ASP Q 67 -23.53 -7.43 -41.15
C ASP Q 67 -25.01 -7.82 -41.10
N THR Q 68 -25.30 -9.08 -40.78
CA THR Q 68 -26.68 -9.51 -40.57
C THR Q 68 -27.30 -8.84 -39.34
N ILE Q 69 -26.49 -8.50 -38.32
CA ILE Q 69 -27.05 -7.88 -37.11
C ILE Q 69 -27.45 -6.43 -37.41
N LEU Q 70 -26.47 -5.55 -37.59
CA LEU Q 70 -26.60 -4.13 -37.88
C LEU Q 70 -25.20 -3.57 -38.09
N LYS Q 71 -25.15 -2.34 -38.59
CA LYS Q 71 -23.91 -1.56 -38.67
C LYS Q 71 -24.15 -0.10 -38.29
O1 LHG R . -28.79 -11.67 -11.88
C1 LHG R . -28.30 -12.53 -10.85
C2 LHG R . -27.13 -11.85 -10.17
O2 LHG R . -26.75 -10.69 -10.88
C3 LHG R . -25.90 -12.71 -10.07
O3 LHG R . -25.37 -12.25 -8.84
P LHG R . -24.24 -11.10 -8.80
O4 LHG R . -23.23 -11.45 -9.84
O5 LHG R . -25.00 -9.87 -8.50
O6 LHG R . -23.51 -11.62 -7.41
C4 LHG R . -22.16 -11.33 -7.21
C5 LHG R . -22.01 -10.98 -5.71
C6 LHG R . -23.32 -10.58 -5.04
O7 LHG R . -21.51 -12.14 -5.07
C7 LHG R . -20.15 -12.15 -4.96
O9 LHG R . -19.43 -12.61 -5.83
C8 LHG R . -19.76 -11.98 -3.55
C9 LHG R . -19.18 -10.59 -3.34
C10 LHG R . -18.31 -10.58 -2.12
O8 LHG R . -23.00 -10.54 -3.64
C23 LHG R . -23.60 -9.57 -2.89
O10 LHG R . -23.04 -8.51 -2.76
C24 LHG R . -24.72 -9.94 -1.94
C11 LHG R . -18.00 -9.11 -1.99
C12 LHG R . -18.82 -8.54 -0.88
C13 LHG R . -18.24 -7.22 -0.50
C14 LHG R . -19.24 -6.35 0.20
C15 LHG R . -19.43 -6.94 1.58
C16 LHG R . -20.36 -6.06 2.36
C17 LHG R . -20.09 -6.17 3.85
C18 LHG R . -21.02 -5.14 4.45
C19 LHG R . -20.62 -4.67 5.83
C20 LHG R . -21.55 -3.49 6.04
C21 LHG R . -22.08 -3.51 7.43
C22 LHG R . -23.59 -3.50 7.34
C25 LHG R . -24.85 -9.08 -0.70
C26 LHG R . -25.42 -9.78 0.55
C27 LHG R . -24.81 -9.00 1.70
C28 LHG R . -25.33 -7.62 1.91
C29 LHG R . -25.08 -7.30 3.38
C30 LHG R . -26.30 -6.99 4.21
C31 LHG R . -27.28 -8.12 4.44
C32 LHG R . -28.11 -8.05 5.70
C33 LHG R . -29.35 -8.87 5.45
C34 LHG R . -30.53 -8.59 6.37
O1 LHG S . 37.33 -23.15 7.46
C1 LHG S . 37.25 -22.81 6.07
C2 LHG S . 37.74 -21.40 5.88
O2 LHG S . 37.28 -20.57 6.92
C3 LHG S . 37.25 -20.76 4.60
O3 LHG S . 38.48 -20.38 4.06
P LHG S . 39.16 -18.98 4.47
O4 LHG S . 38.07 -18.11 5.01
O5 LHG S . 40.51 -19.35 4.97
O6 LHG S . 39.32 -18.44 2.91
C4 LHG S . 38.52 -17.39 2.44
C5 LHG S . 38.12 -17.80 0.99
C6 LHG S . 38.27 -19.30 0.71
O7 LHG S . 36.75 -17.42 0.73
C7 LHG S . 35.86 -17.49 1.77
O9 LHG S . 35.46 -18.55 2.23
C8 LHG S . 35.07 -16.22 1.79
C9 LHG S . 34.14 -16.19 0.62
C10 LHG S . 34.59 -15.15 -0.38
O8 LHG S . 37.21 -19.57 -0.21
C23 LHG S . 37.54 -19.77 -1.52
O10 LHG S . 38.33 -19.04 -2.07
C24 LHG S . 37.18 -21.08 -2.19
C11 LHG S . 33.49 -15.16 -1.40
C12 LHG S . 33.69 -16.28 -2.37
C13 LHG S . 32.67 -16.11 -3.47
C14 LHG S . 31.99 -17.41 -3.82
C15 LHG S . 31.33 -17.17 -5.16
C16 LHG S . 30.78 -18.47 -5.68
C25 LHG S . 36.56 -20.98 -3.57
C26 LHG S . 35.63 -19.80 -3.81
C27 LHG S . 34.50 -20.43 -4.58
C28 LHG S . 34.76 -20.71 -6.04
C29 LHG S . 34.26 -22.12 -6.29
C30 LHG S . 33.51 -22.33 -7.57
C31 LHG S . 33.92 -23.52 -8.40
C32 LHG S . 33.37 -23.51 -9.83
C33 LHG S . 34.54 -23.72 -10.77
C34 LHG S . 34.70 -25.11 -11.31
C35 LHG S . 35.17 -25.11 -12.75
C36 LHG S . 36.63 -24.71 -12.78
C37 LHG S . 37.42 -25.87 -12.28
C38 LHG S . 38.84 -25.94 -12.80
O1 LHG T . 16.30 -34.90 -13.47
C1 LHG T . 15.36 -35.77 -12.86
C2 LHG T . 14.02 -35.07 -12.79
O2 LHG T . 12.99 -35.92 -13.25
C3 LHG T . 13.92 -33.84 -13.64
O3 LHG T . 12.62 -33.42 -13.31
P LHG T . 11.58 -32.91 -14.44
O4 LHG T . 11.90 -31.49 -14.75
O5 LHG T . 11.35 -34.10 -15.28
O6 LHG T . 10.32 -32.76 -13.39
C4 LHG T . 9.99 -33.84 -12.56
C5 LHG T . 9.71 -33.18 -11.21
C6 LHG T . 8.28 -32.67 -11.12
O7 LHG T . 9.91 -34.18 -10.24
C7 LHG T . 10.74 -33.77 -9.25
O9 LHG T . 10.57 -32.75 -8.62
C8 LHG T . 12.01 -34.53 -9.31
C9 LHG T . 13.17 -33.60 -9.00
C10 LHG T . 13.57 -33.75 -7.54
O8 LHG T . 7.46 -33.85 -11.00
C23 LHG T . 6.46 -33.82 -10.07
O10 LHG T . 6.24 -34.83 -9.44
C24 LHG T . 5.83 -32.51 -9.62
C11 LHG T . 14.85 -32.96 -7.49
C12 LHG T . 14.64 -31.80 -6.57
C13 LHG T . 16.00 -31.33 -6.08
C14 LHG T . 15.84 -30.35 -4.96
C15 LHG T . 17.23 -30.03 -4.47
C16 LHG T . 17.14 -29.53 -3.06
C17 LHG T . 18.36 -28.72 -2.69
C18 LHG T . 17.80 -27.66 -1.77
C19 LHG T . 18.58 -26.37 -1.78
C20 LHG T . 18.16 -25.73 -3.08
C21 LHG T . 19.37 -25.37 -3.89
C22 LHG T . 19.74 -23.95 -3.59
C25 LHG T . 4.93 -32.57 -8.40
C26 LHG T . 5.61 -32.62 -7.04
C27 LHG T . 5.69 -31.17 -6.62
C28 LHG T . 6.62 -30.88 -5.46
C29 LHG T . 8.02 -31.19 -5.99
C30 LHG T . 9.10 -30.18 -5.67
C31 LHG T . 10.27 -30.11 -6.63
C32 LHG T . 11.58 -29.68 -6.01
C33 LHG T . 11.77 -28.21 -6.27
C34 LHG T . 12.80 -27.54 -5.40
C35 LHG T . 14.04 -27.21 -6.19
C36 LHG T . 14.06 -25.72 -6.45
C37 LHG T . 14.24 -25.02 -5.15
C38 LHG T . 14.67 -23.58 -5.26
C1 CDL U . 3.76 -20.32 24.93
O1 CDL U . 3.36 -19.19 25.72
CA2 CDL U . 4.45 -19.84 23.67
OA2 CDL U . 5.77 -19.33 23.98
PA1 CDL U . 7.03 -19.30 23.00
OA3 CDL U . 8.02 -20.33 23.36
OA4 CDL U . 7.58 -17.89 23.02
OA5 CDL U . 6.48 -19.56 21.54
CA3 CDL U . 6.99 -20.47 20.53
CA4 CDL U . 5.90 -21.44 20.15
OA6 CDL U . 6.44 -22.40 19.20
CA5 CDL U . 6.67 -23.65 19.65
OA7 CDL U . 6.51 -23.98 20.79
C11 CDL U . 7.16 -24.55 18.56
C12 CDL U . 6.65 -24.20 17.18
C13 CDL U . 6.04 -25.42 16.49
C14 CDL U . 6.34 -25.48 15.01
C15 CDL U . 7.80 -25.67 14.70
C16 CDL U . 8.15 -25.56 13.24
C17 CDL U . 9.61 -25.87 12.96
C18 CDL U . 10.06 -25.54 11.57
C19 CDL U . 9.72 -24.46 10.88
C20 CDL U . 10.17 -24.11 9.48
C21 CDL U . 9.20 -24.32 8.37
C22 CDL U . 8.82 -25.48 7.84
C23 CDL U . 9.25 -26.85 8.23
C24 CDL U . 8.56 -27.92 7.41
C25 CDL U . 7.04 -27.77 7.38
C26 CDL U . 6.34 -28.63 6.35
C27 CDL U . 4.86 -28.35 6.27
CA6 CDL U . 4.72 -20.76 19.53
OA8 CDL U . 4.60 -21.21 18.16
CA7 CDL U . 3.38 -21.26 17.65
OA9 CDL U . 2.39 -20.94 18.24
C31 CDL U . 3.39 -21.77 16.23
C32 CDL U . 2.12 -22.49 15.82
C33 CDL U . 2.33 -23.40 14.62
C34 CDL U . 2.84 -22.70 13.39
C35 CDL U . 3.37 -23.64 12.32
C36 CDL U . 4.25 -22.98 11.26
C37 CDL U . 4.78 -23.97 10.23
C38 CDL U . 5.86 -23.41 9.35
C39 CDL U . 5.78 -23.16 8.06
C40 CDL U . 4.59 -23.36 7.16
C41 CDL U . 4.87 -22.73 5.83
C42 CDL U . 4.87 -23.34 4.66
C43 CDL U . 4.57 -24.79 4.44
C44 CDL U . 4.60 -25.22 2.97
C45 CDL U . 4.57 -26.72 2.76
C46 CDL U . 4.69 -27.16 1.31
C47 CDL U . 4.85 -28.64 1.15
CB2 CDL U . 4.57 -21.26 25.79
OB2 CDL U . 5.38 -22.08 24.92
PB2 CDL U . 5.31 -23.67 24.78
OB3 CDL U . 6.62 -24.23 24.41
OB4 CDL U . 4.72 -24.19 26.08
OB5 CDL U . 4.23 -23.96 23.64
CB3 CDL U . 2.80 -23.75 23.70
CB4 CDL U . 2.26 -23.53 22.33
OB6 CDL U . 1.86 -22.12 22.22
CB5 CDL U . 0.90 -21.77 21.35
OB7 CDL U . 0.77 -22.26 20.26
C51 CDL U . -0.01 -20.74 21.94
C52 CDL U . -1.44 -21.28 22.04
C53 CDL U . -1.50 -22.73 22.49
C54 CDL U . -2.88 -23.38 22.33
C55 CDL U . -3.52 -23.15 20.98
C56 CDL U . -4.93 -23.71 20.88
C57 CDL U . -5.62 -23.47 19.54
C58 CDL U . -7.02 -23.98 19.50
C59 CDL U . -8.11 -23.27 19.69
C60 CDL U . -8.17 -21.80 19.98
C61 CDL U . -9.52 -21.22 19.68
C62 CDL U . -9.80 -20.32 18.76
C63 CDL U . -11.15 -19.73 18.46
C64 CDL U . -11.24 -18.26 18.87
C65 CDL U . -12.37 -17.96 19.84
C66 CDL U . -12.24 -18.66 21.17
C67 CDL U . -13.43 -18.47 22.08
CB6 CDL U . 3.22 -23.99 21.25
OB8 CDL U . 2.82 -25.35 21.00
CB7 CDL U . 3.58 -26.31 21.52
OB9 CDL U . 4.73 -26.17 21.82
C71 CDL U . 2.78 -27.55 21.76
C72 CDL U . 1.84 -27.37 22.95
C73 CDL U . 0.88 -28.53 23.15
C74 CDL U . -0.06 -28.74 21.97
C75 CDL U . -0.94 -27.54 21.65
C76 CDL U . -1.85 -27.76 20.46
C77 CDL U . -1.11 -28.18 19.20
C78 CDL U . -1.68 -29.44 18.60
C79 CDL U . -2.10 -29.59 17.37
C1 CDL V . 26.11 -8.00 9.97
O1 CDL V . 26.26 -9.30 10.53
CA2 CDL V . 26.04 -8.11 8.47
OA2 CDL V . 27.36 -8.39 7.98
PA1 CDL V . 27.78 -9.30 6.75
OA3 CDL V . 28.72 -10.36 7.17
OA4 CDL V . 28.33 -8.37 5.69
OA5 CDL V . 26.45 -9.92 6.14
CA3 CDL V . 26.04 -9.84 4.75
CA4 CDL V . 25.25 -11.06 4.38
OA6 CDL V . 25.31 -11.17 2.91
CA5 CDL V . 25.73 -12.34 2.39
OA7 CDL V . 25.99 -13.31 3.04
C11 CDL V . 25.78 -12.26 0.89
C12 CDL V . 25.55 -13.61 0.22
C13 CDL V . 24.10 -14.05 0.21
C14 CDL V . 23.31 -13.53 -0.98
C15 CDL V . 21.83 -13.84 -0.92
C16 CDL V . 21.50 -15.32 -0.94
C17 CDL V . 21.42 -15.93 -2.32
C18 CDL V . 20.34 -15.29 -3.16
C19 CDL V . 20.13 -15.49 -4.45
C20 CDL V . 19.05 -14.84 -5.27
C21 CDL V . 18.72 -15.53 -6.56
C22 CDL V . 17.56 -16.09 -6.88
C23 CDL V . 16.36 -16.17 -6.01
C24 CDL V . 15.69 -17.53 -6.02
C25 CDL V . 14.43 -17.62 -5.18
C26 CDL V . 13.85 -19.01 -5.08
C27 CDL V . 14.79 -19.98 -4.41
CA6 CDL V . 23.79 -10.94 4.75
OA8 CDL V . 23.05 -11.47 3.64
CA7 CDL V . 21.97 -12.20 3.89
OA9 CDL V . 21.46 -12.31 4.97
C31 CDL V . 21.51 -12.89 2.64
C32 CDL V . 20.28 -13.78 2.79
C33 CDL V . 19.07 -13.21 2.10
C34 CDL V . 18.63 -11.88 2.67
C35 CDL V . 18.22 -11.96 4.12
C36 CDL V . 17.96 -10.60 4.75
C37 CDL V . 17.64 -10.69 6.23
C38 CDL V . 16.19 -10.84 6.51
C39 CDL V . 15.43 -9.96 7.09
C40 CDL V . 15.84 -8.62 7.62
C41 CDL V . 14.74 -8.08 8.47
C42 CDL V . 14.03 -7.00 8.25
C43 CDL V . 14.21 -6.07 7.09
C44 CDL V . 12.99 -6.02 6.19
C45 CDL V . 11.83 -5.25 6.77
C46 CDL V . 12.10 -3.75 6.83
C47 CDL V . 12.34 -3.16 5.47
CB2 CDL V . 24.92 -7.33 10.59
OB2 CDL V . 23.99 -8.36 10.99
PB2 CDL V . 23.70 -8.84 12.47
OB3 CDL V . 24.49 -10.05 12.78
OB4 CDL V . 23.94 -7.64 13.37
OB5 CDL V . 22.15 -9.08 12.42
CB3 CDL V . 21.21 -9.13 13.51
CB4 CDL V . 20.53 -7.80 13.70
OB6 CDL V . 19.89 -7.35 12.46
CB5 CDL V . 20.57 -6.50 11.67
OB7 CDL V . 21.76 -6.34 11.73
C51 CDL V . 19.66 -5.75 10.75
C52 CDL V . 18.50 -6.58 10.23
C53 CDL V . 17.37 -5.76 9.63
C54 CDL V . 16.65 -4.89 10.64
C55 CDL V . 15.41 -4.22 10.10
C56 CDL V . 14.65 -3.39 11.13
C57 CDL V . 13.28 -2.90 10.65
C58 CDL V . 12.30 -4.01 10.44
C59 CDL V . 11.07 -4.05 10.92
C60 CDL V . 10.07 -5.16 10.74
C61 CDL V . 8.74 -4.71 11.28
C62 CDL V . 7.85 -5.43 11.95
C63 CDL V . 6.55 -4.94 12.47
C64 CDL V . 5.93 -3.87 11.55
C65 CDL V . 5.04 -2.88 12.27
C66 CDL V . 4.73 -1.65 11.43
C67 CDL V . 4.20 -0.50 12.24
CB6 CDL V . 19.46 -7.89 14.76
OB8 CDL V . 18.35 -8.69 14.31
CB7 CDL V . 17.26 -8.03 13.91
OB9 CDL V . 17.21 -6.84 13.79
C71 CDL V . 16.10 -8.94 13.63
C72 CDL V . 14.80 -8.18 13.43
C73 CDL V . 13.63 -9.09 13.13
C74 CDL V . 12.32 -8.40 12.82
C75 CDL V . 11.24 -9.36 12.35
C76 CDL V . 9.95 -8.69 11.91
C77 CDL V . 9.02 -9.61 11.13
C78 CDL V . 9.70 -10.23 9.95
C79 CDL V . 10.02 -9.63 8.82
C80 CDL V . 10.71 -10.26 7.64
C81 CDL V . 10.29 -9.61 6.35
C82 CDL V . 11.01 -9.50 5.25
C83 CDL V . 12.41 -10.00 5.09
C84 CDL V . 12.77 -10.55 3.70
C85 CDL V . 14.00 -11.46 3.73
C86 CDL V . 14.68 -11.81 2.41
C87 CDL V . 15.20 -13.23 2.38
C1 CDL W . 25.33 -31.13 15.08
O1 CDL W . 25.88 -32.42 15.33
CA2 CDL W . 26.01 -30.53 13.88
OA2 CDL W . 27.16 -31.32 13.56
PA1 CDL W . 27.54 -31.88 12.14
OA3 CDL W . 27.31 -33.33 12.06
OA4 CDL W . 28.96 -31.43 11.86
OA5 CDL W . 26.57 -31.08 11.16
CA3 CDL W . 25.53 -31.62 10.33
CA4 CDL W . 25.39 -30.80 9.07
OA6 CDL W . 25.06 -31.61 7.88
CA5 CDL W . 23.85 -32.21 7.71
OA7 CDL W . 23.01 -32.30 8.56
C11 CDL W . 23.73 -32.74 6.33
C12 CDL W . 22.30 -32.67 5.79
C13 CDL W . 22.23 -33.00 4.32
C14 CDL W . 22.88 -31.97 3.42
C15 CDL W . 22.03 -30.73 3.19
C16 CDL W . 20.85 -30.97 2.27
C17 CDL W . 21.21 -31.03 0.78
C18 CDL W . 21.50 -29.69 0.20
C19 CDL W . 22.65 -29.28 -0.29
C20 CDL W . 22.97 -27.93 -0.88
C21 CDL W . 24.15 -27.24 -0.27
C22 CDL W . 24.83 -26.23 -0.76
C23 CDL W . 26.03 -25.58 -0.12
C24 CDL W . 25.79 -24.14 0.33
C25 CDL W . 25.74 -23.13 -0.79
C26 CDL W . 27.08 -22.87 -1.48
C27 CDL W . 26.99 -21.81 -2.57
CA6 CDL W . 24.50 -29.58 9.22
OA8 CDL W . 24.30 -29.00 7.91
CA7 CDL W . 23.56 -27.89 7.85
OA9 CDL W . 23.08 -27.36 8.82
C31 CDL W . 23.41 -27.40 6.45
C32 CDL W . 21.95 -27.20 6.07
C33 CDL W . 21.74 -26.37 4.81
C34 CDL W . 22.38 -26.93 3.56
C35 CDL W . 21.60 -26.68 2.29
C36 CDL W . 21.33 -25.21 1.99
C37 CDL W . 21.58 -24.84 0.52
C38 CDL W . 21.32 -23.41 0.15
C39 CDL W . 21.87 -22.78 -0.88
C40 CDL W . 21.64 -21.36 -1.30
C41 CDL W . 22.89 -20.54 -1.12
C42 CDL W . 23.16 -19.37 -1.66
C43 CDL W . 24.40 -18.56 -1.46
C44 CDL W . 24.75 -17.69 -2.67
C45 CDL W . 26.02 -16.89 -2.48
C46 CDL W . 26.42 -16.04 -3.68
C47 CDL W . 27.70 -15.26 -3.47
CB2 CDL W . 23.84 -31.24 14.89
OB2 CDL W . 23.30 -29.93 14.66
PB2 CDL W . 22.88 -28.95 15.84
OB3 CDL W . 22.36 -29.72 16.97
OB4 CDL W . 24.11 -28.13 16.16
OB5 CDL W . 21.81 -27.98 15.21
CB3 CDL W . 21.54 -27.80 13.80
CB4 CDL W . 20.16 -27.22 13.62
OB6 CDL W . 20.12 -26.04 12.73
CB5 CDL W . 20.37 -26.12 11.40
OB7 CDL W . 20.78 -27.10 10.83
C51 CDL W . 20.07 -24.82 10.73
C52 CDL W . 20.52 -24.76 9.28
C53 CDL W . 19.53 -25.38 8.30
C54 CDL W . 18.62 -24.39 7.59
C55 CDL W . 17.40 -23.99 8.39
C56 CDL W . 16.44 -25.14 8.67
C57 CDL W . 15.42 -24.84 9.76
C58 CDL W . 14.55 -23.68 9.46
C59 CDL W . 13.60 -23.21 10.24
C60 CDL W . 13.19 -23.71 11.60
C61 CDL W . 12.91 -22.55 12.49
C62 CDL W . 11.79 -21.86 12.59
C63 CDL W . 11.56 -20.69 13.50
C64 CDL W . 12.73 -20.39 14.41
C65 CDL W . 12.59 -19.09 15.19
C66 CDL W . 12.66 -17.86 14.32
C67 CDL W . 12.68 -16.59 15.12
CB6 CDL W . 19.09 -28.23 13.26
OB8 CDL W . 17.92 -27.50 12.83
CB7 CDL W . 16.73 -28.00 13.15
OB9 CDL W . 16.57 -29.02 13.75
C71 CDL W . 15.63 -27.11 12.65
C72 CDL W . 14.25 -27.50 13.16
C73 CDL W . 13.48 -28.38 12.20
C74 CDL W . 13.13 -27.69 10.89
C75 CDL W . 12.26 -28.53 9.97
O1 LHG X . 20.69 -35.93 15.17
C1 LHG X . 19.34 -36.32 15.35
C2 LHG X . 18.79 -35.47 16.42
O2 LHG X . 19.83 -35.04 17.27
C3 LHG X . 17.77 -36.15 17.32
O3 LHG X . 16.58 -35.55 16.85
P LHG X . 15.83 -34.34 17.64
O4 LHG X . 14.50 -34.86 18.05
O5 LHG X . 16.89 -33.63 18.39
O6 LHG X . 15.46 -33.47 16.26
C4 LHG X . 15.67 -34.02 14.98
C5 LHG X . 15.35 -32.87 14.00
C6 LHG X . 16.34 -32.83 12.83
O7 LHG X . 14.10 -33.17 13.47
C7 LHG X . 13.10 -32.44 14.01
O9 LHG X . 13.21 -31.82 15.04
C8 LHG X . 11.84 -32.63 13.25
C9 LHG X . 11.86 -31.74 12.04
C10 LHG X . 12.19 -32.54 10.81
O8 LHG X . 17.63 -32.84 13.45
C23 LHG X . 18.61 -33.61 12.87
O10 LHG X . 18.35 -34.25 11.87
C24 LHG X . 20.06 -33.36 13.20
C11 LHG X . 13.54 -31.99 10.45
C12 LHG X . 14.26 -32.96 9.58
C13 LHG X . 14.59 -32.26 8.27
C14 LHG X . 13.47 -32.42 7.28
C15 LHG X . 13.07 -31.02 6.89
C16 LHG X . 11.58 -30.99 6.69
C17 LHG X . 11.20 -29.97 5.62
C18 LHG X . 11.00 -30.82 4.39
C19 LHG X . 11.51 -30.20 3.12
C20 LHG X . 10.82 -31.03 2.06
C21 LHG X . 9.41 -30.57 1.91
C22 LHG X . 9.06 -30.61 0.43
C25 LHG X . 20.97 -33.22 12.01
C26 LHG X . 21.18 -31.79 11.53
C27 LHG X . 20.23 -31.67 10.37
C28 LHG X . 19.77 -30.27 10.06
C29 LHG X . 19.37 -30.29 8.59
C30 LHG X . 17.99 -29.76 8.28
C31 LHG X . 17.89 -28.86 7.07
C32 LHG X . 18.69 -29.29 5.86
C33 LHG X . 17.80 -29.09 4.65
C34 LHG X . 17.58 -27.64 4.24
C35 LHG X . 16.57 -27.54 3.12
C36 LHG X . 15.83 -26.22 3.29
C37 LHG X . 14.84 -26.41 4.39
C38 LHG X . 13.62 -27.20 4.00
O1 LHG Y . 25.11 -17.04 -20.10
C1 LHG Y . 24.20 -16.95 -21.18
C2 LHG Y . 24.04 -18.34 -21.77
O2 LHG Y . 25.29 -18.98 -21.84
C3 LHG Y . 23.45 -18.34 -23.17
O3 LHG Y . 22.12 -18.72 -22.88
P LHG Y . 21.28 -19.74 -23.82
O4 LHG Y . 21.81 -19.61 -25.20
O5 LHG Y . 21.00 -20.91 -22.95
O6 LHG Y . 19.90 -18.81 -23.88
C4 LHG Y . 19.96 -17.44 -24.16
C5 LHG Y . 19.27 -16.80 -22.94
C6 LHG Y . 18.36 -15.62 -23.33
O7 LHG Y . 18.49 -17.82 -22.36
C7 LHG Y . 18.55 -17.90 -21.00
O9 LHG Y . 17.55 -17.83 -20.31
C8 LHG Y . 19.88 -18.35 -20.52
C9 LHG Y . 20.39 -17.38 -19.48
C10 LHG Y . 21.17 -18.11 -18.43
O8 LHG Y . 17.06 -15.95 -22.82
C23 LHG Y . 16.53 -15.19 -21.78
O10 LHG Y . 15.33 -15.20 -21.60
C24 LHG Y . 17.37 -14.18 -21.01
C11 LHG Y . 20.87 -17.27 -17.25
C12 LHG Y . 21.26 -18.01 -16.03
C13 LHG Y . 22.67 -17.62 -15.69
C14 LHG Y . 23.06 -18.14 -14.35
C15 LHG Y . 24.19 -17.26 -13.88
C16 LHG Y . 24.15 -17.25 -12.38
C17 LHG Y . 24.41 -18.64 -11.82
C18 LHG Y . 25.81 -18.54 -11.28
C19 LHG Y . 26.42 -19.87 -10.91
C20 LHG Y . 27.89 -19.54 -10.78
C21 LHG Y . 28.50 -19.36 -12.14
C22 LHG Y . 30.00 -19.42 -11.99
C25 LHG Y . 17.89 -14.63 -19.66
C26 LHG Y . 16.86 -15.06 -18.63
C27 LHG Y . 17.19 -14.18 -17.44
C28 LHG Y . 18.53 -14.41 -16.80
C29 LHG Y . 18.29 -14.29 -15.30
C30 LHG Y . 18.83 -15.40 -14.44
C31 LHG Y . 18.76 -15.18 -12.94
C32 LHG Y . 18.58 -16.45 -12.12
C33 LHG Y . 19.37 -16.23 -10.85
C34 LHG Y . 19.74 -17.49 -10.10
C35 LHG Y . 21.23 -17.70 -10.08
C36 LHG Y . 21.89 -16.60 -9.26
C37 LHG Y . 23.12 -17.21 -8.63
C38 LHG Y . 23.62 -16.48 -7.40
O1 LHG Z . 35.72 -42.46 0.00
C1 LHG Z . 35.30 -43.81 -0.22
C2 LHG Z . 35.25 -44.54 1.10
O2 LHG Z . 35.77 -45.85 0.98
C3 LHG Z . 33.84 -44.70 1.65
O3 LHG Z . 33.94 -45.96 2.30
P LHG Z . 32.78 -46.48 3.28
O4 LHG Z . 33.12 -47.88 3.68
O5 LHG Z . 32.40 -45.28 4.06
O6 LHG Z . 31.64 -46.71 2.09
C4 LHG Z . 30.71 -47.76 2.20
C5 LHG Z . 29.50 -47.31 1.36
C6 LHG Z . 28.94 -45.97 1.83
O7 LHG Z . 29.97 -47.14 0.04
C7 LHG Z . 29.03 -47.39 -0.91
O9 LHG Z . 28.06 -48.08 -0.70
C8 LHG Z . 29.20 -46.45 -2.05
C9 LHG Z . 28.72 -45.06 -1.70
C10 LHG Z . 29.88 -44.16 -1.29
O8 LHG Z . 27.57 -45.96 1.39
C23 LHG Z . 26.76 -44.96 1.82
O10 LHG Z . 26.05 -45.15 2.79
C24 LHG Z . 26.52 -43.74 0.97
C11 LHG Z . 29.64 -42.92 -2.08
C12 LHG Z . 30.91 -42.47 -2.70
C13 LHG Z . 31.21 -43.36 -3.88
C14 LHG Z . 30.09 -43.34 -4.91
C15 LHG Z . 29.90 -44.79 -5.31
C16 LHG Z . 29.05 -44.83 -6.55
C17 LHG Z . 29.85 -44.33 -7.73
C18 LHG Z . 30.66 -45.54 -8.15
C19 LHG Z . 31.02 -45.56 -9.61
C20 LHG Z . 32.40 -44.95 -9.62
C21 LHG Z . 32.44 -43.78 -10.54
C22 LHG Z . 33.79 -43.74 -11.21
C25 LHG Z . 25.47 -43.88 -0.10
C26 LHG Z . 24.65 -42.62 -0.42
C27 LHG Z . 23.46 -42.75 0.49
C28 LHG Z . 22.78 -41.45 0.86
C29 LHG Z . 21.59 -41.84 1.73
C30 LHG Z . 21.49 -41.17 3.09
C31 LHG Z . 21.55 -42.10 4.28
C32 LHG Z . 20.22 -42.72 4.68
C33 LHG Z . 19.38 -41.63 5.31
C34 LHG Z . 18.25 -42.11 6.19
C35 LHG Z . 17.59 -40.97 6.94
C36 LHG Z . 16.25 -41.46 7.45
C37 LHG Z . 15.70 -40.35 8.30
C38 LHG Z . 14.56 -40.77 9.20
C S12 AA . -20.00 -1.42 -33.92
N S12 AA . -19.81 -0.39 -36.18
P S12 AA . -23.66 -2.56 -33.81
OG S12 AA . -22.25 -2.33 -34.54
C2 S12 AA . -23.61 -0.64 -32.01
O2 S12 AA . -24.10 -1.11 -33.28
C3 S12 AA . -22.97 0.71 -32.24
O3 S12 AA . -24.66 -3.10 -34.75
C4 S12 AA . -23.03 1.64 -31.05
O4 S12 AA . -23.39 -3.42 -32.58
C5 S12 AA . -22.14 3.81 -30.62
C6 S12 AA . -21.71 5.09 -31.26
C7 S12 AA . -20.23 5.16 -31.60
C8 S12 AA . -19.83 4.29 -32.79
C9 S12 AA . -19.20 2.96 -32.40
CA S12 AA . -20.68 -0.58 -35.01
CB S12 AA . -22.04 -1.16 -35.36
C10 S12 AA . -17.77 3.09 -31.88
C11 S12 AA . -17.31 1.88 -31.10
O11 S12 AA . -23.58 1.34 -33.36
C12 S12 AA . -18.17 1.55 -29.89
C13 S12 AA . -17.48 1.75 -28.55
C14 S12 AA . -16.92 3.14 -28.32
O51 S12 AA . -22.10 3.57 -29.44
O52 S12 AA . -22.58 2.93 -31.53
O S12 AA . -20.22 -1.27 -32.74
OXT S12 AA . -19.19 -2.30 -34.41
C15 S12 AA . -17.94 4.25 -28.31
C16 S12 AA . -18.78 4.28 -27.05
C17 S12 AA . -17.98 4.55 -25.80
C18 S12 AA . -17.25 5.88 -25.82
C19 S12 AA . -18.19 7.07 -25.82
C20 S12 AA . -18.89 7.30 -24.50
C21 S12 AA . -17.99 7.83 -23.40
C22 S12 AA . -17.42 9.19 -23.72
#